data_2HW5
#
_entry.id   2HW5
#
_cell.length_a   91.554
_cell.length_b   97.344
_cell.length_c   231.796
_cell.angle_alpha   90.00
_cell.angle_beta   90.00
_cell.angle_gamma   90.00
#
_symmetry.space_group_name_H-M   'P 21 21 21'
#
loop_
_entity.id
_entity.type
_entity.pdbx_description
1 polymer 'Enoyl-CoA hydratase'
2 non-polymer 'MAGNESIUM ION'
3 non-polymer 'CROTONYL COENZYME A'
#
_entity_poly.entity_id   1
_entity_poly.type   'polypeptide(L)'
_entity_poly.pdbx_seq_one_letter_code
;MHHHHHHSSGVDLGTENLYFQSMASGANFEYIIAEKRGKNNTVGLIQLNRPKALNALCDGLIDELNQALKIFEEDPAVGA
IVLTGGDKAFAAGADIKEMQNLSFQDCYSSKFLKHWDHLTQVKKPVIAAVNGYAFGGGCELAMMCDIIYAGEKAQFAQPE
ILIGTIPGAGGTQRLTRAVGKSLAMEMVLTGDRISAQDAKQAGLVSKICPVETLVEEAIQCAEKIASNSKIVVAMAKESV
NAAFEMTLTEGSKLEKKLFYSTFATDDRKEGMTAFVEKRKANFKDQ
;
_entity_poly.pdbx_strand_id   A,B,C,D,E,F
#
loop_
_chem_comp.id
_chem_comp.type
_chem_comp.name
_chem_comp.formula
COO non-polymer 'CROTONYL COENZYME A' 'C25 H40 N7 O17 P3 S'
MG non-polymer 'MAGNESIUM ION' 'Mg 2'
#
# COMPACT_ATOMS: atom_id res chain seq x y z
N ALA A 27 9.62 25.22 31.60
CA ALA A 27 8.83 25.77 32.74
C ALA A 27 9.28 25.10 34.06
N ASN A 28 8.41 25.12 35.08
CA ASN A 28 8.70 24.49 36.38
C ASN A 28 8.01 23.12 36.54
N PHE A 29 8.63 22.08 35.96
CA PHE A 29 8.03 20.76 35.88
C PHE A 29 7.92 20.03 37.24
N GLU A 30 6.86 19.24 37.41
CA GLU A 30 6.65 18.45 38.63
C GLU A 30 6.75 16.93 38.42
N TYR A 31 6.62 16.48 37.16
CA TYR A 31 6.69 15.05 36.82
C TYR A 31 7.96 14.66 36.10
N ILE A 32 8.63 15.62 35.46
CA ILE A 32 9.85 15.34 34.71
C ILE A 32 10.99 16.27 35.13
N ILE A 33 12.21 15.89 34.76
CA ILE A 33 13.37 16.76 34.81
C ILE A 33 13.86 16.97 33.38
N ALA A 34 13.94 18.23 32.95
CA ALA A 34 14.44 18.55 31.61
C ALA A 34 15.64 19.46 31.74
N GLU A 35 16.76 19.09 31.11
CA GLU A 35 17.94 19.96 31.07
C GLU A 35 18.88 19.57 29.93
N LYS A 36 19.74 20.49 29.52
CA LYS A 36 20.65 20.22 28.42
C LYS A 36 21.91 19.53 28.94
N ARG A 37 22.40 18.57 28.16
CA ARG A 37 23.58 17.79 28.51
C ARG A 37 24.49 17.60 27.29
N GLY A 38 25.57 16.86 27.50
CA GLY A 38 26.49 16.53 26.41
C GLY A 38 27.47 17.64 26.12
N LYS A 39 28.35 17.36 25.17
CA LYS A 39 29.35 18.30 24.68
C LYS A 39 28.67 19.60 24.25
N ASN A 40 28.98 20.69 24.95
CA ASN A 40 28.43 22.02 24.68
C ASN A 40 26.94 22.13 24.86
N ASN A 41 26.35 21.27 25.70
CA ASN A 41 24.92 21.34 26.01
C ASN A 41 24.01 21.30 24.77
N THR A 42 24.30 20.37 23.86
CA THR A 42 23.59 20.20 22.59
C THR A 42 22.64 18.99 22.57
N VAL A 43 22.56 18.28 23.69
CA VAL A 43 21.60 17.20 23.85
C VAL A 43 20.58 17.65 24.88
N GLY A 44 19.30 17.35 24.62
CA GLY A 44 18.23 17.67 25.55
C GLY A 44 17.83 16.40 26.27
N LEU A 45 17.85 16.41 27.59
CA LEU A 45 17.59 15.18 28.34
C LEU A 45 16.27 15.33 29.02
N ILE A 46 15.35 14.44 28.70
CA ILE A 46 14.10 14.34 29.44
C ILE A 46 14.19 13.12 30.31
N GLN A 47 14.08 13.33 31.61
CA GLN A 47 14.07 12.26 32.57
C GLN A 47 12.69 12.21 33.23
N LEU A 48 11.99 11.10 33.03
CA LEU A 48 10.72 10.86 33.72
C LEU A 48 11.04 10.65 35.20
N ASN A 49 10.41 11.45 36.06
CA ASN A 49 10.83 11.56 37.45
C ASN A 49 9.69 11.33 38.42
N ARG A 50 9.03 10.19 38.27
CA ARG A 50 7.94 9.78 39.13
C ARG A 50 8.23 8.34 39.64
N PRO A 51 9.37 8.16 40.33
CA PRO A 51 9.89 6.82 40.64
C PRO A 51 8.99 5.97 41.51
N LYS A 52 8.26 6.62 42.42
CA LYS A 52 7.41 5.87 43.36
C LYS A 52 6.11 5.37 42.73
N ALA A 53 5.74 5.89 41.56
CA ALA A 53 4.66 5.30 40.75
C ALA A 53 5.22 4.55 39.53
N LEU A 54 6.48 4.16 39.61
CA LEU A 54 7.22 3.56 38.49
C LEU A 54 7.02 4.30 37.16
N ASN A 55 6.98 5.62 37.23
CA ASN A 55 6.85 6.48 36.05
C ASN A 55 5.63 6.16 35.18
N ALA A 56 4.51 5.80 35.82
CA ALA A 56 3.25 5.57 35.14
C ALA A 56 2.86 6.79 34.35
N LEU A 57 2.51 6.59 33.08
CA LEU A 57 2.27 7.70 32.13
C LEU A 57 0.89 8.37 32.26
N CYS A 58 0.66 9.06 33.38
CA CYS A 58 -0.56 9.84 33.57
C CYS A 58 -0.59 11.03 32.62
N ASP A 59 -1.70 11.76 32.60
CA ASP A 59 -1.87 12.92 31.71
C ASP A 59 -0.97 14.09 32.07
N GLY A 60 -0.88 14.40 33.35
CA GLY A 60 0.04 15.43 33.82
C GLY A 60 1.47 15.25 33.34
N LEU A 61 1.92 14.00 33.28
CA LEU A 61 3.29 13.67 32.88
C LEU A 61 3.46 13.76 31.34
N ILE A 62 2.49 13.24 30.59
CA ILE A 62 2.51 13.37 29.13
C ILE A 62 2.40 14.84 28.72
N ASP A 63 1.58 15.61 29.39
CA ASP A 63 1.47 17.03 29.10
C ASP A 63 2.85 17.68 29.19
N GLU A 64 3.53 17.43 30.32
CA GLU A 64 4.84 18.00 30.59
C GLU A 64 5.89 17.50 29.61
N LEU A 65 5.89 16.20 29.36
CA LEU A 65 6.75 15.60 28.35
C LEU A 65 6.65 16.39 27.06
N ASN A 66 5.42 16.66 26.63
CA ASN A 66 5.18 17.30 25.34
C ASN A 66 5.68 18.73 25.34
N GLN A 67 5.48 19.45 26.44
CA GLN A 67 6.02 20.78 26.55
C GLN A 67 7.53 20.75 26.42
N ALA A 68 8.16 19.71 26.95
CA ALA A 68 9.63 19.62 26.98
C ALA A 68 10.18 19.31 25.60
N LEU A 69 9.47 18.45 24.87
CA LEU A 69 9.76 18.20 23.45
C LEU A 69 9.63 19.50 22.64
N LYS A 70 8.50 20.17 22.78
CA LYS A 70 8.33 21.44 22.07
C LYS A 70 9.55 22.37 22.32
N ILE A 71 9.96 22.53 23.57
CA ILE A 71 11.09 23.41 23.92
C ILE A 71 12.43 23.01 23.27
N PHE A 72 12.81 21.73 23.36
CA PHE A 72 14.06 21.26 22.78
C PHE A 72 14.02 21.21 21.27
N GLU A 73 12.83 20.99 20.72
CA GLU A 73 12.60 21.07 19.29
C GLU A 73 12.79 22.52 18.76
N GLU A 74 12.39 23.52 19.54
CA GLU A 74 12.59 24.92 19.15
C GLU A 74 14.00 25.45 19.46
N ASP A 75 14.75 24.77 20.30
CA ASP A 75 16.05 25.29 20.75
C ASP A 75 17.13 25.02 19.69
N PRO A 76 17.71 26.07 19.09
CA PRO A 76 18.69 25.76 18.05
C PRO A 76 20.02 25.22 18.60
N ALA A 77 20.23 25.33 19.92
CA ALA A 77 21.35 24.66 20.57
C ALA A 77 21.20 23.13 20.54
N VAL A 78 19.98 22.61 20.62
CA VAL A 78 19.74 21.17 20.78
C VAL A 78 19.70 20.44 19.44
N GLY A 79 20.47 19.37 19.32
CA GLY A 79 20.49 18.57 18.09
C GLY A 79 19.83 17.20 18.20
N ALA A 80 19.80 16.65 19.41
CA ALA A 80 19.13 15.38 19.66
C ALA A 80 18.54 15.36 21.07
N ILE A 81 17.65 14.40 21.29
CA ILE A 81 16.96 14.30 22.55
C ILE A 81 17.15 12.88 23.09
N VAL A 82 17.41 12.79 24.39
CA VAL A 82 17.43 11.51 25.07
C VAL A 82 16.26 11.52 26.05
N LEU A 83 15.47 10.47 26.00
CA LEU A 83 14.38 10.31 26.95
C LEU A 83 14.70 9.14 27.92
N THR A 84 14.49 9.35 29.23
CA THR A 84 14.72 8.27 30.24
C THR A 84 13.75 8.32 31.42
N GLY A 85 13.76 7.25 32.22
CA GLY A 85 13.21 7.25 33.56
C GLY A 85 14.30 7.11 34.60
N GLY A 86 14.05 6.33 35.65
CA GLY A 86 15.08 6.04 36.65
C GLY A 86 15.67 4.65 36.48
N ASP A 87 16.52 4.25 37.43
CA ASP A 87 17.23 2.98 37.34
C ASP A 87 16.27 1.78 37.47
N LYS A 88 15.17 1.96 38.18
CA LYS A 88 14.23 0.86 38.42
C LYS A 88 13.11 0.80 37.38
N ALA A 89 12.83 1.91 36.70
CA ALA A 89 11.72 1.97 35.76
C ALA A 89 11.85 3.12 34.75
N PHE A 90 11.65 2.79 33.48
CA PHE A 90 11.43 3.76 32.41
C PHE A 90 9.99 4.30 32.52
N ALA A 91 9.01 3.41 32.33
CA ALA A 91 7.59 3.72 32.55
C ALA A 91 6.77 2.43 32.69
N ALA A 92 6.16 2.24 33.87
CA ALA A 92 5.49 0.97 34.21
C ALA A 92 4.21 0.76 33.43
N GLY A 93 3.61 1.84 32.95
CA GLY A 93 2.84 1.81 31.72
C GLY A 93 1.97 3.04 31.55
N ALA A 94 0.67 2.86 31.68
CA ALA A 94 -0.25 3.99 31.84
C ALA A 94 -0.75 4.08 33.28
N ASP A 95 -2.05 4.31 33.44
CA ASP A 95 -2.62 4.68 34.73
C ASP A 95 -4.09 4.29 34.82
N ILE A 96 -4.36 3.09 35.32
CA ILE A 96 -5.66 2.47 35.18
C ILE A 96 -6.75 3.28 35.91
N LYS A 97 -6.37 3.97 36.97
CA LYS A 97 -7.32 4.79 37.76
C LYS A 97 -8.10 5.75 36.86
N GLU A 98 -7.35 6.52 36.07
CA GLU A 98 -7.93 7.41 35.05
C GLU A 98 -8.86 6.64 34.08
N MET A 99 -8.45 5.45 33.65
CA MET A 99 -9.17 4.67 32.64
C MET A 99 -10.36 3.85 33.13
N GLN A 100 -10.47 3.63 34.44
CA GLN A 100 -11.36 2.59 34.95
C GLN A 100 -12.83 2.73 34.53
N ASN A 101 -13.33 3.96 34.42
CA ASN A 101 -14.75 4.21 34.15
C ASN A 101 -15.08 4.70 32.72
N LEU A 102 -14.06 4.83 31.88
CA LEU A 102 -14.27 5.27 30.49
C LEU A 102 -15.23 4.36 29.74
N SER A 103 -16.24 4.97 29.14
CA SER A 103 -17.17 4.30 28.24
C SER A 103 -16.57 4.25 26.83
N PHE A 104 -17.23 3.53 25.93
CA PHE A 104 -16.79 3.46 24.52
C PHE A 104 -16.88 4.82 23.83
N GLN A 105 -18.01 5.50 24.05
CA GLN A 105 -18.29 6.79 23.45
C GLN A 105 -17.25 7.83 23.85
N ASP A 106 -16.79 7.77 25.09
CA ASP A 106 -15.90 8.78 25.64
C ASP A 106 -14.49 8.66 25.09
N CYS A 107 -14.10 7.44 24.75
CA CYS A 107 -12.79 7.22 24.12
C CYS A 107 -12.80 7.77 22.70
N TYR A 108 -13.85 7.48 21.95
CA TYR A 108 -13.96 7.91 20.57
C TYR A 108 -14.15 9.42 20.47
N SER A 109 -15.10 9.96 21.23
CA SER A 109 -15.40 11.41 21.22
C SER A 109 -14.21 12.25 21.67
N SER A 110 -13.57 11.82 22.76
CA SER A 110 -12.44 12.55 23.34
C SER A 110 -11.11 12.28 22.63
N LYS A 111 -11.11 11.46 21.59
CA LYS A 111 -9.88 11.05 20.88
C LYS A 111 -8.79 10.62 21.87
N PHE A 112 -9.05 9.52 22.57
CA PHE A 112 -8.27 9.11 23.75
C PHE A 112 -6.85 8.61 23.43
N LEU A 113 -5.88 9.09 24.22
CA LEU A 113 -4.44 8.86 23.97
C LEU A 113 -3.94 9.54 22.68
N LYS A 114 -4.65 10.57 22.23
CA LYS A 114 -4.22 11.39 21.09
C LYS A 114 -2.92 12.12 21.44
N HIS A 115 -2.93 12.81 22.58
CA HIS A 115 -1.78 13.56 23.11
C HIS A 115 -0.52 12.70 23.31
N TRP A 116 -0.67 11.38 23.36
CA TRP A 116 0.47 10.47 23.51
C TRP A 116 1.30 10.27 22.24
N ASP A 117 0.94 10.95 21.15
CA ASP A 117 1.55 10.68 19.85
C ASP A 117 2.58 11.75 19.44
N HIS A 118 2.68 12.83 20.22
CA HIS A 118 3.50 14.00 19.86
C HIS A 118 4.95 13.66 19.59
N LEU A 119 5.44 12.62 20.26
CA LEU A 119 6.78 12.13 20.06
C LEU A 119 7.03 11.78 18.58
N THR A 120 6.03 11.23 17.89
CA THR A 120 6.19 10.81 16.50
C THR A 120 6.20 11.97 15.52
N GLN A 121 6.07 13.20 16.02
CA GLN A 121 6.08 14.40 15.17
C GLN A 121 7.31 15.32 15.35
N VAL A 122 8.23 14.97 16.28
CA VAL A 122 9.47 15.73 16.40
C VAL A 122 10.39 15.48 15.21
N LYS A 123 10.97 16.54 14.69
CA LYS A 123 11.79 16.43 13.51
C LYS A 123 13.22 16.06 13.89
N LYS A 124 13.66 16.47 15.09
CA LYS A 124 14.98 16.07 15.58
C LYS A 124 14.92 14.63 16.13
N PRO A 125 16.04 13.88 16.05
CA PRO A 125 16.10 12.51 16.53
C PRO A 125 15.88 12.37 18.01
N VAL A 126 15.12 11.35 18.41
CA VAL A 126 14.90 11.00 19.81
C VAL A 126 15.39 9.58 20.08
N ILE A 127 16.21 9.46 21.13
CA ILE A 127 16.75 8.20 21.59
C ILE A 127 16.16 7.85 22.94
N ALA A 128 15.79 6.60 23.13
CA ALA A 128 15.30 6.16 24.45
C ALA A 128 16.44 5.45 25.18
N ALA A 129 16.62 5.81 26.45
CA ALA A 129 17.60 5.16 27.28
C ALA A 129 16.79 4.47 28.36
N VAL A 130 16.56 3.17 28.15
CA VAL A 130 15.64 2.40 28.97
C VAL A 130 16.37 1.54 29.98
N ASN A 131 16.31 1.99 31.23
CA ASN A 131 16.73 1.20 32.39
C ASN A 131 15.51 0.62 33.08
N GLY A 132 15.53 -0.68 33.31
CA GLY A 132 14.46 -1.31 34.07
C GLY A 132 13.17 -1.49 33.30
N TYR A 133 12.05 -1.34 33.99
CA TYR A 133 10.76 -1.68 33.40
C TYR A 133 10.34 -0.67 32.32
N ALA A 134 10.00 -1.20 31.15
CA ALA A 134 9.31 -0.46 30.10
C ALA A 134 8.13 -1.31 29.69
N PHE A 135 7.00 -1.12 30.36
CA PHE A 135 5.84 -1.99 30.21
C PHE A 135 4.62 -1.24 29.71
N GLY A 136 3.98 -1.76 28.66
CA GLY A 136 2.73 -1.20 28.15
C GLY A 136 2.96 0.14 27.47
N GLY A 137 2.37 1.18 28.06
CA GLY A 137 2.50 2.53 27.55
C GLY A 137 3.93 2.99 27.59
N GLY A 138 4.70 2.51 28.56
CA GLY A 138 6.12 2.84 28.64
C GLY A 138 6.89 2.23 27.49
N CYS A 139 6.51 1.01 27.13
CA CYS A 139 7.14 0.28 26.03
C CYS A 139 6.82 0.90 24.66
N GLU A 140 5.57 1.29 24.46
CA GLU A 140 5.16 2.01 23.26
C GLU A 140 5.90 3.35 23.12
N LEU A 141 6.00 4.06 24.23
CA LEU A 141 6.67 5.34 24.30
C LEU A 141 8.12 5.19 23.85
N ALA A 142 8.79 4.14 24.33
CA ALA A 142 10.14 3.81 23.88
C ALA A 142 10.19 3.55 22.38
N MET A 143 9.25 2.75 21.89
CA MET A 143 9.25 2.33 20.50
C MET A 143 8.95 3.46 19.54
N MET A 144 8.31 4.53 20.03
CA MET A 144 8.05 5.72 19.24
C MET A 144 9.32 6.53 18.98
N CYS A 145 10.34 6.30 19.78
CA CYS A 145 11.62 6.95 19.59
C CYS A 145 12.37 6.30 18.45
N ASP A 146 13.32 7.05 17.89
CA ASP A 146 14.07 6.59 16.72
C ASP A 146 15.03 5.48 17.10
N ILE A 147 15.63 5.60 18.28
CA ILE A 147 16.66 4.65 18.72
C ILE A 147 16.34 4.23 20.15
N ILE A 148 16.53 2.95 20.46
CA ILE A 148 16.41 2.45 21.83
C ILE A 148 17.72 1.86 22.34
N TYR A 149 18.20 2.39 23.46
CA TYR A 149 19.35 1.84 24.15
C TYR A 149 18.78 1.23 25.42
N ALA A 150 19.25 0.05 25.79
CA ALA A 150 18.72 -0.65 26.97
C ALA A 150 19.80 -0.95 27.98
N GLY A 151 19.51 -0.74 29.26
CA GLY A 151 20.37 -1.19 30.35
C GLY A 151 20.30 -2.69 30.50
N GLU A 152 21.34 -3.28 31.09
CA GLU A 152 21.44 -4.74 31.20
C GLU A 152 20.26 -5.40 31.90
N LYS A 153 19.56 -4.68 32.77
CA LYS A 153 18.41 -5.25 33.50
C LYS A 153 17.06 -4.77 32.95
N ALA A 154 17.05 -4.19 31.77
CA ALA A 154 15.80 -3.71 31.19
C ALA A 154 14.88 -4.88 30.85
N GLN A 155 13.58 -4.62 30.97
CA GLN A 155 12.55 -5.57 30.60
C GLN A 155 11.46 -4.86 29.82
N PHE A 156 11.01 -5.49 28.75
CA PHE A 156 9.94 -4.95 27.90
C PHE A 156 8.72 -5.86 27.95
N ALA A 157 7.53 -5.27 27.96
CA ALA A 157 6.30 -6.03 28.00
C ALA A 157 5.12 -5.22 27.49
N GLN A 158 4.06 -5.93 27.08
CA GLN A 158 2.78 -5.33 26.71
C GLN A 158 1.68 -6.07 27.47
N PRO A 159 1.60 -5.81 28.78
CA PRO A 159 0.65 -6.53 29.63
C PRO A 159 -0.80 -6.04 29.58
N GLU A 160 -1.18 -5.25 28.57
CA GLU A 160 -2.56 -4.75 28.51
C GLU A 160 -3.60 -5.88 28.54
N ILE A 161 -3.28 -7.00 27.90
CA ILE A 161 -4.21 -8.13 27.77
C ILE A 161 -4.66 -8.69 29.13
N LEU A 162 -3.78 -8.65 30.12
CA LEU A 162 -4.09 -9.14 31.47
C LEU A 162 -5.17 -8.30 32.16
N ILE A 163 -5.30 -7.04 31.76
CA ILE A 163 -6.37 -6.19 32.30
C ILE A 163 -7.53 -5.99 31.31
N GLY A 164 -7.55 -6.77 30.23
CA GLY A 164 -8.65 -6.80 29.27
C GLY A 164 -8.67 -5.73 28.17
N THR A 165 -7.53 -5.17 27.81
CA THR A 165 -7.43 -4.29 26.65
C THR A 165 -6.40 -4.85 25.68
N ILE A 166 -6.19 -4.14 24.58
CA ILE A 166 -5.02 -4.33 23.75
C ILE A 166 -4.19 -3.06 23.85
N PRO A 167 -2.92 -3.10 23.41
CA PRO A 167 -2.14 -1.87 23.36
C PRO A 167 -2.80 -0.87 22.41
N GLY A 168 -2.84 0.40 22.82
CA GLY A 168 -3.54 1.44 22.05
C GLY A 168 -2.65 2.53 21.50
N ALA A 169 -1.33 2.36 21.62
CA ALA A 169 -0.37 3.36 21.16
C ALA A 169 0.72 2.73 20.28
N GLY A 170 0.29 1.85 19.38
CA GLY A 170 1.18 1.25 18.39
C GLY A 170 2.01 0.10 18.89
N GLY A 171 1.70 -0.42 20.07
CA GLY A 171 2.43 -1.54 20.62
C GLY A 171 2.15 -2.89 19.97
N THR A 172 1.16 -2.92 19.08
CA THR A 172 0.89 -4.09 18.26
C THR A 172 1.55 -3.90 16.89
N GLN A 173 1.98 -2.67 16.59
CA GLN A 173 2.38 -2.27 15.25
C GLN A 173 3.88 -2.05 15.15
N ARG A 174 4.42 -1.22 16.03
CA ARG A 174 5.85 -1.01 16.06
C ARG A 174 6.58 -2.25 16.56
N LEU A 175 5.96 -2.97 17.48
CA LEU A 175 6.55 -4.15 18.05
C LEU A 175 6.68 -5.28 17.01
N THR A 176 5.59 -5.53 16.29
CA THR A 176 5.55 -6.57 15.26
C THR A 176 6.51 -6.25 14.12
N ARG A 177 6.58 -4.98 13.73
CA ARG A 177 7.52 -4.60 12.69
C ARG A 177 8.97 -4.80 13.13
N ALA A 178 9.25 -4.53 14.41
CA ALA A 178 10.62 -4.65 14.91
C ALA A 178 11.00 -6.11 15.11
N VAL A 179 10.15 -6.84 15.83
CA VAL A 179 10.51 -8.13 16.40
C VAL A 179 10.03 -9.39 15.63
N GLY A 180 9.06 -9.25 14.76
CA GLY A 180 8.49 -10.39 14.02
C GLY A 180 7.20 -10.89 14.66
N LYS A 181 6.41 -11.63 13.88
CA LYS A 181 5.07 -12.05 14.33
C LYS A 181 5.03 -12.93 15.58
N SER A 182 5.89 -13.96 15.59
CA SER A 182 5.83 -14.98 16.65
C SER A 182 5.99 -14.36 18.04
N LEU A 183 7.04 -13.59 18.21
CA LEU A 183 7.34 -12.91 19.48
C LEU A 183 6.32 -11.81 19.80
N ALA A 184 5.90 -11.06 18.77
CA ALA A 184 4.87 -10.06 18.96
C ALA A 184 3.59 -10.72 19.48
N MET A 185 3.13 -11.76 18.78
CA MET A 185 1.92 -12.50 19.19
C MET A 185 2.12 -13.06 20.60
N GLU A 186 3.30 -13.62 20.88
CA GLU A 186 3.56 -14.15 22.22
C GLU A 186 3.43 -13.04 23.28
N MET A 187 4.10 -11.91 23.08
CA MET A 187 4.13 -10.85 24.10
C MET A 187 2.77 -10.21 24.34
N VAL A 188 2.01 -10.03 23.27
CA VAL A 188 0.76 -9.28 23.34
C VAL A 188 -0.35 -10.15 23.88
N LEU A 189 -0.30 -11.43 23.52
CA LEU A 189 -1.32 -12.41 23.93
C LEU A 189 -1.14 -12.99 25.34
N THR A 190 0.08 -12.92 25.88
CA THR A 190 0.40 -13.41 27.24
C THR A 190 0.77 -12.30 28.22
N GLY A 191 1.28 -11.18 27.72
CA GLY A 191 1.75 -10.11 28.59
C GLY A 191 3.10 -10.40 29.23
N ASP A 192 3.79 -11.40 28.71
CA ASP A 192 5.07 -11.85 29.26
C ASP A 192 6.18 -10.86 28.93
N ARG A 193 7.08 -10.68 29.89
CA ARG A 193 8.27 -9.87 29.73
C ARG A 193 9.31 -10.52 28.81
N ILE A 194 10.14 -9.70 28.18
CA ILE A 194 11.38 -10.15 27.57
C ILE A 194 12.52 -9.33 28.16
N SER A 195 13.72 -9.89 28.16
CA SER A 195 14.89 -9.19 28.70
C SER A 195 15.46 -8.19 27.70
N ALA A 196 16.40 -7.38 28.18
CA ALA A 196 17.13 -6.46 27.34
C ALA A 196 17.88 -7.25 26.27
N GLN A 197 18.38 -8.40 26.66
CA GLN A 197 19.20 -9.23 25.77
C GLN A 197 18.36 -9.83 24.64
N ASP A 198 17.16 -10.30 24.99
CA ASP A 198 16.15 -10.78 24.03
C ASP A 198 15.72 -9.70 23.06
N ALA A 199 15.58 -8.47 23.56
CA ALA A 199 15.13 -7.33 22.75
C ALA A 199 16.15 -6.97 21.70
N LYS A 200 17.43 -7.02 22.05
CA LYS A 200 18.48 -6.73 21.10
C LYS A 200 18.58 -7.83 20.06
N GLN A 201 18.45 -9.07 20.49
CA GLN A 201 18.51 -10.20 19.56
C GLN A 201 17.43 -10.03 18.49
N ALA A 202 16.28 -9.48 18.89
CA ALA A 202 15.10 -9.35 18.02
C ALA A 202 15.04 -8.03 17.23
N GLY A 203 15.92 -7.08 17.56
CA GLY A 203 16.02 -5.81 16.80
C GLY A 203 15.16 -4.67 17.31
N LEU A 204 14.57 -4.84 18.50
CA LEU A 204 13.74 -3.81 19.13
C LEU A 204 14.61 -2.72 19.72
N VAL A 205 15.76 -3.10 20.28
CA VAL A 205 16.74 -2.13 20.76
C VAL A 205 18.07 -2.37 20.05
N SER A 206 18.90 -1.34 19.90
CA SER A 206 20.19 -1.48 19.19
C SER A 206 21.46 -1.53 20.07
N LYS A 207 21.41 -1.09 21.33
CA LYS A 207 22.49 -1.36 22.29
C LYS A 207 22.02 -1.79 23.65
N ILE A 208 22.87 -2.60 24.29
CA ILE A 208 22.77 -2.93 25.70
C ILE A 208 23.96 -2.31 26.44
N CYS A 209 23.69 -1.63 27.55
CA CYS A 209 24.74 -0.94 28.30
C CYS A 209 24.67 -1.30 29.77
N PRO A 210 25.80 -1.13 30.49
CA PRO A 210 25.72 -1.21 31.93
C PRO A 210 24.72 -0.20 32.47
N VAL A 211 23.92 -0.63 33.44
CA VAL A 211 22.89 0.19 34.08
C VAL A 211 23.39 1.59 34.48
N GLU A 212 24.59 1.63 35.05
CA GLU A 212 25.17 2.84 35.64
C GLU A 212 25.60 3.87 34.60
N THR A 213 25.89 3.40 33.39
CA THR A 213 26.40 4.26 32.30
C THR A 213 25.44 4.38 31.10
N LEU A 214 24.26 3.75 31.17
CA LEU A 214 23.28 3.79 30.09
C LEU A 214 23.03 5.20 29.57
N VAL A 215 22.58 6.08 30.46
CA VAL A 215 22.21 7.43 30.10
C VAL A 215 23.35 8.22 29.48
N GLU A 216 24.58 7.97 29.94
CA GLU A 216 25.75 8.66 29.39
C GLU A 216 26.06 8.16 27.97
N GLU A 217 25.84 6.87 27.72
CA GLU A 217 26.08 6.31 26.38
C GLU A 217 25.06 6.80 25.38
N ALA A 218 23.81 6.96 25.83
CA ALA A 218 22.76 7.53 25.00
C ALA A 218 23.06 9.02 24.69
N ILE A 219 23.60 9.74 25.68
CA ILE A 219 24.01 11.14 25.48
C ILE A 219 25.17 11.25 24.49
N GLN A 220 26.09 10.29 24.51
CA GLN A 220 27.20 10.25 23.57
C GLN A 220 26.70 10.05 22.15
N CYS A 221 25.75 9.13 21.98
CA CYS A 221 25.15 8.90 20.68
C CYS A 221 24.40 10.15 20.18
N ALA A 222 23.65 10.79 21.07
CA ALA A 222 23.01 12.06 20.75
C ALA A 222 24.00 13.17 20.33
N GLU A 223 25.11 13.31 21.06
CA GLU A 223 26.18 14.28 20.74
C GLU A 223 26.64 14.14 19.30
N LYS A 224 26.86 12.89 18.87
CA LYS A 224 27.30 12.63 17.50
C LYS A 224 26.31 13.19 16.51
N ILE A 225 25.03 12.90 16.73
CA ILE A 225 23.98 13.34 15.84
C ILE A 225 23.88 14.87 15.82
N ALA A 226 24.00 15.46 16.99
CA ALA A 226 23.89 16.90 17.16
C ALA A 226 25.00 17.66 16.45
N SER A 227 26.13 17.02 16.20
CA SER A 227 27.25 17.67 15.51
C SER A 227 27.13 17.61 13.98
N ASN A 228 26.24 16.77 13.47
CA ASN A 228 25.89 16.78 12.04
C ASN A 228 24.90 17.88 11.65
N SER A 229 24.66 18.05 10.36
CA SER A 229 23.73 19.07 9.88
C SER A 229 22.30 18.72 10.31
N LYS A 230 21.63 19.61 11.02
CA LYS A 230 20.27 19.36 11.48
C LYS A 230 19.31 19.08 10.33
N ILE A 231 19.42 19.87 9.27
CA ILE A 231 18.52 19.74 8.14
C ILE A 231 18.68 18.38 7.46
N VAL A 232 19.92 17.91 7.29
CA VAL A 232 20.18 16.63 6.64
C VAL A 232 19.85 15.46 7.57
N VAL A 233 20.08 15.65 8.88
CA VAL A 233 19.68 14.67 9.88
C VAL A 233 18.18 14.44 9.79
N ALA A 234 17.41 15.54 9.80
CA ALA A 234 15.94 15.49 9.71
C ALA A 234 15.43 14.78 8.44
N MET A 235 16.05 15.07 7.31
CA MET A 235 15.73 14.41 6.03
C MET A 235 15.99 12.89 6.13
N ALA A 236 17.12 12.52 6.74
CA ALA A 236 17.50 11.13 6.85
C ALA A 236 16.50 10.38 7.72
N LYS A 237 16.06 11.01 8.81
CA LYS A 237 15.12 10.39 9.73
C LYS A 237 13.78 10.21 9.02
N GLU A 238 13.42 11.18 8.23
CA GLU A 238 12.23 11.09 7.41
C GLU A 238 12.35 9.93 6.41
N SER A 239 13.47 9.84 5.71
CA SER A 239 13.66 8.77 4.75
C SER A 239 13.53 7.39 5.42
N VAL A 240 14.07 7.25 6.62
CA VAL A 240 14.00 6.01 7.34
C VAL A 240 12.59 5.67 7.82
N ASN A 241 11.89 6.66 8.38
CA ASN A 241 10.49 6.47 8.79
C ASN A 241 9.56 6.04 7.64
N ALA A 242 9.92 6.39 6.40
CA ALA A 242 9.12 6.02 5.23
C ALA A 242 9.19 4.53 4.88
N ALA A 243 10.14 3.79 5.43
CA ALA A 243 10.24 2.36 5.17
C ALA A 243 8.98 1.63 5.62
N PHE A 244 8.20 2.24 6.51
CA PHE A 244 7.01 1.61 7.06
C PHE A 244 5.72 2.21 6.51
N GLU A 245 5.82 3.03 5.48
CA GLU A 245 4.64 3.76 4.96
C GLU A 245 4.39 3.61 3.46
N MET A 246 5.30 2.95 2.76
CA MET A 246 5.15 2.71 1.34
C MET A 246 5.91 1.47 0.84
N THR A 247 5.66 1.10 -0.41
CA THR A 247 6.35 -0.01 -1.03
C THR A 247 7.81 0.37 -1.22
N LEU A 248 8.69 -0.62 -1.31
CA LEU A 248 10.10 -0.36 -1.55
C LEU A 248 10.36 0.43 -2.83
N THR A 249 9.57 0.22 -3.87
CA THR A 249 9.74 1.03 -5.08
C THR A 249 9.54 2.53 -4.77
N GLU A 250 8.42 2.86 -4.13
CA GLU A 250 8.11 4.27 -3.82
C GLU A 250 8.94 4.82 -2.67
N GLY A 251 9.32 3.94 -1.75
CA GLY A 251 10.30 4.27 -0.73
C GLY A 251 11.59 4.77 -1.34
N SER A 252 12.05 4.09 -2.39
CA SER A 252 13.27 4.45 -3.09
C SER A 252 13.16 5.76 -3.80
N LYS A 253 12.02 6.00 -4.44
CA LYS A 253 11.86 7.24 -5.17
C LYS A 253 11.83 8.43 -4.21
N LEU A 254 11.15 8.29 -3.07
CA LEU A 254 11.14 9.33 -2.05
C LEU A 254 12.54 9.60 -1.51
N GLU A 255 13.31 8.54 -1.29
CA GLU A 255 14.69 8.68 -0.84
C GLU A 255 15.50 9.50 -1.84
N LYS A 256 15.37 9.19 -3.14
CA LYS A 256 16.12 9.94 -4.17
C LYS A 256 15.80 11.41 -4.13
N LYS A 257 14.52 11.75 -3.95
CA LYS A 257 14.13 13.14 -3.95
C LYS A 257 14.72 13.91 -2.77
N LEU A 258 14.86 13.24 -1.65
CA LEU A 258 15.54 13.78 -0.49
C LEU A 258 17.06 13.84 -0.71
N PHE A 259 17.60 12.79 -1.31
CA PHE A 259 19.00 12.78 -1.67
C PHE A 259 19.36 14.00 -2.52
N TYR A 260 18.55 14.29 -3.55
CA TYR A 260 18.80 15.46 -4.40
C TYR A 260 18.65 16.77 -3.66
N SER A 261 17.63 16.87 -2.84
CA SER A 261 17.39 18.07 -2.08
C SER A 261 18.56 18.48 -1.19
N THR A 262 19.34 17.51 -0.72
CA THR A 262 20.53 17.84 0.07
C THR A 262 21.54 18.64 -0.75
N PHE A 263 21.51 18.45 -2.07
CA PHE A 263 22.36 19.24 -2.96
C PHE A 263 21.94 20.71 -3.08
N ALA A 264 20.80 21.06 -2.49
CA ALA A 264 20.46 22.49 -2.34
C ALA A 264 21.05 23.10 -1.07
N THR A 265 21.62 22.30 -0.17
CA THR A 265 22.12 22.80 1.11
C THR A 265 23.62 23.11 1.09
N ASP A 266 24.02 24.10 1.89
CA ASP A 266 25.44 24.44 2.08
C ASP A 266 26.19 23.31 2.77
N ASP A 267 25.53 22.63 3.69
CA ASP A 267 26.17 21.57 4.47
C ASP A 267 26.60 20.37 3.65
N ARG A 268 25.83 20.03 2.61
CA ARG A 268 26.26 18.98 1.72
C ARG A 268 27.55 19.35 0.98
N LYS A 269 27.61 20.55 0.44
CA LYS A 269 28.81 20.98 -0.25
C LYS A 269 30.00 20.93 0.71
N GLU A 270 29.79 21.34 1.96
CA GLU A 270 30.85 21.40 2.96
C GLU A 270 31.34 20.00 3.32
N GLY A 271 30.42 19.07 3.46
CA GLY A 271 30.78 17.69 3.79
C GLY A 271 31.64 17.04 2.72
N MET A 272 31.18 17.14 1.47
CA MET A 272 31.89 16.49 0.37
C MET A 272 33.24 17.18 0.11
N THR A 273 33.30 18.49 0.27
CA THR A 273 34.54 19.22 0.09
C THR A 273 35.54 18.91 1.23
N ALA A 274 35.05 18.85 2.45
CA ALA A 274 35.86 18.40 3.56
C ALA A 274 36.53 17.06 3.21
N PHE A 275 35.73 16.06 2.82
CA PHE A 275 36.27 14.80 2.39
C PHE A 275 37.36 14.97 1.33
N VAL A 276 37.04 15.71 0.26
CA VAL A 276 37.98 15.88 -0.84
C VAL A 276 39.27 16.58 -0.44
N GLU A 277 39.19 17.52 0.50
CA GLU A 277 40.35 18.23 1.02
C GLU A 277 40.90 17.59 2.29
N LYS A 278 40.60 16.32 2.54
CA LYS A 278 41.20 15.57 3.66
C LYS A 278 41.04 16.29 5.00
N ARG A 279 39.88 16.88 5.27
CA ARG A 279 39.72 17.67 6.51
C ARG A 279 38.37 17.48 7.17
N LYS A 280 38.29 17.93 8.41
CA LYS A 280 37.08 17.81 9.21
C LYS A 280 36.00 18.71 8.62
N ALA A 281 34.82 18.17 8.37
CA ALA A 281 33.67 18.98 7.97
C ALA A 281 33.23 19.88 9.13
N ASN A 282 32.80 21.10 8.82
CA ASN A 282 32.15 21.97 9.81
C ASN A 282 30.77 22.40 9.33
N PHE A 283 29.77 21.70 9.83
CA PHE A 283 28.39 21.88 9.39
C PHE A 283 27.74 23.07 10.07
N LYS A 284 26.86 23.76 9.35
CA LYS A 284 26.28 25.02 9.79
C LYS A 284 24.76 25.00 9.95
N ASP A 285 24.13 23.86 9.64
CA ASP A 285 22.67 23.68 9.73
C ASP A 285 21.93 24.49 8.66
N GLN A 286 22.33 24.27 7.41
CA GLN A 286 21.98 25.16 6.30
C GLN A 286 22.48 24.55 4.98
N ALA B 27 17.92 8.28 -36.00
CA ALA B 27 18.33 7.66 -37.29
C ALA B 27 17.37 8.08 -38.42
N ASN B 28 17.04 7.15 -39.32
CA ASN B 28 16.04 7.37 -40.38
C ASN B 28 14.94 6.30 -40.32
N PHE B 29 13.73 6.73 -39.96
CA PHE B 29 12.64 5.81 -39.59
C PHE B 29 11.89 5.23 -40.79
N GLU B 30 11.41 4.00 -40.63
CA GLU B 30 10.54 3.35 -41.62
C GLU B 30 9.08 3.29 -41.15
N TYR B 31 8.85 3.28 -39.84
CA TYR B 31 7.51 3.06 -39.28
C TYR B 31 6.81 4.29 -38.70
N ILE B 32 7.57 5.35 -38.43
CA ILE B 32 7.04 6.56 -37.81
C ILE B 32 7.56 7.84 -38.47
N ILE B 33 6.94 8.96 -38.13
CA ILE B 33 7.42 10.29 -38.52
C ILE B 33 7.62 11.13 -37.26
N ALA B 34 8.85 11.58 -37.03
CA ALA B 34 9.20 12.40 -35.87
C ALA B 34 9.65 13.78 -36.33
N GLU B 35 9.01 14.82 -35.80
CA GLU B 35 9.17 16.17 -36.32
C GLU B 35 8.97 17.18 -35.21
N LYS B 36 9.66 18.31 -35.30
CA LYS B 36 9.41 19.40 -34.35
C LYS B 36 8.36 20.36 -34.90
N ARG B 37 7.45 20.76 -34.02
CA ARG B 37 6.33 21.61 -34.37
C ARG B 37 6.11 22.63 -33.27
N GLY B 38 5.10 23.49 -33.46
CA GLY B 38 4.69 24.44 -32.44
C GLY B 38 5.44 25.75 -32.57
N LYS B 39 5.23 26.64 -31.63
CA LYS B 39 5.90 27.92 -31.67
C LYS B 39 7.38 27.71 -31.31
N ASN B 40 8.25 28.21 -32.19
CA ASN B 40 9.69 28.04 -32.09
C ASN B 40 10.08 26.57 -31.96
N ASN B 41 9.32 25.69 -32.59
CA ASN B 41 9.64 24.27 -32.65
C ASN B 41 9.98 23.67 -31.27
N THR B 42 9.14 23.99 -30.29
CA THR B 42 9.28 23.50 -28.94
C THR B 42 8.49 22.22 -28.66
N VAL B 43 7.77 21.72 -29.65
CA VAL B 43 7.04 20.45 -29.51
C VAL B 43 7.61 19.35 -30.42
N GLY B 44 7.79 18.17 -29.84
CA GLY B 44 8.17 16.96 -30.60
C GLY B 44 6.94 16.16 -30.98
N LEU B 45 6.60 16.15 -32.25
CA LEU B 45 5.48 15.38 -32.77
C LEU B 45 5.94 14.00 -33.26
N ILE B 46 5.48 12.93 -32.60
CA ILE B 46 5.71 11.58 -33.12
C ILE B 46 4.41 11.03 -33.71
N GLN B 47 4.43 10.75 -35.00
CA GLN B 47 3.27 10.16 -35.69
C GLN B 47 3.55 8.70 -36.07
N LEU B 48 2.68 7.79 -35.61
CA LEU B 48 2.73 6.39 -36.01
C LEU B 48 2.26 6.29 -37.45
N ASN B 49 3.17 5.87 -38.33
CA ASN B 49 2.95 5.89 -39.78
C ASN B 49 3.05 4.50 -40.38
N ARG B 50 2.14 3.63 -39.96
CA ARG B 50 2.03 2.28 -40.52
C ARG B 50 0.55 1.98 -40.82
N PRO B 51 -0.06 2.79 -41.71
CA PRO B 51 -1.51 2.74 -41.92
C PRO B 51 -2.04 1.48 -42.63
N LYS B 52 -1.20 0.77 -43.38
CA LYS B 52 -1.65 -0.50 -44.00
C LYS B 52 -2.08 -1.51 -42.92
N ALA B 53 -1.41 -1.49 -41.76
CA ALA B 53 -1.72 -2.42 -40.67
C ALA B 53 -2.47 -1.73 -39.54
N LEU B 54 -3.10 -0.60 -39.84
CA LEU B 54 -3.78 0.24 -38.83
C LEU B 54 -2.89 0.55 -37.63
N ASN B 55 -1.61 0.82 -37.90
CA ASN B 55 -0.64 1.14 -36.87
C ASN B 55 -0.49 0.04 -35.81
N ALA B 56 -0.53 -1.23 -36.22
CA ALA B 56 -0.38 -2.33 -35.29
C ALA B 56 1.04 -2.32 -34.70
N LEU B 57 1.13 -2.48 -33.38
CA LEU B 57 2.36 -2.11 -32.66
C LEU B 57 3.39 -3.22 -32.64
N CYS B 58 3.94 -3.54 -33.81
CA CYS B 58 4.96 -4.57 -33.91
C CYS B 58 6.23 -4.16 -33.21
N ASP B 59 7.11 -5.13 -32.96
CA ASP B 59 8.35 -4.91 -32.22
C ASP B 59 9.18 -3.79 -32.86
N GLY B 60 9.26 -3.79 -34.20
CA GLY B 60 10.02 -2.78 -34.96
C GLY B 60 9.52 -1.35 -34.81
N LEU B 61 8.20 -1.17 -34.67
CA LEU B 61 7.59 0.15 -34.53
C LEU B 61 7.85 0.73 -33.14
N ILE B 62 7.68 -0.09 -32.12
CA ILE B 62 7.96 0.33 -30.75
C ILE B 62 9.44 0.64 -30.59
N ASP B 63 10.28 -0.14 -31.27
CA ASP B 63 11.71 0.11 -31.34
C ASP B 63 11.98 1.55 -31.76
N GLU B 64 11.33 1.97 -32.84
CA GLU B 64 11.50 3.33 -33.36
C GLU B 64 10.81 4.37 -32.46
N LEU B 65 9.58 4.10 -32.04
CA LEU B 65 8.88 4.99 -31.12
C LEU B 65 9.79 5.35 -29.96
N ASN B 66 10.40 4.34 -29.36
CA ASN B 66 11.32 4.52 -28.26
C ASN B 66 12.55 5.35 -28.62
N GLN B 67 13.08 5.17 -29.84
CA GLN B 67 14.19 6.02 -30.33
C GLN B 67 13.75 7.47 -30.41
N ALA B 68 12.57 7.71 -30.98
CA ALA B 68 12.05 9.08 -31.09
C ALA B 68 11.87 9.70 -29.72
N LEU B 69 11.31 8.92 -28.79
CA LEU B 69 11.10 9.40 -27.43
C LEU B 69 12.42 9.80 -26.81
N LYS B 70 13.48 9.03 -27.06
CA LYS B 70 14.77 9.32 -26.46
C LYS B 70 15.43 10.57 -27.06
N ILE B 71 15.28 10.79 -28.37
CA ILE B 71 15.82 11.99 -29.03
C ILE B 71 15.16 13.24 -28.46
N PHE B 72 13.83 13.24 -28.35
CA PHE B 72 13.13 14.40 -27.80
C PHE B 72 13.38 14.62 -26.30
N GLU B 73 13.52 13.53 -25.54
CA GLU B 73 13.94 13.66 -24.15
C GLU B 73 15.30 14.37 -24.05
N GLU B 74 16.21 14.08 -24.96
CA GLU B 74 17.54 14.66 -24.87
C GLU B 74 17.66 16.06 -25.49
N ASP B 75 16.66 16.46 -26.26
CA ASP B 75 16.67 17.74 -26.98
C ASP B 75 16.25 18.90 -26.05
N PRO B 76 17.16 19.85 -25.81
CA PRO B 76 16.84 20.96 -24.91
C PRO B 76 15.80 21.90 -25.48
N ALA B 77 15.68 21.91 -26.81
CA ALA B 77 14.64 22.68 -27.50
C ALA B 77 13.25 22.18 -27.17
N VAL B 78 13.10 20.88 -26.94
CA VAL B 78 11.77 20.25 -26.85
C VAL B 78 11.27 20.21 -25.42
N GLY B 79 10.06 20.73 -25.24
CA GLY B 79 9.44 20.84 -23.93
C GLY B 79 8.30 19.88 -23.67
N ALA B 80 7.63 19.43 -24.73
CA ALA B 80 6.56 18.45 -24.57
C ALA B 80 6.46 17.61 -25.84
N ILE B 81 5.87 16.42 -25.71
CA ILE B 81 5.76 15.47 -26.83
C ILE B 81 4.29 15.15 -27.11
N VAL B 82 3.92 15.18 -28.39
CA VAL B 82 2.62 14.74 -28.86
C VAL B 82 2.84 13.51 -29.69
N LEU B 83 2.01 12.48 -29.46
CA LEU B 83 2.07 11.21 -30.19
C LEU B 83 0.72 11.00 -30.91
N THR B 84 0.76 10.62 -32.19
CA THR B 84 -0.46 10.41 -32.98
C THR B 84 -0.30 9.23 -33.93
N GLY B 85 -1.41 8.84 -34.55
CA GLY B 85 -1.41 8.04 -35.77
C GLY B 85 -2.13 8.75 -36.92
N GLY B 86 -2.74 7.98 -37.80
CA GLY B 86 -3.47 8.57 -38.93
C GLY B 86 -4.86 9.01 -38.51
N ASP B 87 -5.61 9.56 -39.46
CA ASP B 87 -6.99 9.99 -39.21
C ASP B 87 -7.92 8.80 -38.98
N LYS B 88 -7.55 7.63 -39.49
CA LYS B 88 -8.40 6.44 -39.35
C LYS B 88 -8.00 5.61 -38.13
N ALA B 89 -6.72 5.66 -37.76
CA ALA B 89 -6.20 4.80 -36.70
C ALA B 89 -5.10 5.47 -35.89
N PHE B 90 -5.20 5.32 -34.57
CA PHE B 90 -4.11 5.65 -33.66
C PHE B 90 -3.23 4.41 -33.56
N ALA B 91 -3.79 3.32 -33.05
CA ALA B 91 -3.17 1.99 -33.13
C ALA B 91 -4.25 0.94 -32.90
N ALA B 92 -4.37 0.00 -33.82
CA ALA B 92 -5.44 -1.00 -33.77
C ALA B 92 -5.06 -2.17 -32.85
N GLY B 93 -3.81 -2.24 -32.43
CA GLY B 93 -3.42 -3.22 -31.41
C GLY B 93 -1.96 -3.63 -31.46
N ALA B 94 -1.65 -4.67 -30.68
CA ALA B 94 -0.38 -5.36 -30.78
C ALA B 94 -0.44 -6.16 -32.07
N ASP B 95 0.72 -6.45 -32.67
CA ASP B 95 0.76 -7.18 -33.94
C ASP B 95 0.44 -8.65 -33.70
N ILE B 96 -0.84 -8.99 -33.82
CA ILE B 96 -1.32 -10.33 -33.49
C ILE B 96 -0.66 -11.44 -34.33
N LYS B 97 -0.12 -11.09 -35.49
CA LYS B 97 0.64 -12.05 -36.31
C LYS B 97 1.98 -12.44 -35.67
N GLU B 98 2.50 -11.61 -34.77
CA GLU B 98 3.77 -11.89 -34.08
C GLU B 98 3.59 -12.75 -32.82
N MET B 99 2.43 -12.61 -32.16
CA MET B 99 2.12 -13.36 -30.94
C MET B 99 1.64 -14.80 -31.20
N GLN B 100 1.27 -15.10 -32.44
CA GLN B 100 0.57 -16.34 -32.75
C GLN B 100 1.27 -17.59 -32.22
N ASN B 101 2.59 -17.61 -32.29
CA ASN B 101 3.37 -18.81 -31.99
C ASN B 101 4.28 -18.68 -30.76
N LEU B 102 3.90 -17.81 -29.84
CA LEU B 102 4.59 -17.66 -28.56
C LEU B 102 4.13 -18.75 -27.57
N SER B 103 5.08 -19.29 -26.83
CA SER B 103 4.85 -20.21 -25.72
C SER B 103 4.78 -19.42 -24.41
N PHE B 104 4.37 -20.08 -23.32
CA PHE B 104 4.40 -19.43 -22.00
C PHE B 104 5.85 -19.15 -21.59
N GLN B 105 6.75 -20.08 -21.92
CA GLN B 105 8.18 -19.92 -21.65
C GLN B 105 8.76 -18.78 -22.47
N ASP B 106 8.43 -18.75 -23.76
CA ASP B 106 8.82 -17.66 -24.67
C ASP B 106 8.54 -16.31 -24.03
N CYS B 107 7.33 -16.16 -23.49
CA CYS B 107 6.89 -14.90 -22.91
C CYS B 107 7.67 -14.53 -21.65
N TYR B 108 7.67 -15.44 -20.69
CA TYR B 108 8.22 -15.15 -19.37
C TYR B 108 9.68 -14.73 -19.45
N SER B 109 10.51 -15.57 -20.07
CA SER B 109 11.95 -15.34 -20.17
C SER B 109 12.36 -14.28 -21.22
N SER B 110 11.41 -13.83 -22.03
CA SER B 110 11.67 -12.73 -22.98
C SER B 110 11.25 -11.38 -22.39
N LYS B 111 10.72 -11.39 -21.16
CA LYS B 111 10.07 -10.23 -20.57
C LYS B 111 9.20 -9.55 -21.64
N PHE B 112 8.37 -10.35 -22.29
CA PHE B 112 7.59 -9.93 -23.46
C PHE B 112 6.74 -8.69 -23.18
N LEU B 113 6.83 -7.72 -24.10
CA LEU B 113 6.18 -6.40 -24.00
C LEU B 113 6.81 -5.42 -22.97
N LYS B 114 7.91 -5.80 -22.32
CA LYS B 114 8.57 -4.89 -21.38
C LYS B 114 9.00 -3.61 -22.10
N HIS B 115 9.58 -3.77 -23.29
CA HIS B 115 10.02 -2.63 -24.12
C HIS B 115 8.96 -1.53 -24.24
N TRP B 116 7.69 -1.93 -24.29
CA TRP B 116 6.58 -0.99 -24.39
C TRP B 116 6.48 0.04 -23.26
N ASP B 117 7.24 -0.12 -22.18
CA ASP B 117 7.12 0.76 -21.03
C ASP B 117 8.08 1.95 -21.00
N HIS B 118 8.97 2.05 -22.00
CA HIS B 118 9.89 3.19 -22.07
CA HIS B 118 9.89 3.18 -22.02
C HIS B 118 9.11 4.50 -21.97
N LEU B 119 7.94 4.52 -22.60
CA LEU B 119 7.05 5.68 -22.55
C LEU B 119 6.75 6.14 -21.11
N THR B 120 6.63 5.20 -20.16
CA THR B 120 6.38 5.58 -18.77
C THR B 120 7.59 6.21 -18.05
N GLN B 121 8.79 6.13 -18.63
CA GLN B 121 10.03 6.66 -18.04
CA GLN B 121 10.00 6.68 -18.00
C GLN B 121 10.40 8.06 -18.55
N VAL B 122 9.63 8.61 -19.49
CA VAL B 122 9.88 9.95 -20.03
C VAL B 122 9.48 11.03 -19.04
N LYS B 123 10.42 11.93 -18.71
CA LYS B 123 10.21 13.01 -17.72
C LYS B 123 9.50 14.25 -18.27
N LYS B 124 9.69 14.57 -19.54
CA LYS B 124 8.88 15.60 -20.21
C LYS B 124 7.44 15.04 -20.39
N PRO B 125 6.43 15.89 -20.33
CA PRO B 125 5.06 15.45 -20.63
C PRO B 125 4.86 14.92 -22.06
N VAL B 126 4.02 13.89 -22.19
CA VAL B 126 3.60 13.36 -23.49
C VAL B 126 2.07 13.42 -23.60
N ILE B 127 1.58 14.03 -24.69
CA ILE B 127 0.15 14.10 -24.98
C ILE B 127 -0.21 13.15 -26.11
N ALA B 128 -1.18 12.28 -25.88
CA ALA B 128 -1.70 11.39 -26.94
C ALA B 128 -2.82 12.10 -27.69
N ALA B 129 -2.68 12.23 -29.01
CA ALA B 129 -3.75 12.76 -29.86
C ALA B 129 -4.37 11.63 -30.66
N VAL B 130 -5.48 11.08 -30.17
CA VAL B 130 -6.09 9.88 -30.75
C VAL B 130 -7.22 10.17 -31.73
N ASN B 131 -6.96 10.01 -33.04
CA ASN B 131 -8.02 9.99 -34.06
C ASN B 131 -8.38 8.54 -34.37
N GLY B 132 -9.67 8.25 -34.49
CA GLY B 132 -10.09 6.92 -34.89
C GLY B 132 -9.77 5.85 -33.87
N TYR B 133 -9.30 4.70 -34.36
CA TYR B 133 -9.18 3.50 -33.53
C TYR B 133 -7.99 3.57 -32.59
N ALA B 134 -8.24 3.40 -31.30
CA ALA B 134 -7.23 3.09 -30.30
C ALA B 134 -7.67 1.83 -29.58
N PHE B 135 -7.30 0.66 -30.11
CA PHE B 135 -7.73 -0.62 -29.55
C PHE B 135 -6.58 -1.41 -28.96
N GLY B 136 -6.86 -2.15 -27.88
CA GLY B 136 -5.87 -3.03 -27.26
C GLY B 136 -4.57 -2.32 -26.95
N GLY B 137 -3.47 -2.83 -27.51
CA GLY B 137 -2.16 -2.19 -27.37
C GLY B 137 -2.22 -0.69 -27.64
N GLY B 138 -2.88 -0.31 -28.73
CA GLY B 138 -3.08 1.09 -29.07
C GLY B 138 -3.72 1.88 -27.95
N CYS B 139 -4.72 1.28 -27.32
CA CYS B 139 -5.41 1.93 -26.20
C CYS B 139 -4.48 2.09 -24.99
N GLU B 140 -3.66 1.07 -24.75
CA GLU B 140 -2.71 1.06 -23.65
C GLU B 140 -1.62 2.12 -23.85
N LEU B 141 -1.08 2.21 -25.05
CA LEU B 141 -0.14 3.28 -25.40
C LEU B 141 -0.71 4.66 -25.07
N ALA B 142 -1.99 4.85 -25.36
CA ALA B 142 -2.67 6.10 -25.11
C ALA B 142 -2.75 6.40 -23.62
N MET B 143 -3.06 5.38 -22.83
CA MET B 143 -3.22 5.54 -21.36
C MET B 143 -1.91 5.80 -20.61
N MET B 144 -0.78 5.35 -21.16
CA MET B 144 0.54 5.61 -20.59
C MET B 144 0.94 7.08 -20.73
N CYS B 145 0.35 7.77 -21.70
CA CYS B 145 0.60 9.18 -21.86
C CYS B 145 -0.05 9.94 -20.74
N ASP B 146 0.44 11.15 -20.53
CA ASP B 146 0.02 11.96 -19.42
C ASP B 146 -1.35 12.55 -19.67
N ILE B 147 -1.59 12.97 -20.90
CA ILE B 147 -2.83 13.62 -21.30
C ILE B 147 -3.33 12.96 -22.59
N ILE B 148 -4.64 12.71 -22.66
CA ILE B 148 -5.24 12.27 -23.92
C ILE B 148 -6.26 13.28 -24.47
N TYR B 149 -6.04 13.73 -25.70
CA TYR B 149 -7.05 14.41 -26.49
C TYR B 149 -7.57 13.41 -27.53
N ALA B 150 -8.89 13.36 -27.71
CA ALA B 150 -9.55 12.48 -28.68
C ALA B 150 -10.23 13.29 -29.78
N GLY B 151 -10.31 12.72 -30.97
CA GLY B 151 -11.10 13.29 -32.07
C GLY B 151 -12.57 12.90 -31.97
N GLU B 152 -13.44 13.62 -32.68
CA GLU B 152 -14.88 13.33 -32.68
C GLU B 152 -15.22 11.87 -32.96
N LYS B 153 -14.46 11.22 -33.84
CA LYS B 153 -14.78 9.84 -34.27
C LYS B 153 -13.84 8.79 -33.69
N ALA B 154 -13.15 9.15 -32.61
CA ALA B 154 -12.24 8.24 -31.94
C ALA B 154 -13.01 7.14 -31.23
N GLN B 155 -12.40 5.96 -31.15
CA GLN B 155 -12.99 4.81 -30.49
C GLN B 155 -11.95 4.04 -29.68
N PHE B 156 -12.28 3.73 -28.43
CA PHE B 156 -11.38 2.97 -27.57
C PHE B 156 -11.95 1.61 -27.24
N ALA B 157 -11.09 0.59 -27.26
CA ALA B 157 -11.49 -0.77 -26.86
C ALA B 157 -10.30 -1.62 -26.44
N GLN B 158 -10.55 -2.55 -25.53
CA GLN B 158 -9.62 -3.61 -25.19
C GLN B 158 -10.19 -4.95 -25.67
N PRO B 159 -9.98 -5.30 -26.95
CA PRO B 159 -10.63 -6.49 -27.49
C PRO B 159 -9.77 -7.77 -27.38
N GLU B 160 -8.79 -7.79 -26.47
CA GLU B 160 -7.93 -8.95 -26.32
C GLU B 160 -8.70 -10.22 -25.94
N ILE B 161 -9.77 -10.05 -25.17
CA ILE B 161 -10.61 -11.17 -24.74
C ILE B 161 -11.18 -11.95 -25.94
N LEU B 162 -11.41 -11.26 -27.04
CA LEU B 162 -11.94 -11.90 -28.26
C LEU B 162 -10.93 -12.84 -28.92
N ILE B 163 -9.64 -12.56 -28.73
CA ILE B 163 -8.57 -13.40 -29.28
C ILE B 163 -7.92 -14.31 -28.22
N GLY B 164 -8.59 -14.44 -27.08
CA GLY B 164 -8.15 -15.36 -26.03
C GLY B 164 -6.96 -14.92 -25.19
N THR B 165 -6.77 -13.61 -25.00
CA THR B 165 -5.78 -13.10 -24.04
C THR B 165 -6.46 -12.13 -23.10
N ILE B 166 -5.65 -11.47 -22.27
CA ILE B 166 -6.06 -10.29 -21.52
C ILE B 166 -5.13 -9.13 -21.88
N PRO B 167 -5.55 -7.89 -21.58
CA PRO B 167 -4.65 -6.77 -21.80
C PRO B 167 -3.37 -6.94 -21.01
N GLY B 168 -2.23 -6.82 -21.68
CA GLY B 168 -0.94 -7.10 -21.04
C GLY B 168 0.00 -5.92 -20.95
N ALA B 169 -0.54 -4.70 -21.01
CA ALA B 169 0.30 -3.51 -20.95
C ALA B 169 -0.41 -2.36 -20.22
N GLY B 170 -1.06 -2.71 -19.12
CA GLY B 170 -1.75 -1.74 -18.27
C GLY B 170 -3.22 -1.59 -18.61
N GLY B 171 -3.68 -2.30 -19.62
CA GLY B 171 -5.08 -2.22 -19.97
C GLY B 171 -5.96 -2.24 -18.74
N THR B 172 -5.89 -3.33 -17.99
CA THR B 172 -6.78 -3.51 -16.86
C THR B 172 -6.53 -2.47 -15.77
N GLN B 173 -5.26 -2.09 -15.58
CA GLN B 173 -4.92 -1.22 -14.44
C GLN B 173 -5.25 0.26 -14.65
N ARG B 174 -4.77 0.82 -15.74
CA ARG B 174 -4.99 2.24 -16.03
C ARG B 174 -6.44 2.49 -16.43
N LEU B 175 -7.01 1.60 -17.22
CA LEU B 175 -8.39 1.76 -17.62
C LEU B 175 -9.24 1.84 -16.37
N THR B 176 -9.09 0.86 -15.49
CA THR B 176 -9.95 0.77 -14.30
C THR B 176 -9.80 1.99 -13.42
N ARG B 177 -8.57 2.46 -13.31
CA ARG B 177 -8.28 3.66 -12.53
C ARG B 177 -8.89 4.93 -13.14
N ALA B 178 -9.00 4.99 -14.46
CA ALA B 178 -9.58 6.16 -15.11
C ALA B 178 -11.10 6.10 -15.07
N VAL B 179 -11.70 5.00 -15.50
CA VAL B 179 -13.13 4.98 -15.82
C VAL B 179 -14.05 4.32 -14.79
N GLY B 180 -13.47 3.65 -13.80
CA GLY B 180 -14.24 2.92 -12.78
C GLY B 180 -14.50 1.47 -13.17
N LYS B 181 -14.85 0.66 -12.18
CA LYS B 181 -14.93 -0.80 -12.34
C LYS B 181 -15.91 -1.20 -13.41
N SER B 182 -17.15 -0.75 -13.25
CA SER B 182 -18.23 -1.21 -14.11
C SER B 182 -17.82 -1.13 -15.57
N LEU B 183 -17.46 0.07 -16.03
CA LEU B 183 -17.10 0.28 -17.43
C LEU B 183 -15.84 -0.47 -17.87
N ALA B 184 -14.85 -0.60 -16.99
CA ALA B 184 -13.65 -1.37 -17.32
C ALA B 184 -13.95 -2.86 -17.41
N MET B 185 -14.77 -3.37 -16.49
CA MET B 185 -15.17 -4.76 -16.53
C MET B 185 -15.91 -5.04 -17.84
N GLU B 186 -16.90 -4.21 -18.17
CA GLU B 186 -17.67 -4.39 -19.40
C GLU B 186 -16.75 -4.38 -20.62
N MET B 187 -15.83 -3.42 -20.66
CA MET B 187 -14.92 -3.30 -21.80
C MET B 187 -13.97 -4.48 -21.94
N VAL B 188 -13.30 -4.85 -20.85
CA VAL B 188 -12.31 -5.93 -20.91
C VAL B 188 -12.95 -7.31 -21.10
N LEU B 189 -14.13 -7.52 -20.53
CA LEU B 189 -14.78 -8.81 -20.60
C LEU B 189 -15.54 -9.04 -21.88
N THR B 190 -16.00 -7.98 -22.55
CA THR B 190 -16.76 -8.14 -23.81
C THR B 190 -15.98 -7.72 -25.05
N GLY B 191 -15.02 -6.80 -24.88
CA GLY B 191 -14.24 -6.27 -26.02
C GLY B 191 -14.94 -5.11 -26.69
N ASP B 192 -16.03 -4.64 -26.08
CA ASP B 192 -16.83 -3.55 -26.64
C ASP B 192 -16.05 -2.25 -26.73
N ARG B 193 -16.53 -1.36 -27.59
CA ARG B 193 -15.89 -0.09 -27.85
C ARG B 193 -16.73 1.00 -27.25
N ILE B 194 -16.07 2.09 -26.87
CA ILE B 194 -16.74 3.28 -26.39
C ILE B 194 -16.31 4.42 -27.30
N SER B 195 -17.19 5.40 -27.45
CA SER B 195 -16.94 6.52 -28.33
C SER B 195 -16.01 7.53 -27.69
N ALA B 196 -15.58 8.51 -28.48
CA ALA B 196 -14.80 9.64 -27.97
C ALA B 196 -15.55 10.31 -26.83
N GLN B 197 -16.87 10.43 -26.98
CA GLN B 197 -17.71 11.13 -26.01
C GLN B 197 -17.92 10.30 -24.75
N ASP B 198 -18.01 8.98 -24.90
CA ASP B 198 -18.06 8.07 -23.73
C ASP B 198 -16.79 8.15 -22.87
N ALA B 199 -15.64 8.38 -23.52
CA ALA B 199 -14.36 8.44 -22.82
C ALA B 199 -14.11 9.77 -22.11
N LYS B 200 -14.60 10.86 -22.70
CA LYS B 200 -14.55 12.17 -22.06
C LYS B 200 -15.38 12.16 -20.76
N GLN B 201 -16.60 11.66 -20.85
CA GLN B 201 -17.48 11.57 -19.68
C GLN B 201 -16.85 10.72 -18.56
N ALA B 202 -16.12 9.66 -18.93
CA ALA B 202 -15.52 8.73 -17.96
C ALA B 202 -14.19 9.20 -17.35
N GLY B 203 -13.58 10.20 -17.98
CA GLY B 203 -12.27 10.71 -17.56
C GLY B 203 -11.08 10.01 -18.19
N LEU B 204 -11.31 9.04 -19.07
CA LEU B 204 -10.23 8.46 -19.86
C LEU B 204 -9.55 9.54 -20.73
N VAL B 205 -10.31 10.51 -21.21
CA VAL B 205 -9.74 11.65 -21.93
C VAL B 205 -10.21 13.01 -21.36
N SER B 206 -9.46 14.06 -21.67
CA SER B 206 -9.75 15.38 -21.11
C SER B 206 -10.20 16.43 -22.14
N LYS B 207 -10.11 16.13 -23.44
CA LYS B 207 -10.65 17.04 -24.45
C LYS B 207 -10.99 16.34 -25.77
N ILE B 208 -12.17 16.66 -26.30
CA ILE B 208 -12.60 16.27 -27.66
C ILE B 208 -12.37 17.40 -28.67
N CYS B 209 -11.87 17.06 -29.85
CA CYS B 209 -11.64 18.05 -30.93
C CYS B 209 -12.16 17.57 -32.27
N PRO B 210 -12.39 18.51 -33.20
CA PRO B 210 -12.69 18.11 -34.57
C PRO B 210 -11.56 17.29 -35.14
N VAL B 211 -11.90 16.25 -35.89
CA VAL B 211 -10.92 15.38 -36.52
C VAL B 211 -9.81 16.21 -37.18
N GLU B 212 -10.21 17.29 -37.83
CA GLU B 212 -9.33 18.07 -38.65
C GLU B 212 -8.32 18.90 -37.84
N THR B 213 -8.64 19.25 -36.60
CA THR B 213 -7.77 20.11 -35.79
C THR B 213 -7.15 19.44 -34.53
N LEU B 214 -7.49 18.18 -34.27
CA LEU B 214 -7.00 17.47 -33.09
C LEU B 214 -5.51 17.66 -32.92
N VAL B 215 -4.74 17.34 -33.96
CA VAL B 215 -3.29 17.40 -33.85
C VAL B 215 -2.80 18.82 -33.53
N GLU B 216 -3.43 19.83 -34.10
CA GLU B 216 -3.06 21.22 -33.83
C GLU B 216 -3.45 21.65 -32.40
N GLU B 217 -4.66 21.30 -31.97
CA GLU B 217 -5.08 21.56 -30.58
C GLU B 217 -4.11 20.91 -29.56
N ALA B 218 -3.61 19.72 -29.87
CA ALA B 218 -2.67 19.05 -28.99
C ALA B 218 -1.33 19.76 -28.98
N ILE B 219 -0.84 20.15 -30.14
CA ILE B 219 0.40 20.91 -30.23
C ILE B 219 0.30 22.21 -29.43
N GLN B 220 -0.87 22.84 -29.43
CA GLN B 220 -1.05 24.07 -28.67
C GLN B 220 -0.92 23.78 -27.20
N CYS B 221 -1.60 22.75 -26.72
CA CYS B 221 -1.43 22.33 -25.34
C CYS B 221 0.03 22.03 -25.01
N ALA B 222 0.72 21.30 -25.87
CA ALA B 222 2.16 21.05 -25.69
C ALA B 222 3.01 22.34 -25.67
N GLU B 223 2.67 23.32 -26.51
CA GLU B 223 3.35 24.63 -26.51
C GLU B 223 3.29 25.29 -25.14
N LYS B 224 2.09 25.35 -24.56
CA LYS B 224 1.88 25.92 -23.23
C LYS B 224 2.81 25.28 -22.21
N ILE B 225 2.74 23.96 -22.12
CA ILE B 225 3.57 23.21 -21.20
C ILE B 225 5.06 23.54 -21.43
N ALA B 226 5.48 23.55 -22.69
CA ALA B 226 6.86 23.87 -23.05
C ALA B 226 7.33 25.27 -22.63
N SER B 227 6.39 26.21 -22.47
CA SER B 227 6.73 27.57 -22.02
C SER B 227 7.14 27.64 -20.57
N ASN B 228 6.64 26.67 -19.80
CA ASN B 228 6.96 26.57 -18.40
C ASN B 228 8.33 25.93 -18.18
N SER B 229 8.78 26.00 -16.94
CA SER B 229 10.11 25.58 -16.56
C SER B 229 10.18 24.04 -16.64
N LYS B 230 11.14 23.50 -17.37
CA LYS B 230 11.15 22.05 -17.61
C LYS B 230 11.26 21.27 -16.32
N ILE B 231 12.12 21.75 -15.43
CA ILE B 231 12.38 21.04 -14.20
C ILE B 231 11.16 21.07 -13.25
N VAL B 232 10.47 22.21 -13.12
CA VAL B 232 9.30 22.24 -12.24
C VAL B 232 8.15 21.45 -12.88
N VAL B 233 8.05 21.47 -14.20
CA VAL B 233 7.09 20.62 -14.92
C VAL B 233 7.35 19.14 -14.67
N ALA B 234 8.62 18.73 -14.72
CA ALA B 234 8.99 17.35 -14.45
C ALA B 234 8.56 16.95 -13.03
N MET B 235 8.76 17.85 -12.08
CA MET B 235 8.40 17.59 -10.70
C MET B 235 6.89 17.48 -10.54
N ALA B 236 6.14 18.24 -11.32
CA ALA B 236 4.67 18.20 -11.23
C ALA B 236 4.11 16.90 -11.74
N LYS B 237 4.63 16.46 -12.87
CA LYS B 237 4.23 15.20 -13.49
C LYS B 237 4.56 14.02 -12.58
N GLU B 238 5.74 14.08 -11.96
CA GLU B 238 6.20 13.03 -11.07
C GLU B 238 5.26 12.99 -9.85
N SER B 239 4.85 14.14 -9.37
CA SER B 239 3.94 14.20 -8.23
C SER B 239 2.53 13.69 -8.56
N VAL B 240 2.02 14.02 -9.74
CA VAL B 240 0.71 13.52 -10.20
C VAL B 240 0.70 11.99 -10.41
N ASN B 241 1.78 11.45 -10.99
CA ASN B 241 1.87 10.00 -11.20
C ASN B 241 1.90 9.24 -9.88
N ALA B 242 2.48 9.87 -8.87
CA ALA B 242 2.54 9.30 -7.52
C ALA B 242 1.15 9.04 -6.90
N ALA B 243 0.11 9.70 -7.40
CA ALA B 243 -1.28 9.43 -6.93
C ALA B 243 -1.71 7.98 -7.04
N PHE B 244 -1.07 7.22 -7.91
CA PHE B 244 -1.36 5.80 -8.10
C PHE B 244 -0.32 4.86 -7.48
N GLU B 245 0.58 5.37 -6.67
CA GLU B 245 1.64 4.50 -6.14
C GLU B 245 1.75 4.53 -4.62
N MET B 246 0.81 5.17 -3.95
CA MET B 246 0.94 5.59 -2.57
C MET B 246 -0.42 5.85 -1.97
N THR B 247 -0.54 5.69 -0.66
CA THR B 247 -1.67 6.23 0.06
C THR B 247 -1.64 7.75 -0.03
N LEU B 248 -2.79 8.36 0.23
CA LEU B 248 -2.92 9.81 0.14
C LEU B 248 -2.04 10.50 1.15
N THR B 249 -1.92 9.93 2.35
CA THR B 249 -1.13 10.54 3.39
C THR B 249 0.31 10.71 2.96
N GLU B 250 0.85 9.66 2.34
CA GLU B 250 2.24 9.66 1.91
C GLU B 250 2.42 10.35 0.58
N GLY B 251 1.40 10.30 -0.28
CA GLY B 251 1.38 11.13 -1.48
C GLY B 251 1.43 12.60 -1.13
N SER B 252 0.70 13.00 -0.09
CA SER B 252 0.79 14.36 0.42
C SER B 252 2.14 14.70 0.97
N LYS B 253 2.81 13.76 1.64
CA LYS B 253 4.15 14.01 2.14
C LYS B 253 5.14 14.10 0.99
N LEU B 254 4.99 13.28 -0.03
CA LEU B 254 5.89 13.31 -1.19
C LEU B 254 5.77 14.63 -1.90
N GLU B 255 4.54 15.07 -2.12
CA GLU B 255 4.28 16.31 -2.84
C GLU B 255 4.96 17.50 -2.16
N LYS B 256 4.90 17.57 -0.83
CA LYS B 256 5.56 18.65 -0.10
C LYS B 256 7.07 18.63 -0.36
N LYS B 257 7.68 17.46 -0.45
CA LYS B 257 9.13 17.41 -0.64
C LYS B 257 9.49 18.02 -1.98
N LEU B 258 8.67 17.75 -2.99
CA LEU B 258 8.87 18.33 -4.31
C LEU B 258 8.61 19.82 -4.29
N PHE B 259 7.52 20.20 -3.63
CA PHE B 259 7.15 21.58 -3.44
C PHE B 259 8.29 22.39 -2.80
N TYR B 260 8.69 22.02 -1.60
CA TYR B 260 9.87 22.65 -0.98
C TYR B 260 11.07 22.64 -1.93
N SER B 261 11.24 21.57 -2.68
CA SER B 261 12.36 21.47 -3.62
C SER B 261 12.33 22.56 -4.68
N THR B 262 11.14 22.96 -5.13
CA THR B 262 11.07 23.99 -6.15
C THR B 262 11.74 25.28 -5.66
N PHE B 263 11.67 25.51 -4.35
CA PHE B 263 12.20 26.71 -3.75
C PHE B 263 13.73 26.78 -3.79
N ALA B 264 14.37 25.76 -4.33
CA ALA B 264 15.80 25.80 -4.60
C ALA B 264 16.11 26.11 -6.07
N THR B 265 15.07 26.37 -6.88
CA THR B 265 15.25 26.67 -8.30
C THR B 265 15.18 28.18 -8.58
N ASP B 266 15.89 28.62 -9.60
CA ASP B 266 15.79 30.00 -10.07
C ASP B 266 14.40 30.32 -10.63
N ASP B 267 13.76 29.35 -11.25
CA ASP B 267 12.45 29.60 -11.88
C ASP B 267 11.31 29.85 -10.90
N ARG B 268 11.38 29.25 -9.72
CA ARG B 268 10.41 29.51 -8.68
C ARG B 268 10.51 30.95 -8.21
N LYS B 269 11.71 31.42 -7.95
CA LYS B 269 11.93 32.80 -7.52
C LYS B 269 11.41 33.80 -8.60
N GLU B 270 11.76 33.52 -9.86
CA GLU B 270 11.35 34.35 -10.98
C GLU B 270 9.84 34.32 -11.18
N GLY B 271 9.27 33.12 -11.09
CA GLY B 271 7.84 32.96 -11.28
C GLY B 271 7.02 33.73 -10.26
N MET B 272 7.47 33.76 -9.02
CA MET B 272 6.71 34.43 -7.97
C MET B 272 7.01 35.94 -7.92
N THR B 273 8.20 36.32 -8.35
CA THR B 273 8.59 37.71 -8.46
C THR B 273 7.89 38.35 -9.64
N ALA B 274 7.71 37.60 -10.72
CA ALA B 274 6.90 38.06 -11.85
C ALA B 274 5.52 38.48 -11.36
N PHE B 275 4.85 37.58 -10.64
CA PHE B 275 3.54 37.92 -10.09
C PHE B 275 3.57 39.19 -9.22
N VAL B 276 4.55 39.32 -8.34
CA VAL B 276 4.60 40.45 -7.42
C VAL B 276 4.86 41.78 -8.15
N GLU B 277 5.56 41.72 -9.28
CA GLU B 277 5.92 42.89 -10.05
C GLU B 277 4.97 43.09 -11.24
N LYS B 278 3.89 42.31 -11.25
CA LYS B 278 2.83 42.43 -12.25
C LYS B 278 3.38 42.40 -13.69
N ARG B 279 4.23 41.42 -13.96
CA ARG B 279 4.86 41.24 -15.27
C ARG B 279 4.91 39.77 -15.67
N LYS B 280 5.25 39.51 -16.93
CA LYS B 280 5.29 38.16 -17.47
C LYS B 280 6.52 37.43 -16.93
N ALA B 281 6.34 36.16 -16.61
CA ALA B 281 7.43 35.30 -16.15
C ALA B 281 8.24 34.84 -17.33
N ASN B 282 9.55 34.88 -17.20
CA ASN B 282 10.45 34.40 -18.22
C ASN B 282 11.37 33.33 -17.64
N PHE B 283 10.99 32.07 -17.84
CA PHE B 283 11.66 30.93 -17.19
C PHE B 283 12.88 30.50 -17.98
N LYS B 284 13.80 29.80 -17.32
CA LYS B 284 15.08 29.44 -17.91
C LYS B 284 15.49 27.98 -17.73
N ASP B 285 14.55 27.16 -17.27
CA ASP B 285 14.76 25.71 -17.05
C ASP B 285 15.87 25.47 -16.03
N GLN B 286 15.68 26.07 -14.85
CA GLN B 286 16.75 26.16 -13.86
C GLN B 286 16.21 26.69 -12.52
N ALA C 27 -14.39 34.73 18.57
CA ALA C 27 -13.75 36.03 18.97
C ALA C 27 -13.75 37.07 17.82
N ASN C 28 -12.89 38.08 17.93
CA ASN C 28 -12.86 39.21 16.99
C ASN C 28 -11.81 39.02 15.88
N PHE C 29 -12.18 38.25 14.86
CA PHE C 29 -11.28 37.95 13.74
C PHE C 29 -11.24 39.10 12.75
N GLU C 30 -10.15 39.24 12.02
CA GLU C 30 -10.04 40.28 10.99
C GLU C 30 -9.99 39.74 9.56
N TYR C 31 -9.60 38.48 9.39
CA TYR C 31 -9.52 37.86 8.07
C TYR C 31 -10.74 36.99 7.75
N ILE C 32 -11.58 36.69 8.74
CA ILE C 32 -12.76 35.89 8.51
C ILE C 32 -13.97 36.33 9.34
N ILE C 33 -15.14 35.85 8.93
CA ILE C 33 -16.38 35.95 9.70
C ILE C 33 -16.81 34.52 10.04
N ALA C 34 -17.24 34.32 11.28
CA ALA C 34 -17.68 33.01 11.74
C ALA C 34 -18.97 33.13 12.56
N GLU C 35 -20.05 32.57 12.05
CA GLU C 35 -21.35 32.68 12.70
C GLU C 35 -22.01 31.31 12.66
N LYS C 36 -22.94 31.07 13.57
CA LYS C 36 -23.71 29.84 13.56
C LYS C 36 -24.96 30.04 12.72
N ARG C 37 -25.26 29.07 11.88
CA ARG C 37 -26.40 29.16 10.97
C ARG C 37 -27.22 27.88 11.04
N GLY C 38 -28.31 27.85 10.28
CA GLY C 38 -29.25 26.72 10.29
C GLY C 38 -30.17 26.76 11.50
N LYS C 39 -31.30 26.05 11.38
CA LYS C 39 -32.23 25.81 12.51
C LYS C 39 -31.42 25.42 13.74
N ASN C 40 -31.77 26.02 14.88
CA ASN C 40 -31.06 25.74 16.13
C ASN C 40 -29.55 25.88 16.00
N ASN C 41 -29.10 26.80 15.13
CA ASN C 41 -27.69 27.11 15.02
C ASN C 41 -26.82 25.87 15.06
N THR C 42 -27.14 24.90 14.20
CA THR C 42 -26.48 23.61 14.19
C THR C 42 -25.41 23.54 13.12
N VAL C 43 -25.23 24.61 12.37
CA VAL C 43 -24.20 24.66 11.32
C VAL C 43 -23.25 25.82 11.57
N GLY C 44 -21.96 25.53 11.51
CA GLY C 44 -20.94 26.55 11.64
C GLY C 44 -20.55 27.06 10.26
N LEU C 45 -20.65 28.37 10.05
CA LEU C 45 -20.28 28.96 8.76
C LEU C 45 -19.01 29.75 8.93
N ILE C 46 -18.03 29.49 8.08
CA ILE C 46 -16.80 30.25 8.04
C ILE C 46 -16.68 30.90 6.66
N GLN C 47 -16.61 32.22 6.63
CA GLN C 47 -16.50 32.96 5.39
C GLN C 47 -15.15 33.64 5.39
N LEU C 48 -14.32 33.31 4.40
CA LEU C 48 -13.02 33.92 4.27
C LEU C 48 -13.31 35.36 3.83
N ASN C 49 -12.73 36.33 4.53
CA ASN C 49 -13.06 37.72 4.28
C ASN C 49 -11.82 38.59 4.13
N ARG C 50 -11.05 38.30 3.08
CA ARG C 50 -9.89 39.10 2.72
C ARG C 50 -10.02 39.46 1.23
N PRO C 51 -11.11 40.17 0.88
CA PRO C 51 -11.54 40.29 -0.51
C PRO C 51 -10.56 41.09 -1.37
N LYS C 52 -9.90 42.08 -0.78
CA LYS C 52 -8.97 42.93 -1.52
C LYS C 52 -7.80 42.12 -2.06
N ALA C 53 -7.54 40.95 -1.48
CA ALA C 53 -6.51 40.05 -1.99
C ALA C 53 -7.09 38.74 -2.51
N LEU C 54 -8.38 38.76 -2.87
CA LEU C 54 -9.12 37.57 -3.34
C LEU C 54 -8.95 36.38 -2.40
N ASN C 55 -9.07 36.64 -1.10
CA ASN C 55 -8.91 35.62 -0.07
C ASN C 55 -7.64 34.78 -0.22
N ALA C 56 -6.53 35.39 -0.61
CA ALA C 56 -5.24 34.69 -0.66
C ALA C 56 -4.83 34.23 0.74
N LEU C 57 -4.42 32.97 0.84
CA LEU C 57 -4.31 32.28 2.11
C LEU C 57 -3.00 32.54 2.86
N CYS C 58 -2.89 33.74 3.41
CA CYS C 58 -1.74 34.07 4.24
C CYS C 58 -1.82 33.37 5.59
N ASP C 59 -0.68 33.30 6.28
CA ASP C 59 -0.55 32.62 7.56
C ASP C 59 -1.58 33.10 8.57
N GLY C 60 -1.77 34.41 8.65
CA GLY C 60 -2.76 35.02 9.51
C GLY C 60 -4.17 34.49 9.24
N LEU C 61 -4.53 34.41 7.96
CA LEU C 61 -5.87 33.97 7.59
C LEU C 61 -6.08 32.50 7.95
N ILE C 62 -5.11 31.67 7.61
CA ILE C 62 -5.16 30.24 7.95
C ILE C 62 -5.14 30.04 9.46
N ASP C 63 -4.46 30.94 10.16
CA ASP C 63 -4.40 30.89 11.61
C ASP C 63 -5.77 31.15 12.22
N GLU C 64 -6.52 32.08 11.63
CA GLU C 64 -7.88 32.35 12.06
C GLU C 64 -8.82 31.24 11.60
N LEU C 65 -8.61 30.72 10.40
CA LEU C 65 -9.43 29.60 9.93
C LEU C 65 -9.37 28.45 10.92
N ASN C 66 -8.17 28.14 11.40
CA ASN C 66 -7.99 27.01 12.31
C ASN C 66 -8.57 27.28 13.69
N GLN C 67 -8.45 28.51 14.17
CA GLN C 67 -9.09 28.87 15.42
C GLN C 67 -10.59 28.63 15.32
N ALA C 68 -11.19 29.07 14.22
CA ALA C 68 -12.63 28.95 14.03
C ALA C 68 -13.05 27.48 13.90
N LEU C 69 -12.28 26.68 13.20
CA LEU C 69 -12.55 25.25 13.11
C LEU C 69 -12.52 24.58 14.49
N LYS C 70 -11.60 25.03 15.34
CA LYS C 70 -11.43 24.45 16.67
C LYS C 70 -12.68 24.71 17.50
N ILE C 71 -13.13 25.95 17.58
CA ILE C 71 -14.29 26.24 18.42
C ILE C 71 -15.57 25.59 17.90
N PHE C 72 -15.71 25.44 16.58
CA PHE C 72 -16.85 24.70 16.02
C PHE C 72 -16.75 23.20 16.29
N GLU C 73 -15.55 22.65 16.18
CA GLU C 73 -15.28 21.24 16.47
C GLU C 73 -15.57 20.93 17.94
N GLU C 74 -15.17 21.85 18.82
CA GLU C 74 -15.42 21.72 20.26
C GLU C 74 -16.86 22.05 20.68
N ASP C 75 -17.67 22.58 19.76
CA ASP C 75 -19.01 23.00 20.12
C ASP C 75 -20.03 21.88 19.90
N PRO C 76 -20.63 21.39 20.99
CA PRO C 76 -21.51 20.21 20.90
C PRO C 76 -22.84 20.48 20.19
N ALA C 77 -23.21 21.75 20.03
CA ALA C 77 -24.42 22.12 19.29
C ALA C 77 -24.19 21.99 17.79
N VAL C 78 -22.97 22.26 17.33
CA VAL C 78 -22.64 22.24 15.90
C VAL C 78 -22.40 20.84 15.38
N GLY C 79 -23.06 20.50 14.27
CA GLY C 79 -22.91 19.20 13.64
C GLY C 79 -22.09 19.22 12.35
N ALA C 80 -22.06 20.38 11.69
CA ALA C 80 -21.46 20.49 10.36
C ALA C 80 -20.91 21.89 10.14
N ILE C 81 -19.94 21.99 9.25
CA ILE C 81 -19.27 23.24 8.99
C ILE C 81 -19.30 23.55 7.49
N VAL C 82 -19.65 24.79 7.16
CA VAL C 82 -19.68 25.26 5.81
C VAL C 82 -18.62 26.34 5.66
N LEU C 83 -17.77 26.19 4.66
CA LEU C 83 -16.61 27.06 4.46
C LEU C 83 -16.75 27.71 3.10
N THR C 84 -16.75 29.04 3.06
CA THR C 84 -16.98 29.77 1.83
C THR C 84 -16.07 30.98 1.76
N GLY C 85 -16.06 31.65 0.61
CA GLY C 85 -15.37 32.93 0.47
C GLY C 85 -16.34 34.01 0.02
N GLY C 86 -15.87 34.87 -0.87
CA GLY C 86 -16.74 35.85 -1.49
C GLY C 86 -17.41 35.30 -2.74
N ASP C 87 -18.21 36.15 -3.38
CA ASP C 87 -18.86 35.82 -4.63
C ASP C 87 -17.89 35.81 -5.81
N LYS C 88 -16.89 36.68 -5.78
CA LYS C 88 -15.89 36.74 -6.85
C LYS C 88 -14.79 35.70 -6.67
N ALA C 89 -14.54 35.31 -5.42
CA ALA C 89 -13.44 34.41 -5.12
C ALA C 89 -13.66 33.62 -3.84
N PHE C 90 -13.47 32.31 -3.94
CA PHE C 90 -13.42 31.45 -2.76
C PHE C 90 -12.07 31.68 -2.09
N ALA C 91 -11.02 31.49 -2.86
CA ALA C 91 -9.67 31.87 -2.48
C ALA C 91 -8.81 31.72 -3.73
N ALA C 92 -8.02 32.74 -4.05
CA ALA C 92 -7.25 32.74 -5.28
C ALA C 92 -5.88 32.09 -5.13
N GLY C 93 -5.57 31.56 -3.95
CA GLY C 93 -4.35 30.79 -3.77
C GLY C 93 -3.68 31.03 -2.44
N ALA C 94 -2.47 30.51 -2.32
CA ALA C 94 -1.61 30.82 -1.19
C ALA C 94 -1.06 32.21 -1.45
N ASP C 95 -0.78 32.96 -0.40
CA ASP C 95 -0.30 34.32 -0.55
C ASP C 95 1.08 34.28 -1.19
N ILE C 96 1.16 34.74 -2.44
CA ILE C 96 2.40 34.73 -3.21
C ILE C 96 3.44 35.73 -2.68
N LYS C 97 2.99 36.85 -2.16
CA LYS C 97 3.92 37.82 -1.57
C LYS C 97 4.63 37.22 -0.34
N GLU C 98 3.91 36.48 0.51
CA GLU C 98 4.57 35.80 1.65
C GLU C 98 5.55 34.73 1.20
N MET C 99 5.26 34.05 0.10
CA MET C 99 6.13 32.99 -0.40
C MET C 99 7.38 33.50 -1.13
N GLN C 100 7.35 34.75 -1.61
CA GLN C 100 8.34 35.17 -2.61
C GLN C 100 9.79 34.99 -2.19
N ASN C 101 10.15 35.43 -0.99
CA ASN C 101 11.54 35.45 -0.55
C ASN C 101 11.97 34.26 0.32
N LEU C 102 11.14 33.21 0.36
CA LEU C 102 11.46 32.01 1.08
C LEU C 102 12.53 31.22 0.35
N SER C 103 13.46 30.63 1.11
CA SER C 103 14.42 29.66 0.59
C SER C 103 13.96 28.21 0.81
N PHE C 104 14.72 27.27 0.25
CA PHE C 104 14.51 25.83 0.46
C PHE C 104 14.66 25.45 1.94
N GLN C 105 15.69 25.99 2.58
CA GLN C 105 15.92 25.72 4.01
C GLN C 105 14.81 26.31 4.88
N ASP C 106 14.28 27.48 4.51
CA ASP C 106 13.17 28.11 5.23
C ASP C 106 11.96 27.19 5.22
N CYS C 107 11.51 26.84 4.02
CA CYS C 107 10.41 25.90 3.81
C CYS C 107 10.48 24.61 4.59
N TYR C 108 11.58 23.89 4.44
CA TYR C 108 11.71 22.55 5.00
C TYR C 108 11.66 22.57 6.51
N SER C 109 12.35 23.55 7.10
CA SER C 109 12.50 23.58 8.55
C SER C 109 11.29 24.18 9.23
N SER C 110 10.67 25.16 8.58
CA SER C 110 9.44 25.76 9.07
C SER C 110 8.22 24.88 8.79
N LYS C 111 8.44 23.74 8.14
CA LYS C 111 7.36 22.86 7.76
C LYS C 111 6.27 23.72 7.10
N PHE C 112 6.67 24.54 6.16
CA PHE C 112 5.77 25.46 5.50
C PHE C 112 4.52 24.72 4.97
N LEU C 113 3.36 25.37 5.09
CA LEU C 113 2.04 24.82 4.67
C LEU C 113 1.45 23.74 5.60
N LYS C 114 2.21 23.30 6.60
CA LYS C 114 1.74 22.26 7.53
C LYS C 114 0.49 22.66 8.33
N HIS C 115 0.35 23.95 8.65
CA HIS C 115 -0.80 24.43 9.42
C HIS C 115 -2.11 24.31 8.63
N TRP C 116 -2.02 24.26 7.30
CA TRP C 116 -3.21 24.09 6.44
C TRP C 116 -3.92 22.77 6.71
N ASP C 117 -3.17 21.77 7.14
CA ASP C 117 -3.71 20.41 7.29
C ASP C 117 -4.67 20.23 8.44
N HIS C 118 -4.76 21.22 9.33
CA HIS C 118 -5.65 21.09 10.47
C HIS C 118 -7.10 20.75 10.04
N LEU C 119 -7.48 21.24 8.87
CA LEU C 119 -8.80 20.99 8.29
C LEU C 119 -9.06 19.50 8.01
N THR C 120 -8.02 18.75 7.66
CA THR C 120 -8.18 17.30 7.42
C THR C 120 -8.32 16.51 8.71
N GLN C 121 -8.17 17.15 9.87
CA GLN C 121 -8.21 16.44 11.15
C GLN C 121 -9.49 16.73 11.97
N VAL C 122 -10.45 17.45 11.41
CA VAL C 122 -11.67 17.71 12.15
C VAL C 122 -12.63 16.54 11.98
N LYS C 123 -13.11 16.01 13.09
CA LYS C 123 -14.05 14.87 13.12
C LYS C 123 -15.37 15.16 12.39
N LYS C 124 -15.92 16.35 12.58
CA LYS C 124 -17.20 16.74 11.97
C LYS C 124 -17.03 17.06 10.49
N PRO C 125 -18.11 16.88 9.69
CA PRO C 125 -18.07 17.16 8.25
C PRO C 125 -17.96 18.63 7.87
N VAL C 126 -17.12 18.92 6.88
CA VAL C 126 -16.91 20.29 6.37
C VAL C 126 -17.31 20.34 4.90
N ILE C 127 -18.16 21.30 4.54
CA ILE C 127 -18.58 21.51 3.15
C ILE C 127 -17.98 22.77 2.59
N ALA C 128 -17.27 22.69 1.47
CA ALA C 128 -16.84 23.89 0.77
C ALA C 128 -17.98 24.43 -0.05
N ALA C 129 -18.21 25.75 -0.01
CA ALA C 129 -19.20 26.40 -0.86
C ALA C 129 -18.46 27.39 -1.74
N VAL C 130 -18.14 26.92 -2.95
CA VAL C 130 -17.27 27.65 -3.86
C VAL C 130 -18.02 28.52 -4.85
N ASN C 131 -17.98 29.82 -4.65
CA ASN C 131 -18.32 30.79 -5.68
C ASN C 131 -17.05 31.40 -6.23
N GLY C 132 -17.02 31.66 -7.52
CA GLY C 132 -15.88 32.36 -8.12
C GLY C 132 -14.60 31.54 -8.18
N TYR C 133 -13.45 32.22 -8.10
CA TYR C 133 -12.17 31.54 -8.25
C TYR C 133 -11.84 30.64 -7.07
N ALA C 134 -11.42 29.41 -7.38
CA ALA C 134 -10.74 28.53 -6.43
C ALA C 134 -9.47 28.06 -7.10
N PHE C 135 -8.42 28.86 -7.00
CA PHE C 135 -7.17 28.59 -7.72
C PHE C 135 -6.04 28.21 -6.79
N GLY C 136 -5.24 27.23 -7.20
CA GLY C 136 -4.04 26.82 -6.44
C GLY C 136 -4.39 26.37 -5.04
N GLY C 137 -3.86 27.07 -4.03
CA GLY C 137 -4.17 26.75 -2.63
C GLY C 137 -5.66 26.79 -2.30
N GLY C 138 -6.40 27.65 -2.98
CA GLY C 138 -7.84 27.74 -2.80
C GLY C 138 -8.55 26.49 -3.28
N CYS C 139 -8.09 25.94 -4.41
CA CYS C 139 -8.61 24.67 -4.91
C CYS C 139 -8.25 23.53 -3.95
N GLU C 140 -7.02 23.56 -3.46
CA GLU C 140 -6.54 22.58 -2.52
C GLU C 140 -7.35 22.61 -1.22
N LEU C 141 -7.66 23.81 -0.73
CA LEU C 141 -8.45 23.97 0.49
C LEU C 141 -9.84 23.37 0.34
N ALA C 142 -10.48 23.66 -0.79
CA ALA C 142 -11.78 23.08 -1.14
C ALA C 142 -11.72 21.54 -1.17
N MET C 143 -10.70 21.01 -1.84
CA MET C 143 -10.52 19.56 -1.96
C MET C 143 -10.29 18.86 -0.62
N MET C 144 -9.72 19.57 0.34
CA MET C 144 -9.60 19.06 1.72
C MET C 144 -10.94 18.92 2.45
N CYS C 145 -11.95 19.70 2.06
CA CYS C 145 -13.28 19.50 2.63
C CYS C 145 -13.84 18.16 2.14
N ASP C 146 -14.91 17.72 2.79
CA ASP C 146 -15.53 16.45 2.48
C ASP C 146 -16.42 16.56 1.24
N ILE C 147 -17.31 17.56 1.24
CA ILE C 147 -18.19 17.82 0.11
C ILE C 147 -17.84 19.18 -0.48
N ILE C 148 -17.85 19.30 -1.80
CA ILE C 148 -17.74 20.59 -2.48
C ILE C 148 -19.04 20.92 -3.23
N TYR C 149 -19.55 22.11 -2.99
CA TYR C 149 -20.71 22.65 -3.73
C TYR C 149 -20.18 23.83 -4.54
N ALA C 150 -20.54 23.93 -5.81
CA ALA C 150 -20.02 24.98 -6.70
C ALA C 150 -21.11 25.92 -7.21
N GLY C 151 -20.79 27.21 -7.26
CA GLY C 151 -21.64 28.19 -7.94
C GLY C 151 -21.48 28.06 -9.44
N GLU C 152 -22.50 28.48 -10.19
CA GLU C 152 -22.57 28.31 -11.64
C GLU C 152 -21.39 28.95 -12.37
N LYS C 153 -20.77 29.96 -11.75
CA LYS C 153 -19.63 30.68 -12.34
C LYS C 153 -18.30 30.40 -11.63
N ALA C 154 -18.28 29.37 -10.80
CA ALA C 154 -17.04 28.97 -10.13
C ALA C 154 -16.05 28.47 -11.16
N GLN C 155 -14.76 28.71 -10.90
CA GLN C 155 -13.69 28.23 -11.77
C GLN C 155 -12.60 27.62 -10.91
N PHE C 156 -12.16 26.43 -11.30
CA PHE C 156 -11.12 25.70 -10.56
C PHE C 156 -9.85 25.65 -11.36
N ALA C 157 -8.72 25.77 -10.68
CA ALA C 157 -7.43 25.71 -11.35
C ALA C 157 -6.33 25.43 -10.37
N GLN C 158 -5.20 24.96 -10.90
CA GLN C 158 -3.97 24.78 -10.16
C GLN C 158 -2.87 25.41 -11.00
N PRO C 159 -2.78 26.75 -10.95
CA PRO C 159 -1.83 27.48 -11.79
C PRO C 159 -0.42 27.64 -11.19
N GLU C 160 -0.10 26.89 -10.15
CA GLU C 160 1.22 27.00 -9.52
C GLU C 160 2.36 26.96 -10.55
N ILE C 161 2.18 26.16 -11.58
CA ILE C 161 3.23 25.98 -12.57
C ILE C 161 3.56 27.30 -13.26
N LEU C 162 2.56 28.16 -13.39
CA LEU C 162 2.74 29.48 -13.96
C LEU C 162 3.54 30.43 -13.09
N ILE C 163 3.65 30.15 -11.79
CA ILE C 163 4.57 30.89 -10.91
C ILE C 163 5.82 30.10 -10.53
N GLY C 164 6.07 28.98 -11.22
CA GLY C 164 7.29 28.22 -11.00
C GLY C 164 7.32 27.33 -9.77
N THR C 165 6.15 26.91 -9.30
CA THR C 165 6.11 25.89 -8.25
C THR C 165 5.10 24.81 -8.63
N ILE C 166 4.90 23.82 -7.75
CA ILE C 166 3.88 22.81 -7.94
C ILE C 166 2.87 22.94 -6.82
N PRO C 167 1.66 22.38 -6.98
CA PRO C 167 0.73 22.42 -5.85
C PRO C 167 1.33 21.74 -4.64
N GLY C 168 1.30 22.39 -3.49
CA GLY C 168 1.97 21.85 -2.31
C GLY C 168 1.05 21.43 -1.17
N ALA C 169 -0.26 21.46 -1.40
CA ALA C 169 -1.20 21.10 -0.34
C ALA C 169 -2.27 20.11 -0.82
N GLY C 170 -1.87 19.26 -1.78
CA GLY C 170 -2.69 18.13 -2.22
C GLY C 170 -3.42 18.39 -3.53
N GLY C 171 -2.97 19.40 -4.25
CA GLY C 171 -3.51 19.71 -5.55
C GLY C 171 -3.19 18.65 -6.59
N THR C 172 -2.11 17.88 -6.37
CA THR C 172 -1.73 16.83 -7.31
C THR C 172 -2.23 15.47 -6.82
N GLN C 173 -2.61 15.40 -5.55
CA GLN C 173 -3.02 14.13 -4.95
C GLN C 173 -4.52 13.96 -4.99
N ARG C 174 -5.23 14.94 -4.44
CA ARG C 174 -6.67 14.86 -4.32
C ARG C 174 -7.35 15.10 -5.65
N LEU C 175 -6.76 15.95 -6.47
CA LEU C 175 -7.31 16.28 -7.78
C LEU C 175 -7.30 15.05 -8.68
N THR C 176 -6.12 14.45 -8.84
CA THR C 176 -5.93 13.23 -9.63
C THR C 176 -6.93 12.15 -9.22
N ARG C 177 -7.06 11.94 -7.92
CA ARG C 177 -7.97 10.93 -7.39
C ARG C 177 -9.44 11.24 -7.71
N ALA C 178 -9.79 12.51 -7.80
CA ALA C 178 -11.17 12.92 -8.10
C ALA C 178 -11.45 12.81 -9.59
N VAL C 179 -10.59 13.44 -10.36
CA VAL C 179 -10.83 13.85 -11.74
C VAL C 179 -10.15 12.93 -12.77
N GLY C 180 -9.23 12.08 -12.31
CA GLY C 180 -8.45 11.20 -13.20
C GLY C 180 -7.17 11.84 -13.72
N LYS C 181 -6.26 11.00 -14.22
CA LYS C 181 -4.92 11.44 -14.58
C LYS C 181 -4.96 12.48 -15.68
N SER C 182 -5.64 12.17 -16.78
CA SER C 182 -5.66 13.06 -17.95
C SER C 182 -6.00 14.52 -17.62
N LEU C 183 -7.17 14.77 -17.04
CA LEU C 183 -7.54 16.14 -16.72
C LEU C 183 -6.59 16.77 -15.68
N ALA C 184 -6.24 15.98 -14.66
CA ALA C 184 -5.29 16.41 -13.63
C ALA C 184 -3.96 16.83 -14.24
N MET C 185 -3.43 16.04 -15.17
CA MET C 185 -2.15 16.37 -15.79
C MET C 185 -2.30 17.67 -16.55
N GLU C 186 -3.39 17.77 -17.29
CA GLU C 186 -3.62 18.95 -18.10
C GLU C 186 -3.77 20.20 -17.25
N MET C 187 -4.52 20.11 -16.15
CA MET C 187 -4.66 21.24 -15.23
C MET C 187 -3.34 21.62 -14.54
N VAL C 188 -2.64 20.62 -14.02
CA VAL C 188 -1.41 20.88 -13.25
C VAL C 188 -0.27 21.35 -14.16
N LEU C 189 -0.15 20.79 -15.35
CA LEU C 189 0.96 21.16 -16.24
C LEU C 189 0.75 22.43 -17.06
N THR C 190 -0.51 22.84 -17.27
CA THR C 190 -0.78 24.06 -18.07
C THR C 190 -1.26 25.23 -17.22
N GLY C 191 -1.83 24.94 -16.05
CA GLY C 191 -2.46 25.95 -15.22
C GLY C 191 -3.85 26.37 -15.69
N ASP C 192 -4.38 25.69 -16.71
CA ASP C 192 -5.70 26.01 -17.26
C ASP C 192 -6.84 25.78 -16.25
N ARG C 193 -7.92 26.52 -16.45
CA ARG C 193 -9.07 26.44 -15.55
C ARG C 193 -10.20 25.60 -16.12
N ILE C 194 -11.03 25.08 -15.23
CA ILE C 194 -12.21 24.31 -15.64
C ILE C 194 -13.44 24.93 -15.00
N SER C 195 -14.57 24.86 -15.71
CA SER C 195 -15.81 25.45 -15.25
C SER C 195 -16.39 24.63 -14.11
N ALA C 196 -17.38 25.19 -13.41
CA ALA C 196 -18.15 24.45 -12.42
C ALA C 196 -18.75 23.18 -13.05
N GLN C 197 -19.24 23.31 -14.29
CA GLN C 197 -19.88 22.22 -15.00
C GLN C 197 -18.88 21.08 -15.28
N ASP C 198 -17.71 21.43 -15.81
CA ASP C 198 -16.60 20.47 -15.94
C ASP C 198 -16.35 19.81 -14.61
N ALA C 199 -16.25 20.62 -13.56
CA ALA C 199 -15.90 20.11 -12.26
C ALA C 199 -16.88 19.03 -11.82
N LYS C 200 -18.18 19.25 -12.01
CA LYS C 200 -19.20 18.31 -11.58
C LYS C 200 -19.11 17.06 -12.44
N GLN C 201 -18.88 17.26 -13.74
CA GLN C 201 -18.79 16.14 -14.67
C GLN C 201 -17.63 15.23 -14.30
N ALA C 202 -16.50 15.85 -13.95
CA ALA C 202 -15.30 15.12 -13.52
C ALA C 202 -15.37 14.54 -12.10
N GLY C 203 -16.41 14.87 -11.34
CA GLY C 203 -16.53 14.44 -9.93
C GLY C 203 -15.71 15.22 -8.91
N LEU C 204 -15.18 16.38 -9.27
CA LEU C 204 -14.51 17.23 -8.29
C LEU C 204 -15.52 17.88 -7.33
N VAL C 205 -16.72 18.18 -7.85
CA VAL C 205 -17.81 18.76 -7.08
C VAL C 205 -19.05 17.87 -7.23
N SER C 206 -19.93 17.90 -6.23
CA SER C 206 -21.11 17.04 -6.27
C SER C 206 -22.41 17.75 -6.63
N LYS C 207 -22.46 19.08 -6.51
CA LYS C 207 -23.59 19.85 -7.01
C LYS C 207 -23.17 21.23 -7.50
N ILE C 208 -23.89 21.74 -8.51
CA ILE C 208 -23.83 23.12 -8.95
C ILE C 208 -25.11 23.89 -8.57
N CYS C 209 -24.97 25.13 -8.10
CA CYS C 209 -26.12 25.99 -7.80
C CYS C 209 -25.95 27.37 -8.42
N PRO C 210 -27.03 28.17 -8.44
CA PRO C 210 -26.89 29.57 -8.84
C PRO C 210 -26.08 30.35 -7.82
N VAL C 211 -25.24 31.25 -8.31
CA VAL C 211 -24.40 32.08 -7.46
C VAL C 211 -25.15 32.63 -6.26
N GLU C 212 -26.38 33.08 -6.50
CA GLU C 212 -27.18 33.80 -5.50
C GLU C 212 -27.43 32.96 -4.24
N THR C 213 -27.73 31.68 -4.42
CA THR C 213 -28.20 30.83 -3.33
C THR C 213 -27.24 29.71 -2.91
N LEU C 214 -26.01 29.72 -3.41
CA LEU C 214 -25.06 28.65 -3.15
C LEU C 214 -24.90 28.36 -1.66
N VAL C 215 -24.51 29.38 -0.92
CA VAL C 215 -24.24 29.27 0.51
C VAL C 215 -25.44 28.75 1.29
N GLU C 216 -26.65 29.11 0.86
CA GLU C 216 -27.85 28.64 1.56
C GLU C 216 -28.12 27.17 1.27
N GLU C 217 -27.85 26.75 0.03
CA GLU C 217 -28.00 25.36 -0.35
C GLU C 217 -26.91 24.51 0.27
N ALA C 218 -25.72 25.08 0.47
CA ALA C 218 -24.66 24.35 1.16
C ALA C 218 -25.02 24.15 2.63
N ILE C 219 -25.53 25.22 3.26
CA ILE C 219 -26.04 25.16 4.65
C ILE C 219 -27.14 24.10 4.82
N GLN C 220 -28.05 24.02 3.85
CA GLN C 220 -29.14 23.04 3.91
C GLN C 220 -28.58 21.61 3.92
N CYS C 221 -27.56 21.37 3.11
CA CYS C 221 -26.88 20.08 3.12
C CYS C 221 -26.24 19.82 4.48
N ALA C 222 -25.54 20.81 4.99
CA ALA C 222 -24.95 20.74 6.32
C ALA C 222 -26.02 20.47 7.38
N GLU C 223 -27.17 21.14 7.24
CA GLU C 223 -28.30 20.94 8.14
C GLU C 223 -28.79 19.49 8.24
N LYS C 224 -28.92 18.80 7.11
CA LYS C 224 -29.35 17.39 7.13
C LYS C 224 -28.37 16.57 7.94
N ILE C 225 -27.11 16.60 7.50
CA ILE C 225 -26.01 15.91 8.16
C ILE C 225 -26.01 16.13 9.67
N ALA C 226 -26.20 17.39 10.08
CA ALA C 226 -26.11 17.76 11.49
C ALA C 226 -27.24 17.21 12.36
N SER C 227 -28.36 16.83 11.73
CA SER C 227 -29.47 16.23 12.46
C SER C 227 -29.27 14.72 12.69
N ASN C 228 -28.26 14.13 12.05
CA ASN C 228 -27.90 12.73 12.32
C ASN C 228 -26.97 12.62 13.53
N SER C 229 -26.79 11.42 14.04
CA SER C 229 -25.93 11.20 15.21
C SER C 229 -24.49 11.65 14.91
N LYS C 230 -23.99 12.61 15.70
CA LYS C 230 -22.66 13.17 15.50
C LYS C 230 -21.58 12.12 15.65
N ILE C 231 -21.81 11.15 16.52
CA ILE C 231 -20.82 10.11 16.70
C ILE C 231 -20.78 9.19 15.49
N VAL C 232 -21.92 8.66 15.06
CA VAL C 232 -21.94 7.76 13.89
C VAL C 232 -21.55 8.45 12.58
N VAL C 233 -21.96 9.72 12.44
CA VAL C 233 -21.55 10.58 11.33
C VAL C 233 -20.01 10.68 11.23
N ALA C 234 -19.35 10.83 12.38
CA ALA C 234 -17.90 10.94 12.43
C ALA C 234 -17.24 9.62 12.00
N MET C 235 -17.76 8.51 12.49
CA MET C 235 -17.33 7.18 12.05
C MET C 235 -17.57 6.99 10.55
N ALA C 236 -18.68 7.51 10.03
CA ALA C 236 -19.00 7.41 8.61
C ALA C 236 -17.91 8.08 7.75
N LYS C 237 -17.61 9.34 8.08
CA LYS C 237 -16.58 10.12 7.43
C LYS C 237 -15.20 9.45 7.54
N GLU C 238 -14.85 9.02 8.73
CA GLU C 238 -13.58 8.33 8.97
C GLU C 238 -13.46 7.08 8.08
N SER C 239 -14.60 6.48 7.73
CA SER C 239 -14.61 5.28 6.88
C SER C 239 -14.41 5.64 5.40
N VAL C 240 -15.08 6.68 4.95
CA VAL C 240 -14.98 7.12 3.54
C VAL C 240 -13.57 7.62 3.20
N ASN C 241 -12.93 8.34 4.12
CA ASN C 241 -11.55 8.79 3.95
C ASN C 241 -10.56 7.64 3.88
N ALA C 242 -10.92 6.52 4.52
CA ALA C 242 -10.09 5.33 4.49
C ALA C 242 -9.94 4.78 3.07
N ALA C 243 -10.91 5.05 2.19
CA ALA C 243 -10.84 4.59 0.79
C ALA C 243 -9.59 5.06 0.02
N PHE C 244 -8.91 6.08 0.52
CA PHE C 244 -7.68 6.58 -0.10
C PHE C 244 -6.42 6.16 0.63
N GLU C 245 -6.58 5.51 1.79
CA GLU C 245 -5.44 5.19 2.64
C GLU C 245 -5.10 3.70 2.74
N MET C 246 -5.92 2.83 2.15
CA MET C 246 -5.69 1.39 2.21
C MET C 246 -6.25 0.66 0.99
N THR C 247 -5.83 -0.59 0.86
CA THR C 247 -6.44 -1.53 -0.08
C THR C 247 -7.92 -1.79 0.25
N LEU C 248 -8.67 -2.13 -0.79
CA LEU C 248 -10.11 -2.38 -0.65
C LEU C 248 -10.40 -3.51 0.35
N THR C 249 -9.53 -4.51 0.40
CA THR C 249 -9.68 -5.59 1.37
C THR C 249 -9.63 -5.05 2.79
N GLU C 250 -8.57 -4.33 3.12
CA GLU C 250 -8.44 -3.79 4.47
C GLU C 250 -9.48 -2.69 4.77
N GLY C 251 -9.80 -1.87 3.78
CA GLY C 251 -10.86 -0.89 3.90
C GLY C 251 -12.19 -1.51 4.29
N SER C 252 -12.53 -2.63 3.63
CA SER C 252 -13.71 -3.41 3.99
C SER C 252 -13.66 -3.91 5.42
N LYS C 253 -12.48 -4.34 5.87
CA LYS C 253 -12.32 -4.81 7.24
C LYS C 253 -12.47 -3.67 8.22
N LEU C 254 -11.89 -2.51 7.88
CA LEU C 254 -12.01 -1.32 8.72
C LEU C 254 -13.46 -0.88 8.82
N GLU C 255 -14.15 -0.88 7.69
CA GLU C 255 -15.55 -0.49 7.66
C GLU C 255 -16.37 -1.39 8.58
N LYS C 256 -16.05 -2.67 8.62
CA LYS C 256 -16.80 -3.62 9.44
C LYS C 256 -16.55 -3.33 10.90
N LYS C 257 -15.29 -3.08 11.25
CA LYS C 257 -14.96 -2.78 12.63
C LYS C 257 -15.74 -1.55 13.11
N LEU C 258 -15.80 -0.53 12.29
CA LEU C 258 -16.55 0.67 12.63
C LEU C 258 -18.03 0.34 12.65
N PHE C 259 -18.48 -0.47 11.70
CA PHE C 259 -19.88 -0.85 11.64
C PHE C 259 -20.31 -1.55 12.92
N TYR C 260 -19.54 -2.56 13.32
CA TYR C 260 -19.83 -3.26 14.57
C TYR C 260 -19.78 -2.30 15.75
N SER C 261 -18.83 -1.36 15.71
CA SER C 261 -18.70 -0.37 16.78
C SER C 261 -19.96 0.45 17.02
N THR C 262 -20.66 0.83 15.96
CA THR C 262 -21.92 1.58 16.12
C THR C 262 -22.87 0.89 17.08
N PHE C 263 -22.76 -0.44 17.18
CA PHE C 263 -23.67 -1.20 18.01
C PHE C 263 -23.42 -1.01 19.50
N ALA C 264 -22.30 -0.37 19.84
CA ALA C 264 -22.01 0.03 21.21
C ALA C 264 -22.55 1.43 21.55
N THR C 265 -23.28 2.07 20.62
CA THR C 265 -23.81 3.41 20.86
C THR C 265 -25.31 3.40 21.17
N ASP C 266 -25.76 4.45 21.86
CA ASP C 266 -27.18 4.65 22.16
C ASP C 266 -27.95 5.07 20.92
N ASP C 267 -27.31 5.90 20.09
CA ASP C 267 -27.95 6.43 18.89
C ASP C 267 -28.25 5.34 17.87
N ARG C 268 -27.39 4.33 17.78
CA ARG C 268 -27.60 3.25 16.82
C ARG C 268 -28.83 2.40 17.16
N LYS C 269 -29.08 2.20 18.45
CA LYS C 269 -30.31 1.55 18.89
C LYS C 269 -31.49 2.48 18.63
N GLU C 270 -31.37 3.73 19.06
CA GLU C 270 -32.42 4.74 18.91
C GLU C 270 -32.79 5.01 17.44
N GLY C 271 -31.82 4.85 16.54
CA GLY C 271 -32.07 5.01 15.12
C GLY C 271 -32.91 3.87 14.56
N MET C 272 -32.53 2.63 14.87
CA MET C 272 -33.20 1.45 14.31
C MET C 272 -34.58 1.23 14.93
N THR C 273 -34.68 1.45 16.23
CA THR C 273 -35.95 1.32 16.94
C THR C 273 -36.95 2.37 16.47
N ALA C 274 -36.46 3.58 16.17
CA ALA C 274 -37.30 4.64 15.60
C ALA C 274 -37.81 4.25 14.21
N PHE C 275 -36.96 3.60 13.43
CA PHE C 275 -37.35 3.12 12.10
C PHE C 275 -38.47 2.10 12.22
N VAL C 276 -38.20 1.00 12.91
CA VAL C 276 -39.16 -0.11 13.05
C VAL C 276 -40.52 0.42 13.51
N GLU C 277 -40.52 1.24 14.56
CA GLU C 277 -41.76 1.79 15.12
C GLU C 277 -42.37 2.88 14.23
N LYS C 278 -41.65 3.30 13.20
CA LYS C 278 -42.15 4.25 12.21
C LYS C 278 -42.38 5.64 12.83
N ARG C 279 -41.31 6.20 13.38
CA ARG C 279 -41.33 7.53 14.00
C ARG C 279 -39.99 8.23 13.80
N LYS C 280 -39.91 9.48 14.27
CA LYS C 280 -38.68 10.25 14.22
C LYS C 280 -37.69 9.72 15.26
N ALA C 281 -36.45 9.45 14.80
CA ALA C 281 -35.36 9.11 15.71
C ALA C 281 -34.89 10.37 16.44
N ASN C 282 -34.53 10.20 17.71
CA ASN C 282 -34.04 11.31 18.56
C ASN C 282 -32.59 11.05 19.04
N PHE C 283 -31.62 11.54 18.28
CA PHE C 283 -30.20 11.25 18.55
C PHE C 283 -29.67 12.17 19.63
N LYS C 284 -28.95 11.58 20.60
CA LYS C 284 -28.31 12.33 21.69
C LYS C 284 -26.77 12.34 21.54
N ASP C 285 -26.30 12.03 20.33
CA ASP C 285 -24.87 12.02 20.00
C ASP C 285 -24.04 11.12 20.93
N GLN C 286 -24.50 9.89 21.08
CA GLN C 286 -23.97 8.97 22.08
C GLN C 286 -24.28 7.52 21.70
N ALA D 27 34.20 -7.81 -23.10
CA ALA D 27 34.66 -6.49 -23.62
C ALA D 27 36.17 -6.26 -23.35
N ASN D 28 36.53 -5.10 -22.81
CA ASN D 28 37.86 -4.85 -22.26
C ASN D 28 37.70 -3.91 -21.05
N PHE D 29 37.28 -4.49 -19.93
CA PHE D 29 36.91 -3.73 -18.74
C PHE D 29 38.13 -3.17 -18.00
N GLU D 30 38.16 -1.86 -17.77
CA GLU D 30 39.26 -1.26 -17.04
C GLU D 30 38.99 -1.18 -15.52
N TYR D 31 37.72 -1.18 -15.10
CA TYR D 31 37.38 -1.08 -13.67
C TYR D 31 36.95 -2.40 -13.02
N ILE D 32 36.70 -3.46 -13.79
CA ILE D 32 36.24 -4.73 -13.20
C ILE D 32 36.89 -5.96 -13.84
N ILE D 33 36.62 -7.12 -13.25
CA ILE D 33 37.05 -8.41 -13.78
C ILE D 33 35.83 -9.33 -13.78
N ALA D 34 35.51 -9.91 -14.92
CA ALA D 34 34.35 -10.80 -15.04
C ALA D 34 34.78 -12.14 -15.60
N GLU D 35 34.47 -13.21 -14.89
CA GLU D 35 34.83 -14.57 -15.31
C GLU D 35 33.75 -15.54 -14.88
N LYS D 36 33.66 -16.66 -15.61
CA LYS D 36 32.75 -17.76 -15.24
C LYS D 36 33.49 -18.66 -14.25
N ARG D 37 32.75 -19.19 -13.28
CA ARG D 37 33.35 -19.94 -12.18
C ARG D 37 32.51 -21.13 -11.77
N GLY D 38 33.08 -21.98 -10.93
CA GLY D 38 32.43 -23.20 -10.45
C GLY D 38 32.78 -24.36 -11.35
N LYS D 39 32.54 -25.59 -10.85
CA LYS D 39 32.50 -26.77 -11.69
C LYS D 39 31.38 -26.51 -12.71
N ASN D 40 31.66 -26.82 -13.97
CA ASN D 40 30.73 -26.59 -15.09
C ASN D 40 30.48 -25.12 -15.48
N ASN D 41 31.26 -24.18 -14.94
CA ASN D 41 31.17 -22.75 -15.32
C ASN D 41 29.73 -22.24 -15.40
N THR D 42 28.93 -22.57 -14.39
CA THR D 42 27.53 -22.17 -14.33
C THR D 42 27.33 -20.93 -13.45
N VAL D 43 28.43 -20.33 -12.99
CA VAL D 43 28.35 -19.14 -12.15
C VAL D 43 29.23 -18.04 -12.72
N GLY D 44 28.69 -16.82 -12.73
CA GLY D 44 29.42 -15.66 -13.24
C GLY D 44 29.91 -14.77 -12.10
N LEU D 45 31.22 -14.56 -12.03
CA LEU D 45 31.81 -13.74 -10.99
C LEU D 45 32.11 -12.35 -11.52
N ILE D 46 31.66 -11.32 -10.80
CA ILE D 46 32.02 -9.93 -11.12
C ILE D 46 32.81 -9.34 -9.97
N GLN D 47 34.03 -8.93 -10.23
CA GLN D 47 34.90 -8.44 -9.17
C GLN D 47 35.18 -6.97 -9.42
N LEU D 48 34.71 -6.10 -8.54
CA LEU D 48 35.02 -4.68 -8.62
C LEU D 48 36.52 -4.50 -8.39
N ASN D 49 37.20 -3.80 -9.29
CA ASN D 49 38.65 -3.76 -9.30
C ASN D 49 39.22 -2.34 -9.43
N ARG D 50 38.88 -1.50 -8.45
CA ARG D 50 39.40 -0.15 -8.36
C ARG D 50 39.98 0.08 -6.95
N PRO D 51 41.02 -0.67 -6.59
CA PRO D 51 41.52 -0.68 -5.20
C PRO D 51 42.11 0.66 -4.75
N LYS D 52 42.76 1.40 -5.66
CA LYS D 52 43.27 2.73 -5.33
C LYS D 52 42.19 3.69 -4.80
N ALA D 53 40.92 3.39 -5.07
CA ALA D 53 39.81 4.21 -4.58
C ALA D 53 38.88 3.43 -3.65
N LEU D 54 39.35 2.26 -3.20
CA LEU D 54 38.52 1.31 -2.45
C LEU D 54 37.20 1.03 -3.16
N ASN D 55 37.27 0.74 -4.45
CA ASN D 55 36.09 0.40 -5.24
C ASN D 55 34.97 1.43 -5.12
N ALA D 56 35.33 2.71 -5.06
CA ALA D 56 34.31 3.76 -5.06
C ALA D 56 33.58 3.72 -6.38
N LEU D 57 32.27 3.90 -6.33
CA LEU D 57 31.40 3.52 -7.43
C LEU D 57 31.17 4.69 -8.35
N CYS D 58 32.20 5.06 -9.08
CA CYS D 58 32.08 6.12 -10.09
C CYS D 58 31.20 5.67 -11.26
N ASP D 59 30.69 6.63 -12.03
CA ASP D 59 29.84 6.31 -13.18
C ASP D 59 30.47 5.29 -14.13
N GLY D 60 31.77 5.43 -14.42
CA GLY D 60 32.50 4.48 -15.27
C GLY D 60 32.42 3.04 -14.79
N LEU D 61 32.62 2.86 -13.49
CA LEU D 61 32.60 1.53 -12.90
C LEU D 61 31.21 0.92 -12.98
N ILE D 62 30.17 1.73 -12.76
CA ILE D 62 28.80 1.23 -12.78
C ILE D 62 28.36 0.85 -14.19
N ASP D 63 28.80 1.62 -15.18
CA ASP D 63 28.49 1.32 -16.58
C ASP D 63 29.00 -0.10 -16.88
N GLU D 64 30.24 -0.37 -16.49
CA GLU D 64 30.85 -1.68 -16.75
C GLU D 64 30.17 -2.77 -15.95
N LEU D 65 29.91 -2.50 -14.68
CA LEU D 65 29.16 -3.46 -13.88
C LEU D 65 27.87 -3.81 -14.60
N ASN D 66 27.17 -2.79 -15.09
CA ASN D 66 25.91 -3.02 -15.79
C ASN D 66 26.11 -3.83 -17.06
N GLN D 67 27.20 -3.56 -17.80
CA GLN D 67 27.55 -4.36 -18.97
C GLN D 67 27.71 -5.85 -18.63
N ALA D 68 28.46 -6.14 -17.55
CA ALA D 68 28.76 -7.53 -17.18
C ALA D 68 27.51 -8.28 -16.75
N LEU D 69 26.65 -7.60 -16.00
CA LEU D 69 25.40 -8.18 -15.57
C LEU D 69 24.58 -8.62 -16.77
N LYS D 70 24.51 -7.75 -17.78
CA LYS D 70 23.73 -8.04 -18.99
C LYS D 70 24.20 -9.33 -19.70
N ILE D 71 25.51 -9.48 -19.92
CA ILE D 71 25.99 -10.66 -20.67
C ILE D 71 25.86 -11.96 -19.85
N PHE D 72 26.06 -11.91 -18.54
CA PHE D 72 25.75 -13.06 -17.69
C PHE D 72 24.24 -13.35 -17.62
N GLU D 73 23.43 -12.29 -17.68
CA GLU D 73 21.97 -12.42 -17.73
C GLU D 73 21.55 -13.13 -19.02
N GLU D 74 22.24 -12.82 -20.12
CA GLU D 74 21.90 -13.39 -21.43
C GLU D 74 22.50 -14.78 -21.67
N ASP D 75 23.67 -15.03 -21.09
CA ASP D 75 24.35 -16.32 -21.22
C ASP D 75 23.52 -17.48 -20.66
N PRO D 76 23.17 -18.46 -21.49
CA PRO D 76 22.27 -19.52 -21.01
C PRO D 76 22.92 -20.53 -20.03
N ALA D 77 24.24 -20.63 -20.05
CA ALA D 77 24.95 -21.51 -19.12
C ALA D 77 24.94 -20.97 -17.68
N VAL D 78 24.87 -19.65 -17.52
CA VAL D 78 25.02 -19.01 -16.21
C VAL D 78 23.71 -18.93 -15.46
N GLY D 79 23.68 -19.52 -14.27
CA GLY D 79 22.44 -19.58 -13.47
C GLY D 79 22.43 -18.73 -12.21
N ALA D 80 23.58 -18.14 -11.88
CA ALA D 80 23.70 -17.27 -10.72
C ALA D 80 24.98 -16.44 -10.85
N ILE D 81 24.97 -15.25 -10.26
CA ILE D 81 26.06 -14.30 -10.34
C ILE D 81 26.61 -14.00 -8.95
N VAL D 82 27.93 -13.84 -8.84
CA VAL D 82 28.55 -13.40 -7.59
C VAL D 82 29.27 -12.08 -7.78
N LEU D 83 28.90 -11.08 -6.99
CA LEU D 83 29.55 -9.78 -7.01
C LEU D 83 30.47 -9.61 -5.79
N THR D 84 31.76 -9.34 -6.03
CA THR D 84 32.71 -9.04 -4.93
C THR D 84 33.56 -7.85 -5.28
N GLY D 85 34.28 -7.33 -4.30
CA GLY D 85 35.40 -6.42 -4.52
C GLY D 85 36.68 -7.11 -4.13
N GLY D 86 37.57 -6.37 -3.46
CA GLY D 86 38.79 -6.96 -2.92
C GLY D 86 38.66 -7.31 -1.45
N ASP D 87 39.78 -7.73 -0.86
CA ASP D 87 39.81 -8.12 0.54
C ASP D 87 39.70 -6.89 1.45
N LYS D 88 40.32 -5.78 1.05
CA LYS D 88 40.22 -4.58 1.85
C LYS D 88 38.83 -3.93 1.75
N ALA D 89 38.18 -4.10 0.61
CA ALA D 89 36.97 -3.34 0.30
C ALA D 89 36.08 -3.99 -0.76
N PHE D 90 34.80 -4.13 -0.42
CA PHE D 90 33.77 -4.45 -1.38
C PHE D 90 33.58 -3.19 -2.21
N ALA D 91 33.14 -2.12 -1.56
CA ALA D 91 33.11 -0.78 -2.14
C ALA D 91 33.00 0.22 -1.02
N ALA D 92 33.73 1.33 -1.13
CA ALA D 92 33.75 2.32 -0.04
C ALA D 92 32.63 3.36 -0.11
N GLY D 93 31.80 3.28 -1.16
CA GLY D 93 30.72 4.23 -1.35
C GLY D 93 30.68 4.81 -2.75
N ALA D 94 29.66 5.64 -2.99
CA ALA D 94 29.59 6.44 -4.21
C ALA D 94 30.81 7.34 -4.27
N ASP D 95 31.19 7.76 -5.46
CA ASP D 95 32.44 8.53 -5.66
C ASP D 95 32.26 9.99 -5.28
N ILE D 96 32.77 10.35 -4.11
CA ILE D 96 32.52 11.66 -3.53
C ILE D 96 33.21 12.79 -4.31
N LYS D 97 34.26 12.48 -5.06
CA LYS D 97 34.90 13.47 -5.94
C LYS D 97 34.00 13.80 -7.13
N GLU D 98 33.23 12.82 -7.61
CA GLU D 98 32.31 13.08 -8.71
C GLU D 98 31.07 13.84 -8.25
N MET D 99 30.62 13.60 -7.02
CA MET D 99 29.43 14.26 -6.50
C MET D 99 29.68 15.69 -6.01
N GLN D 100 30.94 16.06 -5.80
CA GLN D 100 31.27 17.32 -5.12
C GLN D 100 30.64 18.57 -5.72
N ASN D 101 30.79 18.74 -7.03
CA ASN D 101 30.41 19.97 -7.72
C ASN D 101 28.98 19.96 -8.30
N LEU D 102 28.19 18.93 -7.99
CA LEU D 102 26.82 18.84 -8.51
C LEU D 102 25.87 19.78 -7.80
N SER D 103 25.03 20.48 -8.57
CA SER D 103 23.94 21.28 -8.03
C SER D 103 22.69 20.41 -7.85
N PHE D 104 21.66 20.97 -7.22
CA PHE D 104 20.35 20.32 -7.14
C PHE D 104 19.78 20.04 -8.53
N GLN D 105 19.95 21.01 -9.44
CA GLN D 105 19.38 20.90 -10.78
C GLN D 105 20.01 19.73 -11.51
N ASP D 106 21.35 19.71 -11.54
CA ASP D 106 22.11 18.63 -12.16
C ASP D 106 21.59 17.24 -11.73
N CYS D 107 21.42 17.06 -10.43
CA CYS D 107 21.02 15.76 -9.88
C CYS D 107 19.70 15.29 -10.42
N TYR D 108 18.68 16.14 -10.27
CA TYR D 108 17.31 15.82 -10.60
C TYR D 108 17.16 15.57 -12.10
N SER D 109 17.78 16.45 -12.90
CA SER D 109 17.67 16.35 -14.36
C SER D 109 18.50 15.21 -14.93
N SER D 110 19.59 14.86 -14.27
CA SER D 110 20.46 13.79 -14.73
C SER D 110 20.03 12.42 -14.19
N LYS D 111 18.98 12.40 -13.38
CA LYS D 111 18.48 11.19 -12.74
C LYS D 111 19.63 10.42 -12.09
N PHE D 112 20.46 11.18 -11.36
CA PHE D 112 21.69 10.66 -10.76
C PHE D 112 21.43 9.41 -9.89
N LEU D 113 22.32 8.42 -10.03
CA LEU D 113 22.22 7.11 -9.37
C LEU D 113 21.14 6.18 -9.95
N LYS D 114 20.38 6.65 -10.94
CA LYS D 114 19.33 5.82 -11.54
C LYS D 114 19.92 4.57 -12.22
N HIS D 115 21.10 4.72 -12.83
CA HIS D 115 21.83 3.61 -13.45
C HIS D 115 22.26 2.50 -12.47
N TRP D 116 22.32 2.79 -11.18
CA TRP D 116 22.64 1.77 -10.18
C TRP D 116 21.57 0.69 -10.06
N ASP D 117 20.33 1.03 -10.42
CA ASP D 117 19.18 0.15 -10.23
C ASP D 117 19.12 -1.04 -11.19
N HIS D 118 19.92 -1.05 -12.26
CA HIS D 118 19.87 -2.13 -13.22
CA HIS D 118 19.92 -2.14 -13.22
C HIS D 118 20.08 -3.51 -12.56
N LEU D 119 20.89 -3.54 -11.50
CA LEU D 119 21.11 -4.78 -10.77
C LEU D 119 19.79 -5.35 -10.23
N THR D 120 18.85 -4.48 -9.86
CA THR D 120 17.53 -4.93 -9.40
C THR D 120 16.63 -5.44 -10.54
N GLN D 121 17.08 -5.33 -11.79
CA GLN D 121 16.30 -5.81 -12.94
C GLN D 121 16.76 -7.20 -13.42
N VAL D 122 17.81 -7.76 -12.82
CA VAL D 122 18.31 -9.06 -13.28
C VAL D 122 17.39 -10.17 -12.78
N LYS D 123 17.05 -11.08 -13.69
CA LYS D 123 16.13 -12.17 -13.39
C LYS D 123 16.86 -13.33 -12.68
N LYS D 124 18.13 -13.56 -13.03
CA LYS D 124 18.94 -14.57 -12.32
C LYS D 124 19.35 -14.05 -10.94
N PRO D 125 19.57 -14.95 -9.98
CA PRO D 125 20.03 -14.52 -8.65
C PRO D 125 21.44 -13.97 -8.62
N VAL D 126 21.63 -12.98 -7.74
CA VAL D 126 22.93 -12.35 -7.50
C VAL D 126 23.30 -12.38 -6.03
N ILE D 127 24.49 -12.90 -5.74
CA ILE D 127 24.97 -13.05 -4.38
C ILE D 127 26.10 -12.08 -4.13
N ALA D 128 25.98 -11.20 -3.14
CA ALA D 128 27.09 -10.30 -2.79
C ALA D 128 28.02 -10.99 -1.80
N ALA D 129 29.31 -11.06 -2.15
CA ALA D 129 30.33 -11.59 -1.22
C ALA D 129 31.15 -10.43 -0.67
N VAL D 130 30.82 -9.98 0.53
CA VAL D 130 31.39 -8.73 1.06
C VAL D 130 32.58 -8.97 1.97
N ASN D 131 33.77 -8.57 1.53
CA ASN D 131 34.96 -8.56 2.38
C ASN D 131 35.34 -7.11 2.71
N GLY D 132 35.78 -6.87 3.95
CA GLY D 132 36.21 -5.55 4.36
C GLY D 132 35.10 -4.51 4.24
N TYR D 133 35.45 -3.32 3.77
CA TYR D 133 34.53 -2.17 3.80
C TYR D 133 33.36 -2.30 2.83
N ALA D 134 32.14 -2.19 3.33
CA ALA D 134 30.96 -1.91 2.49
C ALA D 134 30.23 -0.69 3.06
N PHE D 135 30.62 0.51 2.65
CA PHE D 135 30.13 1.78 3.23
C PHE D 135 29.29 2.62 2.26
N GLY D 136 28.18 3.13 2.77
CA GLY D 136 27.28 3.94 1.95
C GLY D 136 26.81 3.20 0.72
N GLY D 137 27.27 3.65 -0.44
CA GLY D 137 26.88 3.07 -1.73
C GLY D 137 27.34 1.64 -1.89
N GLY D 138 28.44 1.29 -1.23
CA GLY D 138 28.96 -0.07 -1.22
C GLY D 138 27.97 -0.99 -0.53
N CYS D 139 27.44 -0.50 0.59
CA CYS D 139 26.47 -1.25 1.36
C CYS D 139 25.12 -1.30 0.64
N GLU D 140 24.78 -0.22 -0.06
CA GLU D 140 23.53 -0.19 -0.84
C GLU D 140 23.54 -1.17 -1.99
N LEU D 141 24.66 -1.23 -2.69
CA LEU D 141 24.84 -2.18 -3.78
C LEU D 141 24.69 -3.64 -3.30
N ALA D 142 25.32 -3.96 -2.18
CA ALA D 142 25.23 -5.30 -1.62
C ALA D 142 23.81 -5.64 -1.18
N MET D 143 23.08 -4.63 -0.72
CA MET D 143 21.69 -4.82 -0.29
C MET D 143 20.74 -4.99 -1.46
N MET D 144 21.14 -4.56 -2.65
CA MET D 144 20.37 -4.79 -3.87
C MET D 144 20.48 -6.23 -4.37
N CYS D 145 21.56 -6.91 -3.99
CA CYS D 145 21.71 -8.31 -4.31
C CYS D 145 20.72 -9.14 -3.48
N ASP D 146 20.48 -10.37 -3.89
CA ASP D 146 19.46 -11.22 -3.29
C ASP D 146 19.94 -11.86 -1.98
N ILE D 147 21.21 -12.27 -1.96
CA ILE D 147 21.82 -12.89 -0.81
C ILE D 147 23.12 -12.17 -0.53
N ILE D 148 23.43 -11.94 0.75
CA ILE D 148 24.74 -11.40 1.15
C ILE D 148 25.52 -12.39 2.02
N TYR D 149 26.72 -12.73 1.56
CA TYR D 149 27.69 -13.49 2.33
C TYR D 149 28.75 -12.49 2.76
N ALA D 150 29.06 -12.43 4.05
CA ALA D 150 30.08 -11.49 4.57
C ALA D 150 31.31 -12.21 5.09
N GLY D 151 32.47 -11.59 4.93
CA GLY D 151 33.72 -12.10 5.51
C GLY D 151 33.84 -11.74 6.98
N GLU D 152 34.64 -12.51 7.73
CA GLU D 152 34.78 -12.27 9.17
C GLU D 152 35.12 -10.84 9.54
N LYS D 153 35.89 -10.15 8.70
CA LYS D 153 36.34 -8.76 8.96
C LYS D 153 35.59 -7.67 8.18
N ALA D 154 34.44 -8.00 7.60
CA ALA D 154 33.68 -7.04 6.84
C ALA D 154 33.01 -6.03 7.76
N GLN D 155 32.79 -4.82 7.24
CA GLN D 155 32.11 -3.77 8.01
C GLN D 155 31.08 -3.08 7.14
N PHE D 156 29.88 -2.91 7.70
CA PHE D 156 28.79 -2.26 7.02
C PHE D 156 28.51 -0.91 7.66
N ALA D 157 28.27 0.09 6.81
CA ALA D 157 27.96 1.43 7.28
C ALA D 157 27.22 2.26 6.23
N GLN D 158 26.42 3.21 6.73
CA GLN D 158 25.81 4.24 5.90
C GLN D 158 26.26 5.58 6.44
N PRO D 159 27.51 5.98 6.11
CA PRO D 159 28.11 7.21 6.62
C PRO D 159 27.85 8.50 5.82
N GLU D 160 26.94 8.45 4.86
CA GLU D 160 26.57 9.63 4.07
C GLU D 160 26.35 10.90 4.92
N ILE D 161 25.72 10.77 6.07
CA ILE D 161 25.43 11.91 6.97
C ILE D 161 26.67 12.74 7.33
N LEU D 162 27.83 12.08 7.42
CA LEU D 162 29.10 12.74 7.72
C LEU D 162 29.74 13.48 6.53
N ILE D 163 29.11 13.42 5.36
CA ILE D 163 29.51 14.27 4.24
C ILE D 163 28.31 15.10 3.80
N GLY D 164 27.35 15.25 4.70
CA GLY D 164 26.21 16.12 4.48
C GLY D 164 25.14 15.67 3.51
N THR D 165 25.04 14.36 3.23
CA THR D 165 23.93 13.80 2.43
C THR D 165 23.24 12.69 3.21
N ILE D 166 22.20 12.15 2.60
CA ILE D 166 21.60 10.93 3.04
C ILE D 166 21.92 9.84 2.00
N PRO D 167 21.71 8.57 2.35
CA PRO D 167 21.91 7.51 1.36
C PRO D 167 20.83 7.58 0.32
N GLY D 168 21.18 7.49 -0.95
CA GLY D 168 20.19 7.64 -2.02
C GLY D 168 20.12 6.52 -3.03
N ALA D 169 20.54 5.31 -2.65
CA ALA D 169 20.38 4.16 -3.52
C ALA D 169 19.82 2.98 -2.72
N GLY D 170 18.82 3.27 -1.87
CA GLY D 170 18.11 2.26 -1.09
C GLY D 170 18.67 2.05 0.29
N GLY D 171 19.60 2.91 0.69
CA GLY D 171 20.29 2.72 1.95
C GLY D 171 19.44 3.02 3.17
N THR D 172 18.37 3.78 2.98
CA THR D 172 17.43 4.03 4.06
C THR D 172 16.33 3.00 4.02
N GLN D 173 16.15 2.35 2.88
CA GLN D 173 14.96 1.54 2.66
C GLN D 173 15.19 0.05 2.84
N ARG D 174 16.25 -0.48 2.25
CA ARG D 174 16.53 -1.91 2.41
C ARG D 174 17.12 -2.21 3.79
N LEU D 175 18.08 -1.40 4.19
CA LEU D 175 18.69 -1.52 5.49
C LEU D 175 17.61 -1.60 6.59
N THR D 176 16.78 -0.58 6.65
CA THR D 176 15.69 -0.54 7.62
C THR D 176 14.89 -1.83 7.59
N ARG D 177 14.52 -2.26 6.40
CA ARG D 177 13.69 -3.45 6.25
C ARG D 177 14.37 -4.74 6.73
N ALA D 178 15.69 -4.82 6.62
CA ALA D 178 16.44 -6.00 7.08
C ALA D 178 16.68 -6.00 8.61
N VAL D 179 17.00 -4.81 9.14
CA VAL D 179 17.68 -4.67 10.42
C VAL D 179 16.76 -4.14 11.54
N GLY D 180 15.67 -3.46 11.18
CA GLY D 180 14.76 -2.84 12.13
C GLY D 180 14.98 -1.33 12.32
N LYS D 181 13.97 -0.63 12.80
CA LYS D 181 14.06 0.81 12.95
C LYS D 181 15.28 1.26 13.78
N SER D 182 15.39 0.71 14.99
CA SER D 182 16.38 1.22 15.95
C SER D 182 17.79 1.22 15.41
N LEU D 183 18.21 0.12 14.79
CA LEU D 183 19.59 0.01 14.30
C LEU D 183 19.80 0.82 13.01
N ALA D 184 18.83 0.77 12.10
CA ALA D 184 18.84 1.64 10.92
C ALA D 184 19.00 3.12 11.29
N MET D 185 18.11 3.61 12.16
CA MET D 185 18.16 5.00 12.59
C MET D 185 19.53 5.28 13.16
N GLU D 186 20.03 4.35 13.98
CA GLU D 186 21.34 4.54 14.59
C GLU D 186 22.43 4.65 13.53
N MET D 187 22.48 3.70 12.59
CA MET D 187 23.51 3.68 11.55
C MET D 187 23.48 4.90 10.63
N VAL D 188 22.28 5.31 10.22
CA VAL D 188 22.13 6.38 9.24
C VAL D 188 22.37 7.78 9.85
N LEU D 189 21.89 7.98 11.09
CA LEU D 189 22.04 9.27 11.76
C LEU D 189 23.42 9.52 12.41
N THR D 190 24.20 8.47 12.69
CA THR D 190 25.52 8.65 13.29
C THR D 190 26.65 8.36 12.30
N GLY D 191 26.41 7.47 11.34
CA GLY D 191 27.44 6.99 10.42
C GLY D 191 28.28 5.83 10.99
N ASP D 192 27.94 5.35 12.18
CA ASP D 192 28.70 4.28 12.83
C ASP D 192 28.60 2.97 12.08
N ARG D 193 29.68 2.21 12.15
CA ARG D 193 29.82 0.99 11.36
C ARG D 193 29.47 -0.23 12.21
N ILE D 194 29.11 -1.32 11.55
CA ILE D 194 28.83 -2.56 12.25
C ILE D 194 29.65 -3.70 11.68
N SER D 195 29.80 -4.75 12.46
CA SER D 195 30.61 -5.91 12.08
C SER D 195 29.76 -6.94 11.34
N ALA D 196 30.43 -7.92 10.76
CA ALA D 196 29.78 -9.04 10.08
C ALA D 196 28.85 -9.80 11.03
N GLN D 197 29.30 -9.92 12.28
CA GLN D 197 28.57 -10.63 13.32
C GLN D 197 27.29 -9.86 13.71
N ASP D 198 27.44 -8.55 13.94
CA ASP D 198 26.29 -7.66 14.14
C ASP D 198 25.32 -7.80 12.96
N ALA D 199 25.86 -7.74 11.75
CA ALA D 199 25.03 -7.78 10.54
C ALA D 199 24.31 -9.10 10.36
N LYS D 200 24.97 -10.22 10.71
CA LYS D 200 24.35 -11.54 10.65
C LYS D 200 23.23 -11.61 11.68
N GLN D 201 23.54 -11.12 12.88
CA GLN D 201 22.58 -11.11 13.97
C GLN D 201 21.34 -10.33 13.54
N ALA D 202 21.53 -9.13 12.99
CA ALA D 202 20.41 -8.27 12.54
C ALA D 202 19.68 -8.82 11.31
N GLY D 203 20.27 -9.77 10.60
CA GLY D 203 19.64 -10.36 9.42
C GLY D 203 19.92 -9.62 8.11
N LEU D 204 20.95 -8.77 8.09
CA LEU D 204 21.39 -8.14 6.85
C LEU D 204 22.14 -9.14 5.97
N VAL D 205 22.87 -10.07 6.59
CA VAL D 205 23.62 -11.07 5.85
C VAL D 205 23.25 -12.44 6.39
N SER D 206 23.25 -13.45 5.53
CA SER D 206 22.80 -14.79 5.93
C SER D 206 23.94 -15.79 6.26
N LYS D 207 25.20 -15.43 6.00
CA LYS D 207 26.34 -16.27 6.38
C LYS D 207 27.61 -15.46 6.63
N ILE D 208 28.41 -15.90 7.59
CA ILE D 208 29.74 -15.34 7.84
C ILE D 208 30.82 -16.37 7.47
N CYS D 209 31.82 -15.94 6.72
CA CYS D 209 32.88 -16.84 6.24
C CYS D 209 34.24 -16.30 6.59
N PRO D 210 35.25 -17.20 6.67
CA PRO D 210 36.62 -16.69 6.77
C PRO D 210 36.96 -15.80 5.58
N VAL D 211 37.90 -14.88 5.77
CA VAL D 211 38.28 -13.93 4.72
C VAL D 211 38.76 -14.64 3.46
N GLU D 212 39.54 -15.71 3.63
CA GLU D 212 40.22 -16.36 2.52
C GLU D 212 39.34 -17.29 1.67
N THR D 213 38.20 -17.73 2.19
CA THR D 213 37.35 -18.67 1.45
C THR D 213 35.92 -18.17 1.23
N LEU D 214 35.71 -16.88 1.46
CA LEU D 214 34.42 -16.25 1.28
C LEU D 214 33.90 -16.40 -0.15
N VAL D 215 34.74 -16.05 -1.11
CA VAL D 215 34.31 -16.00 -2.51
C VAL D 215 33.99 -17.38 -3.03
N GLU D 216 34.85 -18.34 -2.70
CA GLU D 216 34.62 -19.74 -3.06
C GLU D 216 33.33 -20.26 -2.40
N GLU D 217 33.15 -19.96 -1.11
CA GLU D 217 31.93 -20.33 -0.39
C GLU D 217 30.69 -19.74 -1.05
N ALA D 218 30.79 -18.48 -1.50
CA ALA D 218 29.70 -17.83 -2.22
C ALA D 218 29.45 -18.52 -3.55
N ILE D 219 30.51 -18.80 -4.30
CA ILE D 219 30.41 -19.58 -5.54
C ILE D 219 29.67 -20.91 -5.33
N GLN D 220 29.92 -21.56 -4.20
CA GLN D 220 29.28 -22.84 -3.88
C GLN D 220 27.77 -22.69 -3.59
N CYS D 221 27.36 -21.53 -3.08
CA CYS D 221 25.93 -21.24 -2.93
C CYS D 221 25.31 -21.00 -4.31
N ALA D 222 26.01 -20.23 -5.14
CA ALA D 222 25.62 -19.98 -6.54
C ALA D 222 25.50 -21.26 -7.35
N GLU D 223 26.46 -22.16 -7.15
CA GLU D 223 26.52 -23.43 -7.85
C GLU D 223 25.22 -24.18 -7.59
N LYS D 224 24.85 -24.31 -6.32
CA LYS D 224 23.62 -24.99 -5.92
C LYS D 224 22.37 -24.35 -6.53
N ILE D 225 22.29 -23.02 -6.48
CA ILE D 225 21.20 -22.27 -7.13
C ILE D 225 21.15 -22.57 -8.63
N ALA D 226 22.33 -22.68 -9.25
CA ALA D 226 22.44 -22.94 -10.69
C ALA D 226 22.04 -24.38 -11.08
N SER D 227 22.05 -25.31 -10.13
CA SER D 227 21.59 -26.69 -10.37
C SER D 227 20.11 -26.76 -10.72
N ASN D 228 19.33 -25.82 -10.18
CA ASN D 228 17.89 -25.85 -10.36
C ASN D 228 17.48 -25.16 -11.65
N SER D 229 16.19 -25.30 -12.01
CA SER D 229 15.62 -24.72 -13.23
C SER D 229 15.65 -23.20 -13.20
N LYS D 230 16.22 -22.61 -14.24
CA LYS D 230 16.40 -21.16 -14.32
C LYS D 230 15.08 -20.40 -14.38
N ILE D 231 14.09 -21.00 -15.02
CA ILE D 231 12.79 -20.35 -15.13
C ILE D 231 12.08 -20.36 -13.76
N VAL D 232 12.02 -21.52 -13.10
CA VAL D 232 11.37 -21.60 -11.79
C VAL D 232 12.15 -20.78 -10.74
N VAL D 233 13.48 -20.76 -10.84
CA VAL D 233 14.31 -19.93 -9.96
C VAL D 233 14.00 -18.43 -10.15
N ALA D 234 13.79 -18.01 -11.40
CA ALA D 234 13.43 -16.63 -11.69
C ALA D 234 12.08 -16.26 -11.07
N MET D 235 11.13 -17.18 -11.13
CA MET D 235 9.82 -17.01 -10.49
C MET D 235 9.97 -16.95 -8.96
N ALA D 236 10.68 -17.91 -8.40
CA ALA D 236 10.99 -17.93 -6.97
C ALA D 236 11.50 -16.56 -6.48
N LYS D 237 12.57 -16.09 -7.10
CA LYS D 237 13.16 -14.79 -6.78
C LYS D 237 12.14 -13.65 -6.91
N GLU D 238 11.37 -13.70 -7.98
CA GLU D 238 10.36 -12.68 -8.22
C GLU D 238 9.28 -12.69 -7.12
N SER D 239 8.93 -13.87 -6.65
CA SER D 239 7.96 -14.02 -5.55
C SER D 239 8.43 -13.43 -4.21
N VAL D 240 9.67 -13.75 -3.85
CA VAL D 240 10.29 -13.25 -2.62
C VAL D 240 10.45 -11.72 -2.63
N ASN D 241 10.84 -11.14 -3.76
CA ASN D 241 10.90 -9.69 -3.90
C ASN D 241 9.54 -9.01 -3.73
N ALA D 242 8.47 -9.74 -4.01
CA ALA D 242 7.12 -9.21 -3.87
C ALA D 242 6.78 -8.94 -2.41
N ALA D 243 7.47 -9.61 -1.49
CA ALA D 243 7.21 -9.39 -0.07
C ALA D 243 7.35 -7.94 0.37
N PHE D 244 8.14 -7.15 -0.36
CA PHE D 244 8.40 -5.75 0.00
C PHE D 244 7.57 -4.75 -0.80
N GLU D 245 6.68 -5.23 -1.65
CA GLU D 245 5.90 -4.37 -2.56
C GLU D 245 4.37 -4.50 -2.40
N MET D 246 3.92 -5.39 -1.52
CA MET D 246 2.50 -5.67 -1.44
C MET D 246 2.09 -5.96 -0.02
N THR D 247 0.81 -5.88 0.25
CA THR D 247 0.28 -6.44 1.47
C THR D 247 0.43 -7.96 1.40
N LEU D 248 0.53 -8.59 2.56
CA LEU D 248 0.62 -10.04 2.63
C LEU D 248 -0.52 -10.75 1.87
N THR D 249 -1.71 -10.16 1.84
CA THR D 249 -2.84 -10.80 1.13
C THR D 249 -2.59 -10.87 -0.38
N GLU D 250 -2.17 -9.76 -0.96
CA GLU D 250 -1.88 -9.71 -2.38
C GLU D 250 -0.63 -10.48 -2.71
N GLY D 251 0.36 -10.45 -1.83
CA GLY D 251 1.57 -11.23 -2.02
C GLY D 251 1.32 -12.73 -2.12
N SER D 252 0.30 -13.22 -1.42
CA SER D 252 -0.03 -14.62 -1.46
C SER D 252 -0.73 -15.00 -2.75
N LYS D 253 -1.62 -14.12 -3.24
CA LYS D 253 -2.29 -14.36 -4.51
C LYS D 253 -1.29 -14.28 -5.67
N LEU D 254 -0.28 -13.41 -5.56
CA LEU D 254 0.78 -13.37 -6.56
C LEU D 254 1.57 -14.67 -6.50
N GLU D 255 1.92 -15.11 -5.29
CA GLU D 255 2.63 -16.35 -5.09
C GLU D 255 1.85 -17.54 -5.69
N LYS D 256 0.55 -17.65 -5.36
CA LYS D 256 -0.30 -18.72 -5.92
C LYS D 256 -0.24 -18.73 -7.44
N LYS D 257 -0.35 -17.56 -8.05
CA LYS D 257 -0.35 -17.45 -9.51
C LYS D 257 0.97 -17.89 -10.14
N LEU D 258 2.09 -17.48 -9.54
CA LEU D 258 3.40 -17.96 -9.95
C LEU D 258 3.54 -19.47 -9.76
N PHE D 259 3.03 -19.96 -8.63
CA PHE D 259 3.02 -21.39 -8.32
C PHE D 259 2.29 -22.18 -9.41
N TYR D 260 1.13 -21.70 -9.82
CA TYR D 260 0.37 -22.29 -10.92
C TYR D 260 1.14 -22.20 -12.22
N SER D 261 1.69 -21.04 -12.49
CA SER D 261 2.52 -20.83 -13.66
C SER D 261 3.58 -21.91 -13.85
N THR D 262 4.13 -22.43 -12.75
CA THR D 262 5.17 -23.46 -12.82
C THR D 262 4.65 -24.79 -13.38
N PHE D 263 3.38 -25.08 -13.14
CA PHE D 263 2.71 -26.23 -13.75
C PHE D 263 2.56 -26.11 -15.28
N ALA D 264 3.01 -25.00 -15.84
CA ALA D 264 3.06 -24.82 -17.29
C ALA D 264 4.46 -25.08 -17.85
N THR D 265 5.43 -25.42 -16.98
CA THR D 265 6.81 -25.65 -17.46
C THR D 265 7.12 -27.14 -17.56
N ASP D 266 8.07 -27.46 -18.46
CA ASP D 266 8.67 -28.79 -18.52
C ASP D 266 9.28 -29.16 -17.16
N ASP D 267 10.08 -28.24 -16.60
CA ASP D 267 10.91 -28.53 -15.43
C ASP D 267 10.16 -28.90 -14.16
N ARG D 268 8.92 -28.47 -14.03
CA ARG D 268 8.13 -28.83 -12.86
C ARG D 268 7.62 -30.29 -12.90
N LYS D 269 7.17 -30.74 -14.07
CA LYS D 269 6.77 -32.14 -14.23
C LYS D 269 7.98 -33.04 -14.05
N GLU D 270 9.06 -32.70 -14.73
CA GLU D 270 10.32 -33.43 -14.62
C GLU D 270 10.74 -33.49 -13.16
N GLY D 271 10.78 -32.33 -12.53
CA GLY D 271 11.19 -32.21 -11.13
C GLY D 271 10.37 -33.05 -10.17
N MET D 272 9.06 -33.06 -10.37
CA MET D 272 8.16 -33.85 -9.51
C MET D 272 8.17 -35.34 -9.85
N THR D 273 8.21 -35.68 -11.13
CA THR D 273 8.30 -37.08 -11.54
C THR D 273 9.67 -37.71 -11.13
N ALA D 274 10.72 -36.90 -11.07
CA ALA D 274 12.03 -37.35 -10.60
C ALA D 274 12.06 -37.64 -9.10
N PHE D 275 11.28 -36.88 -8.33
CA PHE D 275 11.16 -37.11 -6.89
C PHE D 275 10.42 -38.43 -6.64
N VAL D 276 9.25 -38.58 -7.26
CA VAL D 276 8.42 -39.78 -7.10
C VAL D 276 9.19 -41.06 -7.46
N GLU D 277 10.01 -40.97 -8.51
CA GLU D 277 10.82 -42.11 -8.98
C GLU D 277 12.16 -42.22 -8.24
N LYS D 278 12.39 -41.35 -7.27
CA LYS D 278 13.59 -41.39 -6.41
C LYS D 278 14.85 -41.34 -7.26
N ARG D 279 14.89 -40.41 -8.22
CA ARG D 279 16.06 -40.22 -9.08
C ARG D 279 16.47 -38.75 -9.19
N LYS D 280 17.57 -38.52 -9.89
CA LYS D 280 18.09 -37.16 -10.14
C LYS D 280 17.32 -36.51 -11.29
N ALA D 281 16.69 -35.37 -11.00
CA ALA D 281 16.05 -34.54 -12.02
C ALA D 281 17.08 -33.94 -12.97
N ASN D 282 16.69 -33.79 -14.24
CA ASN D 282 17.51 -33.12 -15.25
C ASN D 282 16.75 -31.92 -15.83
N PHE D 283 17.01 -30.74 -15.28
CA PHE D 283 16.26 -29.53 -15.66
C PHE D 283 16.74 -28.92 -16.97
N LYS D 284 15.79 -28.38 -17.74
CA LYS D 284 16.04 -27.82 -19.07
C LYS D 284 15.79 -26.30 -19.13
N ASP D 285 15.55 -25.70 -17.96
CA ASP D 285 15.32 -24.26 -17.84
C ASP D 285 14.12 -23.84 -18.70
N GLN D 286 13.04 -24.62 -18.57
CA GLN D 286 11.91 -24.59 -19.50
C GLN D 286 10.69 -25.26 -18.86
N ALA E 27 -31.78 -26.26 -5.99
CA ALA E 27 -33.08 -26.83 -6.47
C ALA E 27 -34.25 -25.87 -6.16
N ASN E 28 -35.00 -26.15 -5.09
CA ASN E 28 -36.17 -25.34 -4.72
C ASN E 28 -35.76 -24.08 -3.94
N PHE E 29 -36.35 -22.93 -4.28
CA PHE E 29 -36.03 -21.64 -3.63
C PHE E 29 -37.31 -20.83 -3.36
N GLU E 30 -37.40 -20.25 -2.16
CA GLU E 30 -38.60 -19.50 -1.74
C GLU E 30 -38.41 -17.98 -1.67
N TYR E 31 -37.17 -17.50 -1.56
CA TYR E 31 -36.89 -16.07 -1.53
C TYR E 31 -36.44 -15.52 -2.90
N ILE E 32 -36.05 -16.42 -3.81
CA ILE E 32 -35.53 -16.01 -5.13
C ILE E 32 -35.98 -16.92 -6.27
N ILE E 33 -35.69 -16.48 -7.50
CA ILE E 33 -35.94 -17.27 -8.69
C ILE E 33 -34.66 -17.33 -9.52
N ALA E 34 -34.12 -18.53 -9.65
CA ALA E 34 -32.89 -18.78 -10.39
C ALA E 34 -33.16 -19.66 -11.59
N GLU E 35 -32.75 -19.21 -12.77
CA GLU E 35 -32.98 -19.95 -14.01
C GLU E 35 -31.88 -19.65 -15.03
N LYS E 36 -31.64 -20.61 -15.92
CA LYS E 36 -30.69 -20.44 -17.01
C LYS E 36 -31.39 -19.74 -18.18
N ARG E 37 -30.68 -18.79 -18.78
CA ARG E 37 -31.24 -17.93 -19.81
C ARG E 37 -30.22 -17.65 -20.91
N GLY E 38 -30.65 -16.93 -21.95
CA GLY E 38 -29.84 -16.68 -23.14
C GLY E 38 -30.11 -17.75 -24.19
N LYS E 39 -29.48 -17.61 -25.36
CA LYS E 39 -29.47 -18.71 -26.34
C LYS E 39 -28.35 -19.67 -25.94
N ASN E 40 -28.64 -20.97 -26.01
CA ASN E 40 -27.80 -22.02 -25.42
C ASN E 40 -27.73 -21.96 -23.88
N ASN E 41 -28.65 -21.22 -23.25
CA ASN E 41 -28.78 -21.16 -21.80
C ASN E 41 -27.48 -20.87 -21.03
N THR E 42 -26.56 -20.18 -21.70
CA THR E 42 -25.21 -19.99 -21.18
C THR E 42 -25.13 -18.94 -20.06
N VAL E 43 -26.23 -18.25 -19.80
CA VAL E 43 -26.29 -17.25 -18.73
C VAL E 43 -27.21 -17.71 -17.60
N GLY E 44 -26.73 -17.59 -16.35
CA GLY E 44 -27.56 -17.87 -15.17
C GLY E 44 -28.16 -16.61 -14.57
N LEU E 45 -29.49 -16.50 -14.60
CA LEU E 45 -30.19 -15.33 -14.07
C LEU E 45 -30.66 -15.61 -12.64
N ILE E 46 -30.44 -14.65 -11.75
CA ILE E 46 -30.89 -14.77 -10.36
C ILE E 46 -31.78 -13.58 -10.04
N GLN E 47 -33.08 -13.83 -9.92
CA GLN E 47 -34.04 -12.79 -9.56
C GLN E 47 -34.32 -12.86 -8.06
N LEU E 48 -34.13 -11.74 -7.36
CA LEU E 48 -34.54 -11.62 -5.97
C LEU E 48 -36.04 -11.39 -5.99
N ASN E 49 -36.79 -12.22 -5.26
CA ASN E 49 -38.23 -12.29 -5.42
C ASN E 49 -38.95 -12.20 -4.08
N ARG E 50 -38.76 -11.06 -3.41
CA ARG E 50 -39.38 -10.78 -2.12
C ARG E 50 -39.94 -9.36 -2.15
N PRO E 51 -40.86 -9.10 -3.10
CA PRO E 51 -41.29 -7.73 -3.41
C PRO E 51 -42.07 -7.05 -2.28
N LYS E 52 -42.82 -7.84 -1.50
CA LYS E 52 -43.62 -7.33 -0.37
C LYS E 52 -42.81 -6.38 0.52
N ALA E 53 -41.59 -6.78 0.87
CA ALA E 53 -40.66 -5.92 1.63
C ALA E 53 -39.56 -5.40 0.71
N LEU E 54 -39.92 -5.06 -0.52
CA LEU E 54 -38.97 -4.58 -1.54
C LEU E 54 -37.58 -5.25 -1.49
N ASN E 55 -37.58 -6.56 -1.65
CA ASN E 55 -36.34 -7.35 -1.73
C ASN E 55 -35.34 -6.97 -0.65
N ALA E 56 -35.83 -6.72 0.56
CA ALA E 56 -34.97 -6.45 1.70
C ALA E 56 -34.18 -7.72 2.03
N LEU E 57 -32.91 -7.54 2.36
CA LEU E 57 -31.93 -8.62 2.34
C LEU E 57 -31.74 -9.33 3.70
N CYS E 58 -32.71 -10.16 4.07
CA CYS E 58 -32.61 -10.95 5.30
C CYS E 58 -31.59 -12.09 5.18
N ASP E 59 -31.36 -12.82 6.27
CA ASP E 59 -30.33 -13.87 6.30
C ASP E 59 -30.71 -15.09 5.45
N GLY E 60 -32.00 -15.46 5.45
CA GLY E 60 -32.52 -16.55 4.63
C GLY E 60 -32.49 -16.23 3.13
N LEU E 61 -32.75 -14.98 2.79
CA LEU E 61 -32.67 -14.52 1.41
C LEU E 61 -31.24 -14.65 0.88
N ILE E 62 -30.27 -14.14 1.66
CA ILE E 62 -28.85 -14.21 1.31
C ILE E 62 -28.32 -15.64 1.24
N ASP E 63 -28.73 -16.48 2.19
CA ASP E 63 -28.40 -17.90 2.19
C ASP E 63 -28.71 -18.53 0.83
N GLU E 64 -29.89 -18.23 0.30
CA GLU E 64 -30.36 -18.80 -0.96
C GLU E 64 -29.61 -18.25 -2.18
N LEU E 65 -29.27 -16.96 -2.17
CA LEU E 65 -28.47 -16.37 -3.25
C LEU E 65 -27.10 -17.04 -3.31
N ASN E 66 -26.58 -17.41 -2.15
CA ASN E 66 -25.27 -18.04 -2.06
C ASN E 66 -25.29 -19.47 -2.59
N GLN E 67 -26.32 -20.23 -2.23
CA GLN E 67 -26.56 -21.55 -2.82
C GLN E 67 -26.70 -21.42 -4.33
N ALA E 68 -27.43 -20.39 -4.77
CA ALA E 68 -27.66 -20.16 -6.19
C ALA E 68 -26.36 -19.84 -6.92
N LEU E 69 -25.56 -18.96 -6.33
CA LEU E 69 -24.27 -18.59 -6.90
C LEU E 69 -23.37 -19.82 -7.03
N LYS E 70 -23.30 -20.61 -5.95
CA LYS E 70 -22.49 -21.82 -5.94
C LYS E 70 -22.81 -22.74 -7.12
N ILE E 71 -24.09 -23.05 -7.35
CA ILE E 71 -24.46 -23.95 -8.44
C ILE E 71 -24.20 -23.34 -9.83
N PHE E 72 -24.24 -22.03 -9.96
CA PHE E 72 -23.89 -21.40 -11.24
C PHE E 72 -22.37 -21.34 -11.44
N GLU E 73 -21.63 -21.14 -10.36
CA GLU E 73 -20.16 -21.25 -10.39
C GLU E 73 -19.75 -22.68 -10.76
N GLU E 74 -20.43 -23.68 -10.21
CA GLU E 74 -20.12 -25.09 -10.45
C GLU E 74 -20.41 -25.54 -11.89
N ASP E 75 -21.38 -24.90 -12.55
CA ASP E 75 -21.88 -25.35 -13.85
C ASP E 75 -20.87 -25.06 -14.97
N PRO E 76 -20.52 -26.08 -15.78
CA PRO E 76 -19.59 -25.84 -16.90
C PRO E 76 -20.15 -25.05 -18.09
N ALA E 77 -21.46 -25.13 -18.32
CA ALA E 77 -22.07 -24.41 -19.45
C ALA E 77 -22.20 -22.90 -19.19
N VAL E 78 -22.28 -22.51 -17.91
CA VAL E 78 -22.54 -21.13 -17.51
C VAL E 78 -21.25 -20.32 -17.41
N GLY E 79 -21.26 -19.15 -18.05
CA GLY E 79 -20.10 -18.27 -18.16
C GLY E 79 -20.29 -16.92 -17.49
N ALA E 80 -21.52 -16.41 -17.46
CA ALA E 80 -21.82 -15.13 -16.82
C ALA E 80 -23.14 -15.20 -16.06
N ILE E 81 -23.20 -14.51 -14.93
CA ILE E 81 -24.40 -14.51 -14.09
C ILE E 81 -25.05 -13.12 -14.04
N VAL E 82 -26.36 -13.06 -14.23
CA VAL E 82 -27.08 -11.80 -14.14
C VAL E 82 -27.97 -11.76 -12.91
N LEU E 83 -27.84 -10.68 -12.13
CA LEU E 83 -28.53 -10.53 -10.86
C LEU E 83 -29.51 -9.35 -10.92
N THR E 84 -30.74 -9.57 -10.44
CA THR E 84 -31.82 -8.55 -10.50
C THR E 84 -32.86 -8.78 -9.42
N GLY E 85 -33.73 -7.78 -9.22
CA GLY E 85 -34.99 -7.95 -8.49
C GLY E 85 -36.16 -7.57 -9.39
N GLY E 86 -37.15 -6.88 -8.84
CA GLY E 86 -38.35 -6.49 -9.60
C GLY E 86 -38.27 -5.14 -10.31
N ASP E 87 -39.38 -4.75 -10.93
CA ASP E 87 -39.51 -3.42 -11.56
C ASP E 87 -39.31 -2.29 -10.56
N LYS E 88 -39.85 -2.46 -9.36
CA LYS E 88 -39.84 -1.42 -8.31
C LYS E 88 -38.52 -1.36 -7.55
N ALA E 89 -37.97 -2.53 -7.23
CA ALA E 89 -36.79 -2.61 -6.37
C ALA E 89 -35.84 -3.74 -6.78
N PHE E 90 -34.57 -3.40 -6.80
CA PHE E 90 -33.47 -4.35 -6.88
C PHE E 90 -33.28 -4.94 -5.47
N ALA E 91 -33.12 -4.05 -4.49
CA ALA E 91 -33.10 -4.42 -3.06
C ALA E 91 -33.15 -3.17 -2.15
N ALA E 92 -34.18 -3.06 -1.30
CA ALA E 92 -34.38 -1.88 -0.45
C ALA E 92 -33.31 -1.73 0.64
N GLY E 93 -32.74 -2.85 1.08
CA GLY E 93 -31.65 -2.81 2.05
C GLY E 93 -31.67 -3.98 3.01
N ALA E 94 -30.83 -3.90 4.04
CA ALA E 94 -30.79 -4.92 5.08
C ALA E 94 -32.15 -5.05 5.74
N ASP E 95 -32.41 -6.21 6.33
CA ASP E 95 -33.62 -6.38 7.14
C ASP E 95 -33.33 -5.79 8.52
N ILE E 96 -34.03 -4.71 8.85
CA ILE E 96 -33.75 -3.95 10.06
C ILE E 96 -34.32 -4.62 11.32
N LYS E 97 -35.39 -5.40 11.17
CA LYS E 97 -36.07 -6.02 12.31
C LYS E 97 -35.20 -7.09 13.01
N GLU E 98 -34.24 -7.65 12.28
CA GLU E 98 -33.30 -8.62 12.83
C GLU E 98 -32.17 -7.92 13.61
N MET E 99 -31.54 -6.94 12.96
CA MET E 99 -30.45 -6.17 13.56
C MET E 99 -30.79 -5.44 14.86
N GLN E 100 -32.06 -5.12 15.05
CA GLN E 100 -32.50 -4.21 16.11
C GLN E 100 -31.93 -4.44 17.52
N ASN E 101 -31.81 -5.70 17.94
CA ASN E 101 -31.41 -5.98 19.33
C ASN E 101 -29.97 -6.46 19.52
N LEU E 102 -29.18 -6.40 18.45
CA LEU E 102 -27.80 -6.85 18.52
C LEU E 102 -26.97 -5.98 19.46
N SER E 103 -26.05 -6.61 20.18
CA SER E 103 -25.04 -5.91 20.97
C SER E 103 -23.73 -5.83 20.18
N PHE E 104 -22.78 -5.05 20.68
CA PHE E 104 -21.45 -5.00 20.07
C PHE E 104 -20.84 -6.39 20.06
N GLN E 105 -20.86 -7.03 21.22
CA GLN E 105 -20.29 -8.36 21.37
C GLN E 105 -20.92 -9.34 20.37
N ASP E 106 -22.25 -9.35 20.32
CA ASP E 106 -23.00 -10.18 19.36
C ASP E 106 -22.45 -10.01 17.94
N CYS E 107 -22.24 -8.75 17.53
CA CYS E 107 -21.77 -8.46 16.19
C CYS E 107 -20.37 -8.99 15.92
N TYR E 108 -19.41 -8.55 16.71
CA TYR E 108 -18.00 -8.87 16.49
C TYR E 108 -17.73 -10.37 16.56
N SER E 109 -18.26 -11.02 17.61
CA SER E 109 -18.03 -12.44 17.84
C SER E 109 -18.61 -13.29 16.71
N SER E 110 -19.80 -12.90 16.23
CA SER E 110 -20.48 -13.63 15.16
C SER E 110 -19.91 -13.32 13.77
N LYS E 111 -19.17 -12.22 13.65
CA LYS E 111 -18.76 -11.67 12.36
C LYS E 111 -19.98 -11.49 11.45
N PHE E 112 -20.94 -10.71 11.97
CA PHE E 112 -22.19 -10.40 11.29
C PHE E 112 -21.96 -9.82 9.88
N LEU E 113 -22.77 -10.26 8.92
CA LEU E 113 -22.62 -9.92 7.49
C LEU E 113 -21.39 -10.57 6.83
N LYS E 114 -20.90 -11.66 7.40
CA LYS E 114 -19.88 -12.49 6.74
C LYS E 114 -20.45 -13.11 5.45
N HIS E 115 -21.68 -13.65 5.57
CA HIS E 115 -22.38 -14.30 4.45
C HIS E 115 -22.58 -13.38 3.23
N TRP E 116 -22.67 -12.08 3.46
CA TRP E 116 -22.98 -11.12 2.40
C TRP E 116 -21.84 -10.95 1.37
N ASP E 117 -20.63 -11.34 1.75
CA ASP E 117 -19.43 -11.13 0.92
C ASP E 117 -19.20 -12.21 -0.12
N HIS E 118 -19.95 -13.30 -0.02
CA HIS E 118 -19.82 -14.45 -0.91
C HIS E 118 -19.73 -14.04 -2.38
N LEU E 119 -20.55 -13.06 -2.76
CA LEU E 119 -20.63 -12.56 -4.12
C LEU E 119 -19.27 -12.12 -4.73
N THR E 120 -18.34 -11.66 -3.89
CA THR E 120 -17.04 -11.16 -4.36
C THR E 120 -15.99 -12.27 -4.53
N GLN E 121 -16.35 -13.51 -4.20
CA GLN E 121 -15.42 -14.64 -4.30
C GLN E 121 -15.77 -15.59 -5.47
N VAL E 122 -16.76 -15.22 -6.29
CA VAL E 122 -17.10 -16.00 -7.48
C VAL E 122 -16.16 -15.59 -8.63
N LYS E 123 -15.65 -16.58 -9.34
CA LYS E 123 -14.68 -16.39 -10.42
C LYS E 123 -15.36 -15.92 -11.71
N LYS E 124 -16.49 -16.54 -12.06
CA LYS E 124 -17.30 -16.09 -13.21
C LYS E 124 -17.90 -14.70 -12.95
N PRO E 125 -18.00 -13.85 -13.99
CA PRO E 125 -18.48 -12.49 -13.76
C PRO E 125 -19.97 -12.38 -13.43
N VAL E 126 -20.34 -11.33 -12.68
CA VAL E 126 -21.72 -11.10 -12.28
C VAL E 126 -22.15 -9.70 -12.68
N ILE E 127 -23.23 -9.61 -13.45
CA ILE E 127 -23.80 -8.33 -13.85
C ILE E 127 -25.02 -8.00 -12.99
N ALA E 128 -24.99 -6.86 -12.33
CA ALA E 128 -26.17 -6.35 -11.64
C ALA E 128 -27.07 -5.62 -12.63
N ALA E 129 -28.31 -6.08 -12.79
CA ALA E 129 -29.37 -5.34 -13.49
C ALA E 129 -30.32 -4.76 -12.46
N VAL E 130 -30.20 -3.45 -12.21
CA VAL E 130 -30.86 -2.78 -11.10
C VAL E 130 -32.00 -1.90 -11.59
N ASN E 131 -33.22 -2.37 -11.42
CA ASN E 131 -34.40 -1.54 -11.63
C ASN E 131 -34.84 -0.95 -10.31
N GLY E 132 -35.37 0.26 -10.36
CA GLY E 132 -35.87 0.95 -9.18
C GLY E 132 -34.85 1.03 -8.06
N TYR E 133 -35.29 0.78 -6.83
CA TYR E 133 -34.52 1.10 -5.63
C TYR E 133 -33.37 0.14 -5.33
N ALA E 134 -32.16 0.68 -5.22
CA ALA E 134 -31.01 -0.06 -4.67
C ALA E 134 -30.45 0.77 -3.52
N PHE E 135 -30.94 0.51 -2.31
CA PHE E 135 -30.57 1.27 -1.11
C PHE E 135 -29.86 0.37 -0.10
N GLY E 136 -28.82 0.90 0.53
CA GLY E 136 -28.11 0.19 1.59
C GLY E 136 -27.50 -1.11 1.10
N GLY E 137 -27.91 -2.22 1.70
CA GLY E 137 -27.43 -3.53 1.27
C GLY E 137 -27.59 -3.76 -0.22
N GLY E 138 -28.76 -3.41 -0.76
CA GLY E 138 -29.04 -3.58 -2.18
C GLY E 138 -28.03 -2.85 -3.03
N CYS E 139 -27.74 -1.61 -2.64
CA CYS E 139 -26.74 -0.82 -3.31
C CYS E 139 -25.39 -1.49 -3.17
N GLU E 140 -25.09 -1.93 -1.96
CA GLU E 140 -23.83 -2.61 -1.66
C GLU E 140 -23.70 -3.92 -2.44
N LEU E 141 -24.83 -4.57 -2.68
CA LEU E 141 -24.84 -5.83 -3.43
C LEU E 141 -24.53 -5.57 -4.90
N ALA E 142 -25.11 -4.52 -5.46
CA ALA E 142 -24.86 -4.13 -6.83
C ALA E 142 -23.39 -3.77 -7.05
N MET E 143 -22.79 -3.08 -6.07
CA MET E 143 -21.39 -2.64 -6.19
C MET E 143 -20.39 -3.81 -6.06
N MET E 144 -20.75 -4.86 -5.32
CA MET E 144 -19.96 -6.09 -5.26
C MET E 144 -19.90 -6.77 -6.62
N CYS E 145 -20.91 -6.56 -7.44
CA CYS E 145 -20.94 -7.10 -8.79
C CYS E 145 -19.91 -6.41 -9.67
N ASP E 146 -19.53 -7.10 -10.74
CA ASP E 146 -18.50 -6.62 -11.66
C ASP E 146 -19.00 -5.52 -12.60
N ILE E 147 -20.26 -5.61 -13.02
CA ILE E 147 -20.84 -4.62 -13.94
C ILE E 147 -22.22 -4.27 -13.42
N ILE E 148 -22.64 -3.01 -13.58
CA ILE E 148 -24.00 -2.62 -13.26
C ILE E 148 -24.69 -1.99 -14.47
N TYR E 149 -25.87 -2.50 -14.80
CA TYR E 149 -26.76 -1.87 -15.77
C TYR E 149 -27.94 -1.32 -14.98
N ALA E 150 -28.31 -0.07 -15.26
CA ALA E 150 -29.35 0.60 -14.49
C ALA E 150 -30.60 0.83 -15.34
N GLY E 151 -31.76 0.66 -14.73
CA GLY E 151 -33.01 1.07 -15.35
C GLY E 151 -33.13 2.58 -15.30
N GLU E 152 -34.04 3.13 -16.08
CA GLU E 152 -34.18 4.58 -16.17
C GLU E 152 -34.56 5.17 -14.82
N LYS E 153 -35.55 4.55 -14.18
CA LYS E 153 -36.04 5.00 -12.86
C LYS E 153 -35.31 4.30 -11.71
N ALA E 154 -34.08 3.85 -11.94
CA ALA E 154 -33.26 3.26 -10.89
C ALA E 154 -32.78 4.35 -9.93
N GLN E 155 -32.69 3.99 -8.65
CA GLN E 155 -32.27 4.95 -7.61
C GLN E 155 -31.31 4.29 -6.63
N PHE E 156 -30.18 4.95 -6.39
CA PHE E 156 -29.10 4.42 -5.55
C PHE E 156 -28.89 5.29 -4.31
N ALA E 157 -28.78 4.65 -3.15
CA ALA E 157 -28.55 5.39 -1.90
C ALA E 157 -27.90 4.51 -0.82
N GLN E 158 -27.34 5.17 0.19
CA GLN E 158 -26.79 4.50 1.38
C GLN E 158 -27.36 5.17 2.65
N PRO E 159 -28.65 4.95 2.93
CA PRO E 159 -29.34 5.65 4.01
C PRO E 159 -29.02 5.19 5.43
N GLU E 160 -28.00 4.34 5.58
CA GLU E 160 -27.63 3.82 6.91
C GLU E 160 -27.59 4.91 7.98
N ILE E 161 -27.02 6.05 7.65
CA ILE E 161 -26.82 7.13 8.60
C ILE E 161 -28.14 7.57 9.22
N LEU E 162 -29.21 7.52 8.43
CA LEU E 162 -30.54 7.92 8.89
C LEU E 162 -31.03 7.08 10.08
N ILE E 163 -30.63 5.80 10.12
CA ILE E 163 -31.00 4.89 11.22
C ILE E 163 -29.83 4.60 12.19
N GLY E 164 -28.85 5.50 12.25
CA GLY E 164 -27.78 5.42 13.24
C GLY E 164 -26.59 4.50 12.96
N THR E 165 -26.44 3.97 11.75
CA THR E 165 -25.26 3.17 11.41
C THR E 165 -24.50 3.79 10.26
N ILE E 166 -23.42 3.13 9.87
CA ILE E 166 -22.77 3.37 8.59
C ILE E 166 -23.01 2.11 7.77
N PRO E 167 -22.85 2.17 6.44
CA PRO E 167 -22.93 0.94 5.64
C PRO E 167 -21.74 0.04 5.93
N GLY E 168 -21.98 -1.26 6.09
CA GLY E 168 -20.94 -2.20 6.52
C GLY E 168 -20.63 -3.34 5.54
N ALA E 169 -20.89 -3.11 4.25
CA ALA E 169 -20.57 -4.09 3.21
C ALA E 169 -19.97 -3.41 1.96
N GLY E 170 -18.98 -2.54 2.19
CA GLY E 170 -18.31 -1.83 1.11
C GLY E 170 -19.06 -0.61 0.61
N GLY E 171 -20.11 -0.21 1.32
CA GLY E 171 -20.81 1.01 0.99
C GLY E 171 -19.89 2.22 0.99
N THR E 172 -18.97 2.29 1.94
CA THR E 172 -18.05 3.40 1.98
C THR E 172 -16.89 3.17 1.02
N GLN E 173 -16.50 1.93 0.81
CA GLN E 173 -15.27 1.65 0.07
C GLN E 173 -15.49 1.60 -1.44
N ARG E 174 -16.46 0.81 -1.89
CA ARG E 174 -16.67 0.66 -3.32
C ARG E 174 -17.31 1.89 -3.93
N LEU E 175 -18.25 2.49 -3.21
CA LEU E 175 -18.89 3.72 -3.68
C LEU E 175 -17.85 4.78 -4.00
N THR E 176 -17.08 5.16 -2.98
CA THR E 176 -16.12 6.26 -3.06
C THR E 176 -15.14 6.08 -4.21
N ARG E 177 -14.71 4.85 -4.42
CA ARG E 177 -13.81 4.52 -5.51
C ARG E 177 -14.43 4.72 -6.89
N ALA E 178 -15.72 4.49 -7.01
CA ALA E 178 -16.43 4.73 -8.28
C ALA E 178 -16.62 6.23 -8.51
N VAL E 179 -17.12 6.88 -7.49
CA VAL E 179 -17.89 8.08 -7.65
C VAL E 179 -17.14 9.35 -7.24
N GLY E 180 -16.05 9.17 -6.49
CA GLY E 180 -15.29 10.29 -5.90
C GLY E 180 -15.75 10.66 -4.50
N LYS E 181 -14.86 11.33 -3.77
CA LYS E 181 -15.08 11.67 -2.37
C LYS E 181 -16.34 12.50 -2.16
N SER E 182 -16.43 13.64 -2.84
CA SER E 182 -17.53 14.58 -2.66
C SER E 182 -18.92 13.97 -2.80
N LEU E 183 -19.13 13.12 -3.78
CA LEU E 183 -20.46 12.51 -3.95
C LEU E 183 -20.71 11.40 -2.92
N ALA E 184 -19.69 10.59 -2.65
CA ALA E 184 -19.76 9.53 -1.64
C ALA E 184 -20.02 10.10 -0.25
N MET E 185 -19.32 11.18 0.08
CA MET E 185 -19.49 11.84 1.38
C MET E 185 -20.91 12.39 1.49
N GLU E 186 -21.36 13.07 0.44
CA GLU E 186 -22.70 13.62 0.40
C GLU E 186 -23.74 12.53 0.58
N MET E 187 -23.64 11.47 -0.21
CA MET E 187 -24.56 10.35 -0.12
C MET E 187 -24.52 9.62 1.22
N VAL E 188 -23.33 9.32 1.72
CA VAL E 188 -23.20 8.60 2.98
C VAL E 188 -23.58 9.44 4.21
N LEU E 189 -23.29 10.73 4.19
CA LEU E 189 -23.55 11.59 5.35
C LEU E 189 -24.94 12.21 5.39
N THR E 190 -25.65 12.24 4.26
CA THR E 190 -27.02 12.78 4.26
C THR E 190 -28.10 11.70 4.15
N GLY E 191 -27.78 10.58 3.51
CA GLY E 191 -28.74 9.54 3.18
C GLY E 191 -29.45 9.77 1.85
N ASP E 192 -29.02 10.82 1.11
CA ASP E 192 -29.70 11.23 -0.13
C ASP E 192 -29.52 10.22 -1.26
N ARG E 193 -30.53 10.19 -2.13
CA ARG E 193 -30.57 9.31 -3.28
C ARG E 193 -30.04 10.03 -4.51
N ILE E 194 -29.47 9.25 -5.43
CA ILE E 194 -29.09 9.76 -6.74
C ILE E 194 -29.77 8.95 -7.82
N SER E 195 -29.94 9.58 -8.98
CA SER E 195 -30.60 8.95 -10.11
C SER E 195 -29.65 8.06 -10.89
N ALA E 196 -30.25 7.25 -11.76
CA ALA E 196 -29.51 6.39 -12.68
C ALA E 196 -28.60 7.20 -13.61
N GLN E 197 -29.10 8.37 -14.04
CA GLN E 197 -28.38 9.26 -14.96
C GLN E 197 -27.10 9.80 -14.31
N ASP E 198 -27.21 10.21 -13.05
CA ASP E 198 -26.06 10.64 -12.26
C ASP E 198 -25.13 9.46 -11.94
N ALA E 199 -25.71 8.32 -11.58
CA ALA E 199 -24.95 7.10 -11.33
C ALA E 199 -24.05 6.76 -12.53
N LYS E 200 -24.60 6.90 -13.73
CA LYS E 200 -23.85 6.63 -14.96
C LYS E 200 -22.77 7.68 -15.13
N GLN E 201 -23.15 8.94 -14.99
CA GLN E 201 -22.22 10.06 -15.12
C GLN E 201 -21.01 9.89 -14.21
N ALA E 202 -21.26 9.43 -12.98
CA ALA E 202 -20.22 9.27 -11.96
C ALA E 202 -19.37 8.00 -12.08
N GLY E 203 -19.81 7.04 -12.88
CA GLY E 203 -19.04 5.80 -13.11
C GLY E 203 -19.41 4.63 -12.20
N LEU E 204 -20.53 4.75 -11.50
CA LEU E 204 -21.05 3.68 -10.64
C LEU E 204 -21.71 2.61 -11.47
N VAL E 205 -22.32 3.02 -12.58
CA VAL E 205 -22.99 2.12 -13.51
C VAL E 205 -22.49 2.46 -14.89
N SER E 206 -22.60 1.53 -15.83
CA SER E 206 -21.93 1.67 -17.12
C SER E 206 -22.83 1.64 -18.35
N LYS E 207 -24.15 1.46 -18.14
CA LYS E 207 -25.14 1.61 -19.21
C LYS E 207 -26.53 1.87 -18.59
N ILE E 208 -27.33 2.73 -19.24
CA ILE E 208 -28.72 2.95 -18.83
C ILE E 208 -29.66 2.39 -19.89
N CYS E 209 -30.65 1.62 -19.46
CA CYS E 209 -31.59 0.97 -20.38
C CYS E 209 -33.02 1.28 -19.97
N PRO E 210 -33.95 1.23 -20.94
CA PRO E 210 -35.39 1.22 -20.61
C PRO E 210 -35.73 0.16 -19.56
N VAL E 211 -36.79 0.39 -18.81
CA VAL E 211 -37.18 -0.53 -17.74
C VAL E 211 -37.58 -1.90 -18.28
N GLU E 212 -38.29 -1.90 -19.40
CA GLU E 212 -38.82 -3.14 -19.99
C GLU E 212 -37.74 -4.03 -20.60
N THR E 213 -36.66 -3.43 -21.10
CA THR E 213 -35.56 -4.20 -21.72
C THR E 213 -34.27 -4.30 -20.90
N LEU E 214 -34.26 -3.77 -19.67
CA LEU E 214 -33.06 -3.79 -18.84
C LEU E 214 -32.52 -5.18 -18.63
N VAL E 215 -33.35 -6.08 -18.10
CA VAL E 215 -32.92 -7.43 -17.79
C VAL E 215 -32.40 -8.13 -19.05
N GLU E 216 -33.12 -7.94 -20.16
CA GLU E 216 -32.74 -8.51 -21.45
C GLU E 216 -31.40 -7.98 -21.97
N GLU E 217 -31.16 -6.68 -21.82
CA GLU E 217 -29.91 -6.08 -22.29
C GLU E 217 -28.73 -6.57 -21.45
N ALA E 218 -28.96 -6.80 -20.17
CA ALA E 218 -27.94 -7.39 -19.29
C ALA E 218 -27.65 -8.83 -19.68
N ILE E 219 -28.70 -9.56 -20.07
CA ILE E 219 -28.54 -10.92 -20.57
C ILE E 219 -27.66 -10.92 -21.82
N GLN E 220 -27.99 -10.08 -22.80
CA GLN E 220 -27.20 -10.01 -24.03
C GLN E 220 -25.73 -9.66 -23.78
N CYS E 221 -25.46 -8.82 -22.78
CA CYS E 221 -24.08 -8.55 -22.38
C CYS E 221 -23.48 -9.80 -21.72
N ALA E 222 -24.14 -10.29 -20.68
CA ALA E 222 -23.75 -11.57 -20.06
C ALA E 222 -23.51 -12.64 -21.11
N GLU E 223 -24.34 -12.66 -22.15
CA GLU E 223 -24.22 -13.62 -23.26
C GLU E 223 -22.92 -13.43 -24.05
N LYS E 224 -22.57 -12.17 -24.35
CA LYS E 224 -21.33 -11.90 -25.08
C LYS E 224 -20.12 -12.42 -24.29
N ILE E 225 -20.10 -12.09 -23.00
CA ILE E 225 -19.03 -12.50 -22.10
C ILE E 225 -18.96 -14.02 -22.02
N ALA E 226 -20.13 -14.66 -22.02
CA ALA E 226 -20.21 -16.12 -21.91
C ALA E 226 -19.64 -16.84 -23.13
N SER E 227 -19.70 -16.22 -24.29
CA SER E 227 -19.16 -16.82 -25.52
C SER E 227 -17.62 -16.73 -25.66
N ASN E 228 -16.97 -16.08 -24.69
CA ASN E 228 -15.50 -16.04 -24.60
C ASN E 228 -15.01 -17.15 -23.65
N SER E 229 -13.75 -17.56 -23.78
CA SER E 229 -13.16 -18.59 -22.88
C SER E 229 -13.28 -18.29 -21.38
N LYS E 230 -13.79 -19.26 -20.62
CA LYS E 230 -14.07 -19.08 -19.19
C LYS E 230 -12.80 -18.84 -18.38
N ILE E 231 -11.74 -19.57 -18.72
CA ILE E 231 -10.48 -19.48 -17.99
C ILE E 231 -9.82 -18.14 -18.19
N VAL E 232 -9.83 -17.63 -19.42
CA VAL E 232 -9.22 -16.34 -19.72
C VAL E 232 -10.08 -15.19 -19.13
N VAL E 233 -11.39 -15.28 -19.31
CA VAL E 233 -12.32 -14.33 -18.74
C VAL E 233 -12.10 -14.16 -17.24
N ALA E 234 -11.85 -15.26 -16.55
CA ALA E 234 -11.57 -15.24 -15.11
C ALA E 234 -10.22 -14.61 -14.75
N MET E 235 -9.21 -14.75 -15.62
CA MET E 235 -7.94 -14.04 -15.42
C MET E 235 -8.14 -12.53 -15.60
N ALA E 236 -8.95 -12.16 -16.59
CA ALA E 236 -9.28 -10.77 -16.86
C ALA E 236 -9.95 -10.13 -15.65
N LYS E 237 -11.00 -10.76 -15.15
CA LYS E 237 -11.72 -10.27 -13.97
C LYS E 237 -10.78 -10.10 -12.79
N GLU E 238 -9.93 -11.09 -12.59
CA GLU E 238 -8.98 -11.06 -11.49
C GLU E 238 -7.99 -9.91 -11.68
N SER E 239 -7.63 -9.66 -12.93
CA SER E 239 -6.68 -8.59 -13.27
C SER E 239 -7.26 -7.21 -13.01
N VAL E 240 -8.54 -7.04 -13.28
CA VAL E 240 -9.24 -5.77 -13.04
C VAL E 240 -9.49 -5.52 -11.55
N ASN E 241 -9.67 -6.57 -10.77
CA ASN E 241 -9.87 -6.40 -9.32
C ASN E 241 -8.61 -6.05 -8.54
N ALA E 242 -7.43 -6.33 -9.13
CA ALA E 242 -6.14 -6.00 -8.52
C ALA E 242 -5.85 -4.49 -8.54
N ALA E 243 -6.56 -3.81 -9.43
CA ALA E 243 -6.50 -2.35 -9.52
C ALA E 243 -6.92 -1.63 -8.26
N PHE E 244 -7.68 -2.30 -7.38
CA PHE E 244 -8.05 -1.74 -6.06
C PHE E 244 -7.28 -2.36 -4.88
N GLU E 245 -6.33 -3.24 -5.15
CA GLU E 245 -5.67 -3.94 -4.07
C GLU E 245 -4.18 -3.72 -4.00
N MET E 246 -3.63 -3.00 -4.98
CA MET E 246 -2.21 -2.75 -5.06
C MET E 246 -1.87 -1.53 -5.89
N THR E 247 -0.64 -1.06 -5.78
CA THR E 247 -0.10 0.02 -6.57
C THR E 247 -0.07 -0.31 -8.07
N LEU E 248 -0.17 0.72 -8.90
CA LEU E 248 -0.09 0.58 -10.35
C LEU E 248 1.14 -0.18 -10.81
N THR E 249 2.29 0.05 -10.18
CA THR E 249 3.50 -0.65 -10.61
C THR E 249 3.32 -2.15 -10.45
N GLU E 250 2.79 -2.56 -9.30
CA GLU E 250 2.64 -3.98 -9.00
C GLU E 250 1.45 -4.58 -9.70
N GLY E 251 0.38 -3.81 -9.85
CA GLY E 251 -0.77 -4.19 -10.66
C GLY E 251 -0.39 -4.46 -12.12
N SER E 252 0.47 -3.61 -12.67
CA SER E 252 1.07 -3.86 -13.98
C SER E 252 1.85 -5.17 -14.03
N LYS E 253 2.70 -5.42 -13.03
CA LYS E 253 3.46 -6.68 -12.97
C LYS E 253 2.55 -7.90 -12.88
N LEU E 254 1.57 -7.85 -11.99
CA LEU E 254 0.60 -8.93 -11.83
C LEU E 254 -0.18 -9.18 -13.13
N GLU E 255 -0.56 -8.10 -13.79
CA GLU E 255 -1.23 -8.19 -15.08
C GLU E 255 -0.34 -8.95 -16.07
N LYS E 256 0.95 -8.60 -16.13
CA LYS E 256 1.89 -9.22 -17.08
C LYS E 256 2.00 -10.73 -16.84
N LYS E 257 1.88 -11.15 -15.59
CA LYS E 257 1.96 -12.57 -15.28
C LYS E 257 0.71 -13.34 -15.63
N LEU E 258 -0.47 -12.76 -15.42
CA LEU E 258 -1.71 -13.35 -15.94
C LEU E 258 -1.68 -13.39 -17.47
N PHE E 259 -1.25 -12.28 -18.07
CA PHE E 259 -1.08 -12.21 -19.53
C PHE E 259 -0.18 -13.31 -20.06
N TYR E 260 0.99 -13.49 -19.45
CA TYR E 260 1.90 -14.54 -19.91
C TYR E 260 1.24 -15.90 -19.74
N SER E 261 0.60 -16.10 -18.58
CA SER E 261 -0.17 -17.32 -18.28
C SER E 261 -1.14 -17.75 -19.36
N THR E 262 -1.81 -16.81 -20.02
CA THR E 262 -2.78 -17.17 -21.06
C THR E 262 -2.12 -17.97 -22.18
N PHE E 263 -0.82 -17.73 -22.40
CA PHE E 263 -0.08 -18.45 -23.43
C PHE E 263 0.16 -19.93 -23.11
N ALA E 264 -0.28 -20.36 -21.93
CA ALA E 264 -0.23 -21.77 -21.57
C ALA E 264 -1.59 -22.42 -21.77
N THR E 265 -2.57 -21.66 -22.27
CA THR E 265 -3.91 -22.20 -22.54
C THR E 265 -4.09 -22.50 -24.03
N ASP E 266 -4.95 -23.48 -24.32
CA ASP E 266 -5.32 -23.81 -25.70
C ASP E 266 -6.13 -22.68 -26.33
N ASP E 267 -7.12 -22.20 -25.59
CA ASP E 267 -8.01 -21.14 -26.07
C ASP E 267 -7.27 -19.92 -26.61
N ARG E 268 -6.09 -19.66 -26.06
CA ARG E 268 -5.28 -18.54 -26.51
C ARG E 268 -4.63 -18.79 -27.87
N LYS E 269 -4.24 -20.02 -28.15
CA LYS E 269 -3.75 -20.36 -29.49
C LYS E 269 -4.91 -20.41 -30.48
N GLU E 270 -6.07 -20.87 -30.02
CA GLU E 270 -7.26 -20.91 -30.86
C GLU E 270 -7.65 -19.50 -31.31
N GLY E 271 -7.93 -18.64 -30.34
CA GLY E 271 -8.41 -17.30 -30.61
C GLY E 271 -7.47 -16.45 -31.47
N MET E 272 -6.18 -16.61 -31.28
CA MET E 272 -5.21 -15.82 -32.04
C MET E 272 -4.99 -16.33 -33.46
N THR E 273 -4.99 -17.65 -33.66
CA THR E 273 -4.87 -18.20 -35.00
C THR E 273 -6.18 -18.03 -35.80
N ALA E 274 -7.29 -17.86 -35.08
CA ALA E 274 -8.59 -17.55 -35.71
C ALA E 274 -8.56 -16.19 -36.39
N PHE E 275 -8.05 -15.18 -35.69
CA PHE E 275 -7.92 -13.83 -36.24
C PHE E 275 -7.05 -13.83 -37.50
N VAL E 276 -5.88 -14.45 -37.41
CA VAL E 276 -4.94 -14.52 -38.53
C VAL E 276 -5.51 -15.26 -39.74
N GLU E 277 -6.27 -16.31 -39.48
CA GLU E 277 -6.96 -17.09 -40.54
C GLU E 277 -8.24 -16.40 -41.02
N LYS E 278 -8.69 -15.38 -40.28
CA LYS E 278 -9.92 -14.66 -40.58
C LYS E 278 -11.12 -15.61 -40.54
N ARG E 279 -11.25 -16.35 -39.44
CA ARG E 279 -12.40 -17.23 -39.21
C ARG E 279 -12.89 -17.11 -37.77
N LYS E 280 -14.05 -17.71 -37.48
CA LYS E 280 -14.66 -17.67 -36.15
C LYS E 280 -13.94 -18.61 -35.17
N ALA E 281 -13.59 -18.07 -34.01
CA ALA E 281 -12.92 -18.84 -32.96
C ALA E 281 -13.90 -19.78 -32.25
N ASN E 282 -13.38 -20.87 -31.68
CA ASN E 282 -14.20 -21.77 -30.87
C ASN E 282 -13.46 -22.27 -29.62
N PHE E 283 -13.89 -21.74 -28.47
CA PHE E 283 -13.21 -21.94 -27.20
C PHE E 283 -13.73 -23.16 -26.43
N LYS E 284 -12.81 -23.96 -25.91
CA LYS E 284 -13.15 -25.13 -25.10
C LYS E 284 -12.83 -24.88 -23.61
N ASP E 285 -12.76 -23.61 -23.21
CA ASP E 285 -12.59 -23.22 -21.81
C ASP E 285 -11.39 -23.90 -21.16
N GLN E 286 -10.27 -23.92 -21.90
CA GLN E 286 -9.12 -24.73 -21.58
C GLN E 286 -7.87 -24.07 -22.14
N ALA F 27 -15.40 -35.68 14.51
CA ALA F 27 -15.53 -37.04 13.93
C ALA F 27 -14.30 -37.91 14.27
N ASN F 28 -14.45 -39.23 14.10
CA ASN F 28 -13.34 -40.16 14.30
C ASN F 28 -12.29 -40.02 13.18
N PHE F 29 -11.24 -39.25 13.44
CA PHE F 29 -10.22 -38.94 12.43
C PHE F 29 -9.26 -40.10 12.19
N GLU F 30 -8.68 -40.14 10.99
CA GLU F 30 -7.73 -41.20 10.61
C GLU F 30 -6.30 -40.71 10.36
N TYR F 31 -6.12 -39.43 10.03
CA TYR F 31 -4.79 -38.83 9.82
C TYR F 31 -4.27 -38.03 11.01
N ILE F 32 -5.15 -37.64 11.92
CA ILE F 32 -4.78 -36.78 13.04
C ILE F 32 -5.43 -37.19 14.36
N ILE F 33 -4.92 -36.62 15.45
CA ILE F 33 -5.54 -36.74 16.78
C ILE F 33 -5.92 -35.35 17.26
N ALA F 34 -7.14 -35.22 17.77
CA ALA F 34 -7.68 -33.94 18.20
C ALA F 34 -8.35 -34.09 19.56
N GLU F 35 -7.80 -33.38 20.54
CA GLU F 35 -8.22 -33.53 21.93
C GLU F 35 -7.98 -32.25 22.71
N LYS F 36 -8.72 -32.10 23.81
CA LYS F 36 -8.62 -30.93 24.69
C LYS F 36 -7.59 -31.16 25.80
N ARG F 37 -6.87 -30.11 26.19
CA ARG F 37 -5.69 -30.24 27.05
C ARG F 37 -5.47 -29.07 28.02
N GLY F 38 -4.51 -29.23 28.93
CA GLY F 38 -4.28 -28.27 30.01
C GLY F 38 -5.18 -28.59 31.20
N LYS F 39 -5.00 -27.84 32.28
CA LYS F 39 -5.94 -27.91 33.41
C LYS F 39 -7.22 -27.19 32.99
N ASN F 40 -8.36 -27.80 33.30
CA ASN F 40 -9.68 -27.36 32.80
C ASN F 40 -9.85 -27.48 31.27
N ASN F 41 -8.96 -28.24 30.61
CA ASN F 41 -9.09 -28.57 29.19
C ASN F 41 -9.46 -27.37 28.29
N THR F 42 -8.72 -26.28 28.44
CA THR F 42 -9.03 -25.04 27.73
C THR F 42 -8.18 -24.86 26.47
N VAL F 43 -7.34 -25.84 26.13
CA VAL F 43 -6.54 -25.78 24.92
C VAL F 43 -6.93 -26.89 23.96
N GLY F 44 -7.07 -26.54 22.69
CA GLY F 44 -7.22 -27.52 21.64
C GLY F 44 -5.85 -28.01 21.22
N LEU F 45 -5.70 -29.32 21.08
CA LEU F 45 -4.46 -29.89 20.57
C LEU F 45 -4.79 -30.73 19.37
N ILE F 46 -4.14 -30.41 18.25
CA ILE F 46 -4.22 -31.19 17.04
C ILE F 46 -2.83 -31.76 16.81
N GLN F 47 -2.74 -33.08 16.72
CA GLN F 47 -1.49 -33.75 16.42
C GLN F 47 -1.64 -34.45 15.08
N LEU F 48 -0.74 -34.13 14.14
CA LEU F 48 -0.71 -34.79 12.84
C LEU F 48 -0.15 -36.19 13.05
N ASN F 49 -0.94 -37.20 12.66
CA ASN F 49 -0.65 -38.59 12.98
C ASN F 49 -0.54 -39.47 11.73
N ARG F 50 0.42 -39.14 10.88
CA ARG F 50 0.74 -39.89 9.69
C ARG F 50 2.26 -40.13 9.70
N PRO F 51 2.75 -40.78 10.77
CA PRO F 51 4.21 -40.90 10.99
C PRO F 51 4.97 -41.62 9.88
N LYS F 52 4.33 -42.58 9.21
CA LYS F 52 4.95 -43.35 8.13
C LYS F 52 5.39 -42.46 6.97
N ALA F 53 4.57 -41.46 6.64
CA ALA F 53 4.91 -40.51 5.59
C ALA F 53 5.54 -39.21 6.13
N LEU F 54 6.00 -39.26 7.39
CA LEU F 54 6.55 -38.07 8.06
C LEU F 54 5.56 -36.91 7.99
N ASN F 55 4.34 -37.18 8.47
CA ASN F 55 3.24 -36.21 8.45
C ASN F 55 3.20 -35.38 7.17
N ALA F 56 3.52 -35.99 6.03
CA ALA F 56 3.40 -35.30 4.75
C ALA F 56 1.94 -34.92 4.54
N LEU F 57 1.73 -33.73 4.00
CA LEU F 57 0.39 -33.15 3.90
C LEU F 57 -0.31 -33.61 2.61
N CYS F 58 -1.41 -34.33 2.76
CA CYS F 58 -2.23 -34.73 1.64
C CYS F 58 -3.60 -34.13 1.83
N ASP F 59 -4.45 -34.24 0.81
CA ASP F 59 -5.83 -33.74 0.87
C ASP F 59 -6.55 -34.26 2.11
N GLY F 60 -6.47 -35.58 2.31
CA GLY F 60 -7.13 -36.25 3.42
C GLY F 60 -6.71 -35.73 4.79
N LEU F 61 -5.45 -35.35 4.92
CA LEU F 61 -4.94 -34.80 6.18
C LEU F 61 -5.46 -33.38 6.39
N ILE F 62 -5.34 -32.55 5.36
CA ILE F 62 -5.78 -31.16 5.40
C ILE F 62 -7.28 -31.05 5.68
N ASP F 63 -8.06 -31.84 4.97
CA ASP F 63 -9.51 -31.91 5.19
C ASP F 63 -9.84 -32.09 6.67
N GLU F 64 -9.12 -32.99 7.33
CA GLU F 64 -9.38 -33.31 8.74
C GLU F 64 -8.88 -32.24 9.69
N LEU F 65 -7.70 -31.69 9.39
CA LEU F 65 -7.17 -30.57 10.15
C LEU F 65 -8.19 -29.45 10.15
N ASN F 66 -8.78 -29.18 9.00
CA ASN F 66 -9.77 -28.12 8.86
C ASN F 66 -11.05 -28.41 9.65
N GLN F 67 -11.45 -29.67 9.74
CA GLN F 67 -12.58 -30.04 10.58
C GLN F 67 -12.25 -29.82 12.05
N ALA F 68 -11.00 -30.11 12.42
CA ALA F 68 -10.56 -30.03 13.81
C ALA F 68 -10.45 -28.57 14.27
N LEU F 69 -10.04 -27.69 13.36
CA LEU F 69 -10.00 -26.26 13.64
C LEU F 69 -11.42 -25.74 13.81
N LYS F 70 -12.30 -26.07 12.88
CA LYS F 70 -13.71 -25.68 12.95
C LYS F 70 -14.32 -26.02 14.32
N ILE F 71 -14.08 -27.24 14.81
CA ILE F 71 -14.62 -27.65 16.11
C ILE F 71 -14.04 -26.80 17.26
N PHE F 72 -12.73 -26.80 17.42
CA PHE F 72 -12.08 -26.00 18.48
C PHE F 72 -12.40 -24.50 18.45
N GLU F 73 -12.62 -23.94 17.25
CA GLU F 73 -13.08 -22.55 17.10
C GLU F 73 -14.49 -22.36 17.66
N GLU F 74 -15.33 -23.40 17.51
CA GLU F 74 -16.71 -23.36 18.02
C GLU F 74 -16.82 -23.69 19.50
N ASP F 75 -15.85 -24.41 20.04
CA ASP F 75 -15.91 -24.83 21.45
C ASP F 75 -15.60 -23.64 22.34
N PRO F 76 -16.59 -23.22 23.16
CA PRO F 76 -16.41 -22.01 23.99
C PRO F 76 -15.44 -22.18 25.17
N ALA F 77 -15.09 -23.41 25.53
CA ALA F 77 -14.02 -23.67 26.50
C ALA F 77 -12.62 -23.51 25.89
N VAL F 78 -12.49 -23.79 24.59
CA VAL F 78 -11.21 -23.67 23.92
C VAL F 78 -10.83 -22.21 23.73
N GLY F 79 -9.71 -21.80 24.31
CA GLY F 79 -9.19 -20.44 24.18
C GLY F 79 -8.01 -20.31 23.23
N ALA F 80 -7.40 -21.43 22.89
CA ALA F 80 -6.22 -21.45 22.05
C ALA F 80 -6.00 -22.85 21.50
N ILE F 81 -5.34 -22.92 20.35
CA ILE F 81 -5.05 -24.20 19.71
C ILE F 81 -3.55 -24.43 19.64
N VAL F 82 -3.13 -25.68 19.84
CA VAL F 82 -1.75 -26.08 19.56
C VAL F 82 -1.78 -27.07 18.41
N LEU F 83 -0.98 -26.79 17.39
CA LEU F 83 -0.76 -27.69 16.28
C LEU F 83 0.60 -28.33 16.47
N THR F 84 0.70 -29.65 16.28
CA THR F 84 1.99 -30.36 16.39
C THR F 84 2.04 -31.58 15.48
N GLY F 85 3.25 -32.09 15.26
CA GLY F 85 3.45 -33.40 14.64
C GLY F 85 3.94 -34.45 15.63
N GLY F 86 4.90 -35.26 15.20
CA GLY F 86 5.52 -36.29 16.05
C GLY F 86 6.77 -35.73 16.69
N ASP F 87 7.77 -36.57 16.88
CA ASP F 87 9.06 -36.14 17.43
C ASP F 87 10.14 -36.02 16.36
N LYS F 88 10.04 -36.85 15.33
CA LYS F 88 10.96 -36.79 14.20
C LYS F 88 10.48 -35.80 13.14
N ALA F 89 9.18 -35.48 13.14
CA ALA F 89 8.61 -34.67 12.05
C ALA F 89 7.32 -33.94 12.42
N PHE F 90 7.31 -32.62 12.20
CA PHE F 90 6.12 -31.78 12.23
C PHE F 90 5.24 -32.07 10.99
N ALA F 91 5.82 -31.81 9.82
CA ALA F 91 5.24 -32.14 8.52
C ALA F 91 6.36 -31.96 7.50
N ALA F 92 6.66 -33.01 6.74
CA ALA F 92 7.87 -33.05 5.92
C ALA F 92 7.61 -32.69 4.46
N GLY F 93 6.68 -31.79 4.21
CA GLY F 93 6.28 -31.44 2.84
C GLY F 93 4.92 -32.02 2.47
N ALA F 94 4.55 -31.87 1.20
CA ALA F 94 3.22 -32.26 0.73
C ALA F 94 3.26 -33.55 -0.07
N ASP F 95 2.07 -34.04 -0.41
CA ASP F 95 1.93 -35.29 -1.16
C ASP F 95 2.18 -35.03 -2.65
N ILE F 96 3.45 -35.10 -3.02
CA ILE F 96 3.90 -34.81 -4.40
C ILE F 96 3.38 -35.81 -5.42
N LYS F 97 3.02 -37.01 -4.97
CA LYS F 97 2.40 -38.02 -5.84
C LYS F 97 1.02 -37.55 -6.37
N GLU F 98 0.36 -36.66 -5.62
CA GLU F 98 -0.92 -36.07 -6.05
C GLU F 98 -0.74 -34.94 -7.08
N MET F 99 0.30 -34.12 -6.91
CA MET F 99 0.56 -32.97 -7.81
C MET F 99 1.16 -33.35 -9.17
N GLN F 100 1.51 -34.63 -9.34
CA GLN F 100 2.45 -35.06 -10.37
C GLN F 100 1.93 -34.94 -11.80
N ASN F 101 0.65 -35.19 -12.02
CA ASN F 101 0.08 -35.17 -13.37
C ASN F 101 -0.66 -33.88 -13.72
N LEU F 102 -0.81 -33.00 -12.71
CA LEU F 102 -1.62 -31.79 -12.84
C LEU F 102 -1.16 -30.87 -13.98
N SER F 103 -2.15 -30.30 -14.68
CA SER F 103 -1.91 -29.29 -15.71
C SER F 103 -1.94 -27.89 -15.10
N PHE F 104 -1.56 -26.89 -15.89
CA PHE F 104 -1.73 -25.49 -15.48
C PHE F 104 -3.23 -25.18 -15.32
N GLN F 105 -4.02 -25.55 -16.31
CA GLN F 105 -5.46 -25.32 -16.29
C GLN F 105 -6.12 -25.96 -15.07
N ASP F 106 -5.79 -27.22 -14.81
CA ASP F 106 -6.25 -27.94 -13.63
C ASP F 106 -5.98 -27.18 -12.33
N CYS F 107 -4.79 -26.59 -12.23
CA CYS F 107 -4.41 -25.81 -11.05
C CYS F 107 -5.28 -24.57 -10.88
N TYR F 108 -5.42 -23.80 -11.96
CA TYR F 108 -6.04 -22.49 -11.91
C TYR F 108 -7.56 -22.56 -11.77
N SER F 109 -8.20 -23.37 -12.61
CA SER F 109 -9.66 -23.48 -12.60
C SER F 109 -10.21 -23.99 -11.26
N SER F 110 -9.41 -24.77 -10.55
CA SER F 110 -9.91 -25.61 -9.48
C SER F 110 -9.17 -25.35 -8.17
N LYS F 111 -9.32 -24.13 -7.64
CA LYS F 111 -8.23 -23.45 -6.97
C LYS F 111 -7.40 -24.42 -6.13
N PHE F 112 -6.16 -24.63 -6.55
CA PHE F 112 -5.32 -25.66 -5.95
C PHE F 112 -4.64 -25.14 -4.67
N LEU F 113 -4.70 -25.94 -3.61
CA LEU F 113 -4.16 -25.52 -2.30
C LEU F 113 -4.97 -24.37 -1.67
N LYS F 114 -6.26 -24.29 -2.03
CA LYS F 114 -7.15 -23.25 -1.48
C LYS F 114 -7.49 -23.56 -0.03
N HIS F 115 -7.88 -24.81 0.23
CA HIS F 115 -8.30 -25.23 1.57
C HIS F 115 -7.13 -25.38 2.57
N TRP F 116 -5.91 -25.16 2.08
CA TRP F 116 -4.71 -25.19 2.91
C TRP F 116 -4.53 -23.89 3.70
N ASP F 117 -5.58 -23.08 3.76
CA ASP F 117 -5.47 -21.70 4.18
C ASP F 117 -6.36 -21.34 5.38
N HIS F 118 -7.10 -22.32 5.90
CA HIS F 118 -8.07 -22.07 6.97
CA HIS F 118 -8.08 -22.05 6.96
C HIS F 118 -7.39 -21.70 8.28
N LEU F 119 -6.12 -22.08 8.43
CA LEU F 119 -5.33 -21.63 9.58
C LEU F 119 -5.32 -20.09 9.67
N THR F 120 -5.22 -19.43 8.52
CA THR F 120 -5.20 -17.95 8.48
C THR F 120 -6.56 -17.33 8.78
N GLN F 121 -7.58 -18.16 9.01
CA GLN F 121 -8.93 -17.67 9.25
C GLN F 121 -9.49 -18.03 10.62
N VAL F 122 -8.72 -18.76 11.43
CA VAL F 122 -9.13 -19.02 12.80
C VAL F 122 -8.87 -17.75 13.60
N LYS F 123 -9.89 -17.32 14.33
CA LYS F 123 -9.84 -16.06 15.06
C LYS F 123 -9.19 -16.23 16.45
N LYS F 124 -9.27 -17.42 17.02
CA LYS F 124 -8.49 -17.76 18.22
C LYS F 124 -7.03 -17.99 17.84
N PRO F 125 -6.10 -17.79 18.81
CA PRO F 125 -4.68 -18.03 18.54
C PRO F 125 -4.29 -19.50 18.37
N VAL F 126 -3.51 -19.79 17.34
CA VAL F 126 -2.95 -21.12 17.10
C VAL F 126 -1.44 -21.05 17.34
N ILE F 127 -0.88 -22.06 17.98
CA ILE F 127 0.57 -22.15 18.24
C ILE F 127 1.19 -23.41 17.61
N ALA F 128 2.13 -23.22 16.69
CA ALA F 128 2.83 -24.36 16.11
C ALA F 128 3.88 -24.86 17.10
N ALA F 129 3.89 -26.17 17.34
CA ALA F 129 4.93 -26.79 18.16
C ALA F 129 5.69 -27.77 17.29
N VAL F 130 6.81 -27.30 16.75
CA VAL F 130 7.58 -28.03 15.74
C VAL F 130 8.74 -28.83 16.33
N ASN F 131 8.59 -30.16 16.35
CA ASN F 131 9.69 -31.07 16.60
C ASN F 131 10.14 -31.65 15.28
N GLY F 132 11.45 -31.79 15.10
CA GLY F 132 12.00 -32.37 13.87
C GLY F 132 11.75 -31.55 12.63
N TYR F 133 11.51 -32.23 11.50
CA TYR F 133 11.37 -31.56 10.19
C TYR F 133 10.06 -30.76 10.03
N ALA F 134 10.21 -29.49 9.65
CA ALA F 134 9.10 -28.70 9.09
C ALA F 134 9.56 -28.19 7.72
N PHE F 135 9.31 -29.00 6.69
CA PHE F 135 9.73 -28.69 5.31
C PHE F 135 8.54 -28.42 4.40
N GLY F 136 8.78 -27.65 3.35
CA GLY F 136 7.77 -27.35 2.33
C GLY F 136 6.51 -26.77 2.94
N GLY F 137 5.39 -27.42 2.71
CA GLY F 137 4.12 -27.06 3.33
C GLY F 137 4.19 -27.13 4.85
N GLY F 138 4.97 -28.08 5.37
CA GLY F 138 5.12 -28.19 6.81
C GLY F 138 5.48 -26.84 7.40
N CYS F 139 6.51 -26.23 6.83
CA CYS F 139 6.99 -24.95 7.30
C CYS F 139 5.95 -23.86 7.08
N GLU F 140 5.33 -23.88 5.91
CA GLU F 140 4.27 -22.92 5.56
C GLU F 140 3.13 -23.02 6.58
N LEU F 141 2.76 -24.23 6.93
CA LEU F 141 1.71 -24.49 7.90
C LEU F 141 2.06 -23.89 9.27
N ALA F 142 3.33 -24.02 9.65
CA ALA F 142 3.81 -23.47 10.92
C ALA F 142 3.75 -21.96 10.87
N MET F 143 4.27 -21.39 9.78
CA MET F 143 4.29 -19.94 9.58
C MET F 143 2.89 -19.32 9.57
N MET F 144 1.91 -20.05 9.04
CA MET F 144 0.52 -19.62 9.10
C MET F 144 0.03 -19.47 10.54
N CYS F 145 0.66 -20.16 11.50
CA CYS F 145 0.28 -20.00 12.90
C CYS F 145 0.83 -18.70 13.50
N ASP F 146 0.19 -18.25 14.57
CA ASP F 146 0.56 -17.02 15.26
C ASP F 146 1.92 -17.14 15.94
N ILE F 147 2.09 -18.21 16.72
CA ILE F 147 3.32 -18.41 17.49
C ILE F 147 3.96 -19.78 17.17
N ILE F 148 5.27 -19.76 16.88
CA ILE F 148 5.99 -20.99 16.66
C ILE F 148 6.94 -21.23 17.82
N TYR F 149 6.79 -22.40 18.45
CA TYR F 149 7.74 -22.92 19.42
C TYR F 149 8.46 -24.06 18.69
N ALA F 150 9.79 -24.13 18.81
CA ALA F 150 10.56 -25.18 18.14
C ALA F 150 11.33 -26.07 19.15
N GLY F 151 11.35 -27.38 18.88
CA GLY F 151 12.22 -28.30 19.62
C GLY F 151 13.68 -28.08 19.27
N GLU F 152 14.57 -28.68 20.05
CA GLU F 152 16.03 -28.52 19.86
C GLU F 152 16.53 -29.03 18.50
N LYS F 153 15.95 -30.13 18.03
CA LYS F 153 16.39 -30.77 16.79
C LYS F 153 15.43 -30.49 15.64
N ALA F 154 14.74 -29.35 15.72
CA ALA F 154 13.76 -28.96 14.70
C ALA F 154 14.48 -28.33 13.52
N GLN F 155 13.96 -28.56 12.32
CA GLN F 155 14.60 -28.06 11.10
C GLN F 155 13.57 -27.48 10.16
N PHE F 156 13.91 -26.33 9.57
CA PHE F 156 13.03 -25.60 8.67
C PHE F 156 13.66 -25.46 7.29
N ALA F 157 12.86 -25.71 6.25
CA ALA F 157 13.28 -25.53 4.87
C ALA F 157 12.07 -25.28 3.97
N GLN F 158 12.32 -24.64 2.84
CA GLN F 158 11.36 -24.58 1.72
C GLN F 158 12.08 -25.14 0.50
N PRO F 159 12.07 -26.49 0.37
CA PRO F 159 12.80 -27.17 -0.68
C PRO F 159 12.03 -27.40 -1.98
N GLU F 160 10.94 -26.67 -2.19
CA GLU F 160 10.13 -26.84 -3.42
C GLU F 160 10.90 -26.57 -4.71
N ILE F 161 11.94 -25.74 -4.64
CA ILE F 161 12.75 -25.42 -5.82
C ILE F 161 13.40 -26.67 -6.41
N LEU F 162 13.82 -27.59 -5.53
CA LEU F 162 14.49 -28.83 -5.92
C LEU F 162 13.63 -29.76 -6.76
N ILE F 163 12.31 -29.71 -6.55
CA ILE F 163 11.37 -30.52 -7.33
C ILE F 163 10.66 -29.71 -8.42
N GLY F 164 11.25 -28.57 -8.79
CA GLY F 164 10.79 -27.77 -9.91
C GLY F 164 9.63 -26.82 -9.66
N THR F 165 9.33 -26.47 -8.41
CA THR F 165 8.29 -25.48 -8.11
C THR F 165 8.82 -24.36 -7.23
N ILE F 166 7.91 -23.50 -6.81
CA ILE F 166 8.15 -22.55 -5.75
C ILE F 166 7.12 -22.83 -4.64
N PRO F 167 7.38 -22.32 -3.43
CA PRO F 167 6.38 -22.42 -2.35
C PRO F 167 5.06 -21.73 -2.73
N GLY F 168 3.92 -22.36 -2.43
CA GLY F 168 2.62 -21.81 -2.81
C GLY F 168 1.60 -21.66 -1.68
N ALA F 169 2.07 -21.56 -0.45
CA ALA F 169 1.20 -21.32 0.73
C ALA F 169 1.81 -20.22 1.63
N GLY F 170 2.18 -19.11 1.01
CA GLY F 170 2.82 -18.01 1.69
C GLY F 170 4.25 -18.27 2.07
N GLY F 171 4.85 -19.30 1.46
CA GLY F 171 6.23 -19.66 1.80
C GLY F 171 7.25 -18.60 1.49
N THR F 172 7.09 -17.88 0.39
CA THR F 172 8.03 -16.82 0.06
C THR F 172 7.65 -15.54 0.80
N GLN F 173 6.40 -15.46 1.26
CA GLN F 173 5.86 -14.24 1.81
C GLN F 173 6.03 -14.15 3.31
N ARG F 174 5.60 -15.17 4.04
CA ARG F 174 5.73 -15.15 5.50
C ARG F 174 7.16 -15.37 5.94
N LEU F 175 7.93 -16.14 5.18
CA LEU F 175 9.31 -16.39 5.52
C LEU F 175 10.13 -15.12 5.40
N THR F 176 10.02 -14.45 4.26
CA THR F 176 10.80 -13.24 4.04
C THR F 176 10.55 -12.17 5.12
N ARG F 177 9.28 -11.96 5.46
CA ARG F 177 8.90 -10.99 6.49
C ARG F 177 9.35 -11.37 7.91
N ALA F 178 9.50 -12.67 8.17
CA ALA F 178 10.03 -13.11 9.46
C ALA F 178 11.53 -12.86 9.49
N VAL F 179 12.19 -13.37 8.45
CA VAL F 179 13.61 -13.70 8.48
C VAL F 179 14.49 -12.69 7.75
N GLY F 180 13.94 -12.03 6.72
CA GLY F 180 14.67 -11.06 5.91
C GLY F 180 15.14 -11.62 4.57
N LYS F 181 15.45 -10.71 3.66
CA LYS F 181 15.70 -11.03 2.26
C LYS F 181 16.84 -12.00 2.05
N SER F 182 17.98 -11.77 2.67
CA SER F 182 19.14 -12.61 2.40
C SER F 182 18.88 -14.09 2.74
N LEU F 183 18.42 -14.37 3.96
CA LEU F 183 18.21 -15.74 4.40
C LEU F 183 17.02 -16.39 3.68
N ALA F 184 15.92 -15.66 3.58
CA ALA F 184 14.77 -16.11 2.79
C ALA F 184 15.18 -16.46 1.36
N MET F 185 15.90 -15.56 0.70
CA MET F 185 16.38 -15.83 -0.67
C MET F 185 17.26 -17.07 -0.70
N GLU F 186 18.15 -17.20 0.28
CA GLU F 186 19.06 -18.34 0.31
C GLU F 186 18.28 -19.64 0.51
N MET F 187 17.38 -19.65 1.48
CA MET F 187 16.53 -20.82 1.74
C MET F 187 15.68 -21.21 0.55
N VAL F 188 15.05 -20.23 -0.10
CA VAL F 188 14.12 -20.51 -1.21
C VAL F 188 14.82 -20.92 -2.52
N LEU F 189 15.94 -20.28 -2.83
CA LEU F 189 16.62 -20.53 -4.09
C LEU F 189 17.52 -21.77 -4.05
N THR F 190 17.96 -22.19 -2.86
CA THR F 190 18.75 -23.43 -2.69
C THR F 190 17.97 -24.59 -2.08
N GLY F 191 16.93 -24.30 -1.30
CA GLY F 191 16.21 -25.33 -0.53
C GLY F 191 16.95 -25.81 0.70
N ASP F 192 17.95 -25.05 1.15
CA ASP F 192 18.73 -25.44 2.31
C ASP F 192 17.98 -25.23 3.62
N ARG F 193 18.50 -25.84 4.67
CA ARG F 193 17.77 -26.04 5.91
C ARG F 193 18.42 -25.24 7.04
N ILE F 194 17.59 -24.73 7.94
CA ILE F 194 18.08 -23.98 9.08
C ILE F 194 17.67 -24.69 10.36
N SER F 195 18.50 -24.58 11.39
CA SER F 195 18.19 -25.16 12.68
C SER F 195 17.23 -24.28 13.48
N ALA F 196 16.71 -24.85 14.55
CA ALA F 196 15.87 -24.14 15.52
C ALA F 196 16.60 -22.92 16.08
N GLN F 197 17.92 -23.06 16.23
CA GLN F 197 18.75 -22.01 16.78
C GLN F 197 18.84 -20.85 15.80
N ASP F 198 18.94 -21.15 14.51
CA ASP F 198 18.94 -20.09 13.47
C ASP F 198 17.57 -19.41 13.37
N ALA F 199 16.50 -20.20 13.33
CA ALA F 199 15.15 -19.69 13.29
C ALA F 199 14.83 -18.73 14.45
N LYS F 200 15.35 -19.05 15.63
CA LYS F 200 15.10 -18.24 16.82
C LYS F 200 15.83 -16.92 16.70
N GLN F 201 17.11 -16.98 16.35
CA GLN F 201 17.89 -15.77 16.08
C GLN F 201 17.17 -14.88 15.08
N ALA F 202 16.66 -15.46 13.99
CA ALA F 202 15.98 -14.71 12.93
C ALA F 202 14.50 -14.39 13.23
N GLY F 203 13.97 -14.85 14.35
CA GLY F 203 12.60 -14.49 14.71
C GLY F 203 11.49 -15.16 13.92
N LEU F 204 11.78 -16.31 13.30
CA LEU F 204 10.76 -17.16 12.67
C LEU F 204 10.00 -17.92 13.78
N VAL F 205 10.74 -18.37 14.78
CA VAL F 205 10.17 -18.96 15.98
C VAL F 205 10.62 -18.10 17.16
N SER F 206 9.87 -18.17 18.26
CA SER F 206 10.08 -17.27 19.39
C SER F 206 10.48 -17.96 20.68
N LYS F 207 10.71 -19.27 20.63
CA LYS F 207 11.15 -20.05 21.79
C LYS F 207 11.73 -21.39 21.33
N ILE F 208 12.76 -21.84 22.02
CA ILE F 208 13.33 -23.17 21.79
C ILE F 208 13.19 -24.00 23.07
N CYS F 209 12.79 -25.26 22.91
CA CYS F 209 12.54 -26.14 24.05
C CYS F 209 13.18 -27.52 23.85
N PRO F 210 13.40 -28.26 24.94
CA PRO F 210 13.79 -29.66 24.80
C PRO F 210 12.70 -30.49 24.10
N VAL F 211 13.12 -31.45 23.29
CA VAL F 211 12.18 -32.25 22.53
C VAL F 211 11.11 -32.84 23.45
N GLU F 212 11.54 -33.34 24.60
CA GLU F 212 10.67 -34.04 25.57
C GLU F 212 9.53 -33.17 26.08
N THR F 213 9.79 -31.88 26.29
CA THR F 213 8.83 -30.98 26.92
C THR F 213 8.25 -29.94 25.95
N LEU F 214 8.49 -30.09 24.65
CA LEU F 214 8.08 -29.08 23.67
C LEU F 214 6.57 -28.84 23.67
N VAL F 215 5.80 -29.89 23.38
CA VAL F 215 4.35 -29.80 23.39
C VAL F 215 3.84 -29.32 24.76
N GLU F 216 4.50 -29.77 25.83
CA GLU F 216 4.19 -29.35 27.20
C GLU F 216 4.37 -27.82 27.40
N GLU F 217 5.48 -27.27 26.89
CA GLU F 217 5.69 -25.81 26.97
C GLU F 217 4.64 -25.10 26.11
N ALA F 218 4.34 -25.68 24.95
CA ALA F 218 3.37 -25.08 24.02
C ALA F 218 2.00 -24.97 24.67
N ILE F 219 1.61 -26.02 25.40
CA ILE F 219 0.32 -26.02 26.08
C ILE F 219 0.29 -24.98 27.20
N GLN F 220 1.36 -24.90 27.99
CA GLN F 220 1.45 -23.89 29.05
C GLN F 220 1.30 -22.48 28.48
N CYS F 221 2.01 -22.18 27.40
CA CYS F 221 1.83 -20.91 26.71
C CYS F 221 0.39 -20.73 26.25
N ALA F 222 -0.16 -21.75 25.61
CA ALA F 222 -1.56 -21.72 25.19
C ALA F 222 -2.52 -21.53 26.37
N GLU F 223 -2.18 -22.12 27.51
CA GLU F 223 -3.03 -22.11 28.69
C GLU F 223 -3.14 -20.70 29.30
N LYS F 224 -2.05 -19.93 29.25
CA LYS F 224 -2.07 -18.52 29.66
C LYS F 224 -2.98 -17.70 28.75
N ILE F 225 -2.83 -17.92 27.45
CA ILE F 225 -3.66 -17.21 26.47
C ILE F 225 -5.14 -17.54 26.67
N ALA F 226 -5.42 -18.80 26.96
CA ALA F 226 -6.78 -19.23 27.24
C ALA F 226 -7.36 -18.53 28.48
N SER F 227 -6.52 -18.14 29.44
CA SER F 227 -6.95 -17.44 30.66
C SER F 227 -7.58 -16.08 30.37
N ASN F 228 -7.04 -15.38 29.38
CA ASN F 228 -7.51 -14.03 29.05
C ASN F 228 -8.91 -14.03 28.40
N SER F 229 -9.49 -12.85 28.22
CA SER F 229 -10.78 -12.70 27.54
C SER F 229 -10.70 -13.13 26.07
N LYS F 230 -11.58 -14.05 25.68
CA LYS F 230 -11.57 -14.61 24.32
C LYS F 230 -11.81 -13.52 23.28
N ILE F 231 -12.78 -12.64 23.57
CA ILE F 231 -13.11 -11.53 22.67
C ILE F 231 -11.96 -10.54 22.55
N VAL F 232 -11.32 -10.20 23.66
CA VAL F 232 -10.24 -9.21 23.67
C VAL F 232 -8.93 -9.77 23.09
N VAL F 233 -8.67 -11.06 23.33
CA VAL F 233 -7.58 -11.78 22.68
C VAL F 233 -7.76 -11.76 21.17
N ALA F 234 -8.98 -12.02 20.71
CA ALA F 234 -9.30 -12.02 19.28
C ALA F 234 -8.94 -10.69 18.61
N MET F 235 -9.21 -9.57 19.27
CA MET F 235 -8.95 -8.25 18.71
C MET F 235 -7.46 -7.96 18.73
N ALA F 236 -6.79 -8.33 19.81
CA ALA F 236 -5.33 -8.23 19.88
C ALA F 236 -4.67 -8.99 18.74
N LYS F 237 -5.18 -10.18 18.42
CA LYS F 237 -4.64 -10.97 17.31
C LYS F 237 -4.82 -10.23 15.99
N GLU F 238 -6.04 -9.79 15.72
CA GLU F 238 -6.36 -9.08 14.48
C GLU F 238 -5.46 -7.83 14.28
N SER F 239 -5.14 -7.17 15.38
CA SER F 239 -4.30 -5.96 15.40
C SER F 239 -2.85 -6.26 15.02
N VAL F 240 -2.26 -7.30 15.60
CA VAL F 240 -0.94 -7.77 15.18
C VAL F 240 -0.90 -8.16 13.69
N ASN F 241 -1.86 -8.97 13.24
CA ASN F 241 -1.97 -9.36 11.81
C ASN F 241 -2.08 -8.17 10.85
N ALA F 242 -2.75 -7.11 11.32
CA ALA F 242 -2.82 -5.84 10.57
C ALA F 242 -1.45 -5.28 10.13
N ALA F 243 -0.38 -5.57 10.87
CA ALA F 243 0.92 -4.93 10.62
C ALA F 243 1.54 -5.32 9.28
N PHE F 244 1.08 -6.43 8.71
CA PHE F 244 1.53 -6.88 7.39
C PHE F 244 0.57 -6.53 6.27
N GLU F 245 -0.44 -5.69 6.54
CA GLU F 245 -1.47 -5.43 5.54
C GLU F 245 -1.78 -3.95 5.30
N MET F 246 -1.16 -3.06 6.08
CA MET F 246 -1.41 -1.62 6.00
C MET F 246 -0.12 -0.90 6.31
N THR F 247 -0.09 0.39 6.01
CA THR F 247 1.01 1.24 6.46
C THR F 247 0.93 1.42 7.98
N LEU F 248 2.08 1.74 8.58
CA LEU F 248 2.14 2.04 10.00
C LEU F 248 1.09 3.08 10.40
N THR F 249 0.96 4.14 9.61
CA THR F 249 -0.03 5.18 9.87
C THR F 249 -1.42 4.58 10.11
N GLU F 250 -1.84 3.67 9.24
CA GLU F 250 -3.22 3.19 9.29
C GLU F 250 -3.37 2.04 10.27
N GLY F 251 -2.29 1.30 10.50
CA GLY F 251 -2.25 0.31 11.58
C GLY F 251 -2.59 0.95 12.90
N SER F 252 -1.87 2.03 13.21
CA SER F 252 -2.09 2.80 14.42
C SER F 252 -3.54 3.24 14.56
N LYS F 253 -4.13 3.75 13.47
CA LYS F 253 -5.55 4.10 13.47
C LYS F 253 -6.43 2.89 13.72
N LEU F 254 -6.10 1.76 13.11
CA LEU F 254 -6.93 0.56 13.25
C LEU F 254 -6.85 0.04 14.68
N GLU F 255 -5.63 -0.02 15.20
CA GLU F 255 -5.36 -0.43 16.58
C GLU F 255 -6.19 0.44 17.53
N LYS F 256 -6.06 1.77 17.39
CA LYS F 256 -6.80 2.69 18.23
C LYS F 256 -8.28 2.35 18.25
N LYS F 257 -8.85 2.08 17.08
CA LYS F 257 -10.26 1.81 16.95
C LYS F 257 -10.65 0.52 17.67
N LEU F 258 -9.81 -0.51 17.56
CA LEU F 258 -9.98 -1.75 18.33
C LEU F 258 -9.78 -1.50 19.83
N PHE F 259 -8.76 -0.72 20.16
CA PHE F 259 -8.50 -0.30 21.55
C PHE F 259 -9.69 0.43 22.14
N TYR F 260 -10.39 1.22 21.33
CA TYR F 260 -11.65 1.84 21.78
C TYR F 260 -12.76 0.80 21.91
N SER F 261 -12.82 -0.16 20.98
CA SER F 261 -13.81 -1.22 21.01
C SER F 261 -13.80 -2.00 22.34
N THR F 262 -12.61 -2.23 22.89
CA THR F 262 -12.50 -3.00 24.12
C THR F 262 -13.36 -2.42 25.24
N PHE F 263 -13.56 -1.11 25.21
CA PHE F 263 -14.37 -0.43 26.23
C PHE F 263 -15.88 -0.65 26.06
N ALA F 264 -16.27 -1.30 24.96
CA ALA F 264 -17.63 -1.74 24.76
C ALA F 264 -17.85 -3.08 25.47
N THR F 265 -16.76 -3.77 25.80
CA THR F 265 -16.86 -5.12 26.35
C THR F 265 -16.83 -5.11 27.89
N ASP F 266 -17.46 -6.12 28.49
CA ASP F 266 -17.47 -6.30 29.95
C ASP F 266 -16.11 -6.75 30.48
N ASP F 267 -15.44 -7.62 29.73
CA ASP F 267 -14.17 -8.19 30.18
C ASP F 267 -13.05 -7.16 30.36
N ARG F 268 -13.19 -5.98 29.76
CA ARG F 268 -12.23 -4.91 30.00
C ARG F 268 -12.62 -4.11 31.26
N LYS F 269 -13.90 -3.80 31.40
CA LYS F 269 -14.41 -3.20 32.64
C LYS F 269 -13.99 -4.08 33.82
N GLU F 270 -14.10 -5.38 33.63
CA GLU F 270 -13.78 -6.36 34.68
C GLU F 270 -12.28 -6.49 34.91
N GLY F 271 -11.50 -6.38 33.83
CA GLY F 271 -10.05 -6.55 33.90
C GLY F 271 -9.38 -5.41 34.63
N MET F 272 -9.82 -4.19 34.34
CA MET F 272 -9.22 -3.00 34.94
C MET F 272 -9.68 -2.78 36.38
N THR F 273 -10.95 -3.07 36.68
CA THR F 273 -11.45 -2.86 38.04
C THR F 273 -10.89 -3.92 39.01
N ALA F 274 -10.58 -5.10 38.48
CA ALA F 274 -9.88 -6.14 39.25
C ALA F 274 -8.46 -5.71 39.61
N PHE F 275 -7.82 -4.98 38.70
CA PHE F 275 -6.47 -4.48 38.93
C PHE F 275 -6.43 -3.42 40.03
N VAL F 276 -7.32 -2.43 39.93
CA VAL F 276 -7.36 -1.34 40.90
C VAL F 276 -7.85 -1.83 42.28
N GLU F 277 -8.62 -2.92 42.31
CA GLU F 277 -9.02 -3.56 43.57
C GLU F 277 -8.03 -4.65 44.03
N LYS F 278 -6.90 -4.77 43.32
CA LYS F 278 -5.81 -5.70 43.68
C LYS F 278 -6.29 -7.16 43.86
N ARG F 279 -6.72 -7.79 42.76
CA ARG F 279 -7.22 -9.17 42.82
C ARG F 279 -7.21 -9.87 41.45
N LYS F 280 -7.54 -11.16 41.45
CA LYS F 280 -7.65 -11.97 40.23
C LYS F 280 -8.99 -11.73 39.53
N ALA F 281 -8.95 -11.61 38.21
CA ALA F 281 -10.13 -11.24 37.40
C ALA F 281 -10.85 -12.46 36.85
N ASN F 282 -12.16 -12.32 36.66
CA ASN F 282 -13.00 -13.39 36.13
C ASN F 282 -13.60 -13.00 34.77
N PHE F 283 -12.96 -13.48 33.69
CA PHE F 283 -13.38 -13.13 32.34
C PHE F 283 -14.47 -14.08 31.85
N LYS F 284 -15.50 -13.51 31.23
CA LYS F 284 -16.62 -14.29 30.68
C LYS F 284 -16.68 -14.24 29.14
N ASP F 285 -15.56 -13.86 28.51
CA ASP F 285 -15.43 -13.85 27.04
C ASP F 285 -16.50 -13.02 26.36
N GLN F 286 -16.69 -11.81 26.88
CA GLN F 286 -17.79 -10.94 26.51
C GLN F 286 -17.41 -9.48 26.82
MG MG G . 15.91 -10.20 13.30
C13 COO H . -3.17 46.60 -16.58
C11 COO H . -1.91 46.05 -15.94
C14 COO H . -0.73 46.15 -16.91
C12 COO H . -1.66 46.71 -14.57
O6A COO H . -1.98 45.73 -13.51
P2A COO H . -3.03 45.89 -12.23
O4A COO H . -3.13 44.42 -11.54
O5A COO H . -2.46 46.96 -11.17
O3A COO H . -4.48 46.36 -12.61
P1A COO H . -5.54 45.36 -13.27
O2A COO H . -4.89 44.72 -14.65
O1A COO H . -6.03 44.30 -12.32
O5X COO H . -6.57 46.44 -13.84
C5X COO H . -7.53 47.15 -13.07
C4X COO H . -8.76 47.31 -13.97
O4X COO H . -8.38 48.08 -15.17
C3X COO H . -9.15 45.93 -14.48
O3X COO H . -10.56 45.88 -14.70
P3X COO H . -11.32 44.59 -14.16
O9A COO H . -12.88 45.01 -14.07
O7A COO H . -10.77 44.44 -12.66
O8A COO H . -11.09 43.41 -15.04
C2X COO H . -8.41 45.84 -15.81
O2X COO H . -9.04 44.86 -16.66
C1X COO H . -8.64 47.26 -16.33
N9A COO H . -7.69 47.65 -17.39
C8A COO H . -6.39 47.86 -17.22
N7A COO H . -5.84 48.20 -18.38
C5A COO H . -6.80 48.21 -19.30
C4A COO H . -7.98 47.86 -18.67
N3A COO H . -9.10 47.79 -19.38
C2A COO H . -9.10 48.05 -20.68
N1A COO H . -7.99 48.40 -21.31
C6A COO H . -6.82 48.49 -20.67
N6A COO H . -5.74 48.83 -21.34
MG MG I . 0.29 26.63 -3.85
MG MG J . -15.46 10.80 -13.27
C13 COO K . -4.93 36.27 -10.11
C11 COO K . -6.06 36.27 -11.17
C14 COO K . -6.55 34.87 -11.49
C12 COO K . -7.23 37.16 -10.77
O6A COO K . -7.08 38.38 -11.47
P2A COO K . -7.87 39.74 -11.10
O4A COO K . -7.47 40.71 -12.31
O5A COO K . -9.51 39.48 -11.06
O3A COO K . -7.33 40.35 -9.79
P1A COO K . -5.75 40.65 -9.71
O2A COO K . -4.95 39.30 -10.15
O1A COO K . -5.34 41.82 -10.55
O5X COO K . -5.48 40.86 -8.17
C5X COO K . -6.50 41.27 -7.27
C4X COO K . -5.81 41.65 -5.96
O4X COO K . -5.57 40.45 -5.12
C3X COO K . -4.45 42.19 -6.36
O3X COO K . -4.05 43.13 -5.37
P3X COO K . -3.07 44.39 -5.63
O9A COO K . -3.88 45.68 -5.08
O7A COO K . -2.96 44.66 -7.20
O8A COO K . -1.76 44.16 -4.97
C2X COO K . -3.58 40.94 -6.31
O2X COO K . -2.22 41.28 -6.12
C1X COO K . -4.14 40.19 -5.09
N9A COO K . -3.88 38.72 -5.23
C8A COO K . -4.48 37.89 -6.09
N7A COO K . -3.98 36.66 -5.94
C5A COO K . -3.05 36.70 -5.00
C4A COO K . -2.99 38.02 -4.55
N3A COO K . -2.12 38.33 -3.58
C2A COO K . -1.34 37.41 -3.05
N1A COO K . -1.37 36.14 -3.46
C6A COO K . -2.21 35.76 -4.43
N6A COO K . -2.21 34.50 -4.81
MG MG L . 26.07 7.25 -1.23
#